data_5UZS
#
_entry.id   5UZS
#
_cell.length_a   111.124
_cell.length_b   144.396
_cell.length_c   87.527
_cell.angle_alpha   90.00
_cell.angle_beta   90.00
_cell.angle_gamma   90.00
#
_symmetry.space_group_name_H-M   'P 21 21 2'
#
loop_
_entity.id
_entity.type
_entity.pdbx_description
1 polymer "Inosine-5'-monophosphate dehydrogenase"
2 non-polymer 'INOSINIC ACID'
3 non-polymer 3-(2-{[(4-chlorophenyl)carbamoyl]amino}propan-2-yl)-N-hydroxybenzene-1-carboximidamide
4 non-polymer 'TRIETHYLENE GLYCOL'
5 non-polymer DI(HYDROXYETHYL)ETHER
6 non-polymer 1,2-ETHANEDIOL
7 non-polymer 'MAGNESIUM ION'
8 non-polymer 'POTASSIUM ION'
9 non-polymer 'TETRAETHYLENE GLYCOL'
10 water water
#
_entity_poly.entity_id   1
_entity_poly.type   'polypeptide(L)'
_entity_poly.pdbx_seq_one_letter_code
;SNAMARILKTAYTFDDVLLVPNKSEVLPNEVSLKTQLTKKIQLNIPLMSASMDTVTESKMAIAMAREGGIGIIHKNMTIE
DQAREVDRVKRSGGLLCGASIGVTNDMMERVDAVVKAKVDVIVLDTAHGHSKGVIEGVKRIKAKYPELQVIAGNIATPEA
VRDLAEAGADCVKVGIGPGSICTTRIVAGVGVPQLTAVMDCAEEG(ALY)KLGIPVIADGGLKYSGDIVKALAAGACAAM
MGSIFAGCEEAPGAIEIYQGRSYKVYRGMGSLGAMAKGSSDRYFQNGTKKFVPEGVEGRIAYKGHLADTIYQLIGGIKSG
MGYLGAPTLENLYENANFVVQTSAGFRESHPHDINITKEAPNYSVNQ
;
_entity_poly.pdbx_strand_id   A,B,C,D
#
loop_
_chem_comp.id
_chem_comp.type
_chem_comp.name
_chem_comp.formula
8L4 non-polymer 3-(2-{[(4-chlorophenyl)carbamoyl]amino}propan-2-yl)-N-hydroxybenzene-1-carboximidamide 'C17 H19 Cl N4 O2'
EDO non-polymer 1,2-ETHANEDIOL 'C2 H6 O2'
IMP non-polymer 'INOSINIC ACID' 'C10 H13 N4 O8 P'
K non-polymer 'POTASSIUM ION' 'K 1'
MG non-polymer 'MAGNESIUM ION' 'Mg 2'
PEG non-polymer DI(HYDROXYETHYL)ETHER 'C4 H10 O3'
PG4 non-polymer 'TETRAETHYLENE GLYCOL' 'C8 H18 O5'
PGE non-polymer 'TRIETHYLENE GLYCOL' 'C6 H14 O4'
#
# COMPACT_ATOMS: atom_id res chain seq x y z
N SER A 1 5.25 30.27 -19.24
CA SER A 1 6.38 29.68 -19.94
C SER A 1 6.55 28.19 -19.58
N ASN A 2 7.75 27.64 -19.83
CA ASN A 2 8.08 26.31 -19.33
C ASN A 2 8.32 26.32 -17.82
N ALA A 3 8.41 27.49 -17.19
CA ALA A 3 8.62 27.59 -15.75
C ALA A 3 7.36 27.06 -15.05
N MET A 4 7.40 25.81 -14.63
N MET A 4 7.39 25.79 -14.65
CA MET A 4 6.28 25.21 -13.92
CA MET A 4 6.26 25.17 -13.99
C MET A 4 6.78 24.03 -13.11
C MET A 4 6.76 23.97 -13.17
N ALA A 5 5.93 23.54 -12.22
CA ALA A 5 6.29 22.40 -11.38
C ALA A 5 6.44 21.14 -12.21
N ARG A 6 7.29 20.23 -11.75
CA ARG A 6 7.54 18.96 -12.43
C ARG A 6 7.62 17.81 -11.45
N ILE A 7 7.24 16.63 -11.94
CA ILE A 7 7.43 15.38 -11.22
C ILE A 7 8.61 14.68 -11.86
N LEU A 8 9.72 14.57 -11.12
CA LEU A 8 11.01 14.17 -11.65
C LEU A 8 11.19 12.65 -11.75
N LYS A 9 10.86 11.92 -10.71
CA LYS A 9 11.11 10.48 -10.61
C LYS A 9 10.37 9.98 -9.38
N THR A 10 10.43 8.65 -9.20
CA THR A 10 10.07 8.01 -7.94
C THR A 10 11.35 7.85 -7.12
N ALA A 11 11.29 8.23 -5.84
CA ALA A 11 12.41 8.11 -4.91
C ALA A 11 12.11 7.09 -3.81
N TYR A 12 13.13 6.36 -3.38
CA TYR A 12 12.94 5.24 -2.48
C TYR A 12 13.58 5.47 -1.12
N THR A 13 13.00 4.85 -0.11
CA THR A 13 13.63 4.79 1.20
C THR A 13 14.05 3.34 1.47
N PHE A 14 14.55 3.08 2.69
CA PHE A 14 15.21 1.82 2.98
C PHE A 14 14.25 0.64 2.87
N ASP A 15 13.03 0.79 3.38
CA ASP A 15 12.06 -0.30 3.31
C ASP A 15 11.60 -0.63 1.89
N ASP A 16 11.94 0.22 0.91
CA ASP A 16 11.61 -0.03 -0.50
C ASP A 16 12.52 -1.06 -1.16
N VAL A 17 13.67 -1.41 -0.56
CA VAL A 17 14.70 -2.13 -1.30
C VAL A 17 15.32 -3.22 -0.43
N LEU A 18 15.92 -4.20 -1.12
CA LEU A 18 16.70 -5.26 -0.49
C LEU A 18 17.97 -5.45 -1.29
N LEU A 19 19.04 -5.85 -0.60
CA LEU A 19 20.30 -6.10 -1.28
C LEU A 19 20.35 -7.54 -1.79
N VAL A 20 20.88 -7.71 -2.99
CA VAL A 20 20.98 -9.03 -3.59
C VAL A 20 22.23 -9.73 -3.06
N PRO A 21 22.14 -10.97 -2.58
CA PRO A 21 23.34 -11.73 -2.25
C PRO A 21 24.30 -11.81 -3.43
N ASN A 22 25.59 -11.86 -3.12
CA ASN A 22 26.65 -12.03 -4.10
C ASN A 22 27.39 -13.32 -3.81
N LYS A 23 28.07 -13.84 -4.83
CA LYS A 23 29.06 -14.88 -4.57
C LYS A 23 30.05 -14.36 -3.55
N SER A 24 30.26 -15.14 -2.49
CA SER A 24 31.00 -14.65 -1.33
C SER A 24 32.09 -15.62 -0.93
N GLU A 25 33.28 -15.07 -0.67
CA GLU A 25 34.41 -15.81 -0.13
C GLU A 25 34.66 -15.56 1.35
N VAL A 26 33.97 -14.59 1.94
CA VAL A 26 34.33 -14.05 3.24
C VAL A 26 33.17 -14.23 4.21
N LEU A 27 33.49 -14.65 5.46
CA LEU A 27 32.51 -14.84 6.53
C LEU A 27 32.39 -13.58 7.39
N PRO A 28 31.24 -13.36 8.03
CA PRO A 28 31.02 -12.09 8.76
C PRO A 28 32.12 -11.71 9.75
N ASN A 29 32.70 -12.67 10.46
CA ASN A 29 33.72 -12.28 11.44
C ASN A 29 35.06 -11.93 10.80
N GLU A 30 35.17 -11.92 9.47
CA GLU A 30 36.41 -11.62 8.76
C GLU A 30 36.49 -10.17 8.26
N VAL A 31 35.40 -9.42 8.31
CA VAL A 31 35.31 -8.18 7.52
C VAL A 31 35.90 -7.02 8.30
N SER A 32 36.14 -5.91 7.61
CA SER A 32 36.64 -4.68 8.23
C SER A 32 35.57 -3.61 8.13
N LEU A 33 35.15 -3.09 9.27
CA LEU A 33 34.15 -2.03 9.35
C LEU A 33 34.75 -0.64 9.39
N LYS A 34 36.06 -0.50 9.14
CA LYS A 34 36.72 0.79 9.25
C LYS A 34 36.25 1.75 8.15
N THR A 35 36.15 3.02 8.51
CA THR A 35 35.64 4.00 7.56
C THR A 35 36.33 5.33 7.81
N GLN A 36 36.36 6.14 6.76
CA GLN A 36 36.90 7.51 6.81
C GLN A 36 35.74 8.48 6.97
N LEU A 37 35.58 9.02 8.18
CA LEU A 37 34.55 10.03 8.41
C LEU A 37 34.87 11.31 7.66
N THR A 38 36.14 11.69 7.65
CA THR A 38 36.70 12.69 6.76
C THR A 38 38.05 12.16 6.30
N LYS A 39 38.69 12.90 5.38
CA LYS A 39 40.03 12.53 4.94
C LYS A 39 41.00 12.38 6.12
N LYS A 40 40.72 13.04 7.25
CA LYS A 40 41.63 13.09 8.37
C LYS A 40 41.15 12.31 9.60
N ILE A 41 39.93 11.76 9.59
CA ILE A 41 39.37 11.09 10.77
C ILE A 41 38.89 9.70 10.37
N GLN A 42 39.44 8.67 11.01
CA GLN A 42 38.97 7.30 10.84
C GLN A 42 38.12 6.86 12.02
N LEU A 43 36.99 6.21 11.75
CA LEU A 43 36.20 5.54 12.77
C LEU A 43 36.38 4.04 12.67
N ASN A 44 36.36 3.38 13.83
CA ASN A 44 36.47 1.92 13.84
C ASN A 44 35.15 1.24 13.49
N ILE A 45 34.02 1.90 13.75
CA ILE A 45 32.73 1.48 13.19
C ILE A 45 32.07 2.70 12.57
N PRO A 46 31.21 2.56 11.55
CA PRO A 46 30.64 3.71 10.86
C PRO A 46 29.32 4.17 11.49
N LEU A 47 29.31 4.35 12.80
CA LEU A 47 28.11 4.75 13.51
C LEU A 47 28.38 6.07 14.24
N MET A 48 27.33 6.89 14.33
CA MET A 48 27.37 8.23 14.87
C MET A 48 26.08 8.49 15.64
N SER A 49 26.21 9.11 16.81
CA SER A 49 25.03 9.46 17.59
C SER A 49 24.62 10.91 17.28
N ALA A 50 23.33 11.12 17.06
CA ALA A 50 22.81 12.40 16.59
C ALA A 50 23.07 13.51 17.60
N SER A 51 23.15 14.75 17.11
CA SER A 51 23.41 15.90 17.96
C SER A 51 22.09 16.47 18.49
N MET A 52 21.46 15.71 19.39
CA MET A 52 20.21 16.14 20.00
C MET A 52 20.31 16.09 21.53
N ASP A 53 19.48 16.91 22.18
CA ASP A 53 19.53 17.03 23.65
C ASP A 53 18.96 15.82 24.36
N THR A 54 18.47 14.81 23.63
CA THR A 54 18.01 13.56 24.22
C THR A 54 18.86 12.38 23.76
N VAL A 55 19.97 12.63 23.06
CA VAL A 55 20.80 11.56 22.53
C VAL A 55 22.24 11.73 23.01
N THR A 56 22.93 12.81 22.61
CA THR A 56 24.39 12.89 22.77
C THR A 56 24.83 14.05 23.66
N GLU A 57 25.38 13.72 24.83
CA GLU A 57 26.24 14.63 25.60
C GLU A 57 27.52 13.86 25.92
N SER A 58 28.24 14.26 26.98
CA SER A 58 29.57 13.71 27.19
C SER A 58 29.51 12.22 27.52
N LYS A 59 28.48 11.77 28.25
CA LYS A 59 28.39 10.35 28.54
C LYS A 59 28.10 9.55 27.28
N MET A 60 27.18 10.03 26.43
CA MET A 60 26.91 9.32 25.18
C MET A 60 28.13 9.33 24.28
N ALA A 61 28.78 10.49 24.15
CA ALA A 61 29.89 10.63 23.21
C ALA A 61 31.11 9.83 23.65
N ILE A 62 31.35 9.71 24.95
CA ILE A 62 32.44 8.88 25.44
C ILE A 62 32.19 7.41 25.12
N ALA A 63 30.96 6.95 25.38
CA ALA A 63 30.63 5.56 25.11
C ALA A 63 30.70 5.23 23.63
N MET A 64 30.24 6.15 22.77
CA MET A 64 30.32 5.95 21.32
C MET A 64 31.77 5.79 20.87
N ALA A 65 32.63 6.72 21.28
CA ALA A 65 34.03 6.66 20.86
C ALA A 65 34.70 5.37 21.38
N ARG A 66 34.34 4.94 22.59
CA ARG A 66 34.93 3.71 23.13
C ARG A 66 34.54 2.50 22.30
N GLU A 67 33.40 2.54 21.63
CA GLU A 67 32.95 1.46 20.76
C GLU A 67 33.42 1.60 19.32
N GLY A 68 34.13 2.67 18.98
CA GLY A 68 34.67 2.87 17.64
C GLY A 68 33.95 3.88 16.79
N GLY A 69 32.88 4.47 17.29
CA GLY A 69 32.14 5.49 16.59
C GLY A 69 32.46 6.86 17.13
N ILE A 70 31.49 7.77 17.00
CA ILE A 70 31.70 9.15 17.45
C ILE A 70 30.33 9.73 17.79
N GLY A 71 30.32 10.63 18.77
CA GLY A 71 29.12 11.36 19.15
C GLY A 71 29.30 12.83 18.84
N ILE A 72 28.24 13.46 18.34
CA ILE A 72 28.22 14.90 18.12
C ILE A 72 27.46 15.52 19.27
N ILE A 73 28.16 16.22 20.14
CA ILE A 73 27.52 16.88 21.27
C ILE A 73 26.66 18.04 20.77
N HIS A 74 25.43 18.14 21.28
CA HIS A 74 24.44 19.07 20.78
C HIS A 74 24.69 20.49 21.30
N LYS A 75 24.05 21.45 20.65
CA LYS A 75 24.24 22.86 20.96
C LYS A 75 23.16 23.52 21.81
N ASN A 76 22.23 22.71 22.33
CA ASN A 76 21.19 23.28 23.14
C ASN A 76 21.71 23.52 24.54
N MET A 77 22.77 24.30 24.61
CA MET A 77 23.38 24.69 25.88
C MET A 77 24.25 25.90 25.57
N THR A 78 24.63 26.61 26.63
CA THR A 78 25.50 27.77 26.46
C THR A 78 26.82 27.35 25.82
N ILE A 79 27.61 28.34 25.41
CA ILE A 79 28.86 28.04 24.73
C ILE A 79 29.86 27.39 25.67
N GLU A 80 30.05 27.99 26.86
CA GLU A 80 30.97 27.40 27.83
C GLU A 80 30.48 26.02 28.29
N ASP A 81 29.17 25.82 28.37
CA ASP A 81 28.66 24.51 28.76
C ASP A 81 28.95 23.46 27.68
N GLN A 82 28.85 23.84 26.40
CA GLN A 82 29.15 22.88 25.34
C GLN A 82 30.65 22.62 25.25
N ALA A 83 31.46 23.64 25.51
CA ALA A 83 32.91 23.45 25.47
C ALA A 83 33.35 22.53 26.60
N ARG A 84 32.69 22.62 27.77
CA ARG A 84 33.08 21.76 28.89
C ARG A 84 32.66 20.32 28.67
N GLU A 85 31.51 20.10 28.02
CA GLU A 85 31.11 18.73 27.67
C GLU A 85 32.07 18.12 26.66
N VAL A 86 32.50 18.90 25.66
CA VAL A 86 33.51 18.40 24.74
C VAL A 86 34.77 18.01 25.49
N ASP A 87 35.24 18.91 26.36
CA ASP A 87 36.50 18.65 27.05
C ASP A 87 36.36 17.51 28.06
N ARG A 88 35.15 17.25 28.57
CA ARG A 88 34.96 16.05 29.37
C ARG A 88 35.21 14.78 28.57
N VAL A 89 34.84 14.79 27.28
CA VAL A 89 35.10 13.62 26.43
C VAL A 89 36.57 13.52 26.10
N LYS A 90 37.19 14.64 25.72
CA LYS A 90 38.59 14.65 25.31
C LYS A 90 39.54 14.35 26.46
N ARG A 91 39.12 14.60 27.71
CA ARG A 91 39.93 14.24 28.87
C ARG A 91 39.71 12.81 29.30
N SER A 92 38.95 12.02 28.55
CA SER A 92 38.72 10.62 28.86
C SER A 92 39.57 9.68 28.03
N GLY A 93 40.78 10.10 27.67
CA GLY A 93 41.68 9.29 26.87
C GLY A 93 41.90 9.75 25.44
N GLY A 94 41.66 11.02 25.14
CA GLY A 94 41.81 11.48 23.77
C GLY A 94 40.80 10.92 22.80
N LEU A 95 39.68 10.42 23.29
CA LEU A 95 38.63 9.90 22.42
C LEU A 95 38.15 10.96 21.43
N LEU A 96 37.78 10.51 20.24
CA LEU A 96 37.27 11.42 19.23
C LEU A 96 35.93 12.00 19.67
N CYS A 97 35.70 13.25 19.29
CA CYS A 97 34.52 13.97 19.76
C CYS A 97 34.05 14.97 18.71
N GLY A 98 32.74 15.23 18.70
CA GLY A 98 32.16 16.20 17.79
C GLY A 98 31.24 17.17 18.53
N ALA A 99 31.00 18.31 17.88
CA ALA A 99 30.11 19.34 18.40
C ALA A 99 29.32 19.95 17.25
N SER A 100 28.03 20.18 17.46
CA SER A 100 27.25 20.83 16.42
C SER A 100 27.27 22.35 16.59
N ILE A 101 27.22 23.05 15.47
CA ILE A 101 27.28 24.51 15.39
C ILE A 101 26.10 24.98 14.56
N GLY A 102 25.53 26.11 14.93
CA GLY A 102 24.43 26.66 14.13
C GLY A 102 24.82 27.88 13.34
N VAL A 103 24.05 28.20 12.29
CA VAL A 103 24.26 29.47 11.59
C VAL A 103 23.66 30.58 12.42
N THR A 104 24.49 31.21 13.24
CA THR A 104 24.04 32.20 14.20
C THR A 104 25.00 33.39 14.17
N ASN A 105 24.70 34.41 14.96
CA ASN A 105 25.65 35.50 15.06
C ASN A 105 26.67 35.28 16.17
N ASP A 106 26.41 34.35 17.09
CA ASP A 106 27.45 33.92 18.02
C ASP A 106 28.22 32.71 17.50
N MET A 107 28.07 32.38 16.20
CA MET A 107 28.61 31.14 15.64
C MET A 107 30.11 31.02 15.85
N MET A 108 30.86 32.07 15.53
CA MET A 108 32.30 31.96 15.62
C MET A 108 32.75 31.81 17.08
N GLU A 109 32.05 32.46 18.00
CA GLU A 109 32.38 32.33 19.42
C GLU A 109 32.11 30.91 19.93
N ARG A 110 31.04 30.28 19.44
CA ARG A 110 30.81 28.87 19.75
C ARG A 110 31.90 28.00 19.14
N VAL A 111 32.28 28.26 17.87
CA VAL A 111 33.34 27.49 17.23
C VAL A 111 34.67 27.69 17.97
N ASP A 112 35.02 28.95 18.26
CA ASP A 112 36.20 29.29 19.03
C ASP A 112 36.34 28.43 20.27
N ALA A 113 35.25 28.29 21.03
CA ALA A 113 35.29 27.59 22.30
C ALA A 113 35.48 26.09 22.12
N VAL A 114 34.70 25.45 21.24
CA VAL A 114 34.85 23.99 21.11
C VAL A 114 36.22 23.61 20.52
N VAL A 115 36.82 24.49 19.70
CA VAL A 115 38.12 24.20 19.12
C VAL A 115 39.21 24.30 20.20
N LYS A 116 39.13 25.35 21.05
CA LYS A 116 40.02 25.43 22.21
C LYS A 116 39.88 24.20 23.09
N ALA A 117 38.68 23.65 23.18
CA ALA A 117 38.42 22.43 23.93
C ALA A 117 38.83 21.18 23.17
N LYS A 118 39.52 21.33 22.03
CA LYS A 118 40.12 20.22 21.28
C LYS A 118 39.07 19.30 20.66
N VAL A 119 37.94 19.85 20.24
CA VAL A 119 37.02 19.10 19.40
C VAL A 119 37.76 18.64 18.15
N ASP A 120 37.27 17.55 17.55
CA ASP A 120 37.90 16.94 16.37
C ASP A 120 37.19 17.27 15.07
N VAL A 121 35.89 17.54 15.15
CA VAL A 121 35.10 17.90 13.98
C VAL A 121 33.89 18.67 14.49
N ILE A 122 33.55 19.73 13.79
CA ILE A 122 32.31 20.44 14.07
C ILE A 122 31.29 20.01 13.03
N VAL A 123 30.02 20.04 13.40
CA VAL A 123 28.94 19.73 12.48
C VAL A 123 28.13 21.01 12.33
N LEU A 124 28.23 21.65 11.15
CA LEU A 124 27.39 22.79 10.81
C LEU A 124 26.00 22.29 10.43
N ASP A 125 25.10 22.30 11.42
CA ASP A 125 23.79 21.64 11.35
C ASP A 125 22.68 22.67 11.13
N THR A 126 22.02 22.60 9.98
CA THR A 126 20.89 23.45 9.66
C THR A 126 19.76 22.60 9.09
N ALA A 127 18.53 23.09 9.30
CA ALA A 127 17.37 22.46 8.68
C ALA A 127 17.52 22.39 7.18
N HIS A 128 18.20 23.38 6.62
CA HIS A 128 18.41 23.42 5.20
C HIS A 128 19.87 23.73 4.89
N GLY A 129 20.67 22.69 4.70
CA GLY A 129 22.09 22.84 4.42
C GLY A 129 22.40 23.49 3.07
N HIS A 130 21.51 23.38 2.10
CA HIS A 130 21.80 23.97 0.78
C HIS A 130 21.32 25.42 0.74
N SER A 131 22.05 26.27 1.47
CA SER A 131 21.61 27.64 1.69
C SER A 131 22.81 28.55 1.82
N LYS A 132 22.54 29.85 1.69
CA LYS A 132 23.60 30.85 1.69
C LYS A 132 24.31 30.92 3.04
N GLY A 133 23.55 30.85 4.13
CA GLY A 133 24.18 30.86 5.45
C GLY A 133 25.18 29.73 5.64
N VAL A 134 24.79 28.50 5.29
CA VAL A 134 25.67 27.36 5.53
C VAL A 134 26.92 27.47 4.65
N ILE A 135 26.74 27.81 3.38
CA ILE A 135 27.87 27.94 2.48
C ILE A 135 28.83 29.01 2.98
N GLU A 136 28.30 30.16 3.39
CA GLU A 136 29.18 31.21 3.88
C GLU A 136 29.72 30.90 5.28
N GLY A 137 28.97 30.16 6.10
CA GLY A 137 29.48 29.79 7.39
C GLY A 137 30.62 28.80 7.31
N VAL A 138 30.58 27.89 6.33
CA VAL A 138 31.67 26.94 6.12
C VAL A 138 32.94 27.65 5.69
N LYS A 139 32.80 28.69 4.87
CA LYS A 139 33.99 29.43 4.40
C LYS A 139 34.66 30.17 5.54
N ARG A 140 33.88 30.88 6.36
CA ARG A 140 34.47 31.63 7.47
C ARG A 140 35.22 30.70 8.42
N ILE A 141 34.59 29.59 8.79
CA ILE A 141 35.22 28.63 9.70
C ILE A 141 36.51 28.10 9.08
N LYS A 142 36.45 27.68 7.82
CA LYS A 142 37.66 27.16 7.17
C LYS A 142 38.73 28.22 6.98
N ALA A 143 38.34 29.48 6.82
CA ALA A 143 39.36 30.52 6.67
C ALA A 143 40.04 30.84 7.99
N LYS A 144 39.34 30.71 9.12
CA LYS A 144 39.95 30.95 10.42
C LYS A 144 40.61 29.70 10.99
N TYR A 145 40.14 28.52 10.62
CA TYR A 145 40.67 27.25 11.12
C TYR A 145 40.77 26.29 9.96
N PRO A 146 41.81 26.42 9.13
CA PRO A 146 41.88 25.57 7.93
C PRO A 146 42.06 24.09 8.23
N GLU A 147 42.66 23.75 9.38
CA GLU A 147 42.81 22.34 9.72
C GLU A 147 41.52 21.75 10.28
N LEU A 148 40.72 22.55 10.98
CA LEU A 148 39.51 22.06 11.64
C LEU A 148 38.63 21.31 10.65
N GLN A 149 38.05 20.20 11.10
CA GLN A 149 37.25 19.35 10.23
C GLN A 149 35.78 19.76 10.30
N VAL A 150 35.16 19.93 9.14
CA VAL A 150 33.81 20.48 9.07
C VAL A 150 32.90 19.52 8.31
N ILE A 151 31.89 19.00 9.01
CA ILE A 151 30.74 18.37 8.38
C ILE A 151 29.67 19.44 8.19
N ALA A 152 29.07 19.48 7.01
CA ALA A 152 28.00 20.43 6.72
C ALA A 152 26.72 19.69 6.34
N GLY A 153 25.58 20.24 6.72
CA GLY A 153 24.31 19.63 6.38
C GLY A 153 23.16 20.41 7.01
N ASN A 154 21.94 19.89 6.85
CA ASN A 154 21.62 18.64 6.14
C ASN A 154 21.13 18.92 4.72
N ILE A 155 21.37 18.00 3.79
CA ILE A 155 21.07 18.24 2.38
C ILE A 155 20.48 16.97 1.80
N ALA A 156 20.13 17.02 0.50
CA ALA A 156 19.45 15.87 -0.09
C ALA A 156 19.63 15.74 -1.60
N THR A 157 20.40 16.61 -2.23
CA THR A 157 20.60 16.57 -3.67
C THR A 157 22.09 16.52 -3.98
N PRO A 158 22.47 16.00 -5.15
CA PRO A 158 23.88 16.09 -5.56
C PRO A 158 24.37 17.52 -5.74
N GLU A 159 23.53 18.42 -6.26
CA GLU A 159 23.95 19.81 -6.39
C GLU A 159 24.37 20.38 -5.04
N ALA A 160 23.68 19.99 -3.97
CA ALA A 160 24.06 20.48 -2.64
C ALA A 160 25.37 19.87 -2.18
N VAL A 161 25.63 18.61 -2.52
CA VAL A 161 26.94 18.03 -2.22
C VAL A 161 28.03 18.87 -2.86
N ARG A 162 27.83 19.24 -4.14
CA ARG A 162 28.83 20.00 -4.86
C ARG A 162 29.03 21.39 -4.25
N ASP A 163 27.94 22.10 -3.95
CA ASP A 163 28.10 23.46 -3.43
C ASP A 163 28.73 23.47 -2.04
N LEU A 164 28.43 22.47 -1.21
CA LEU A 164 29.05 22.43 0.11
C LEU A 164 30.51 22.02 0.05
N ALA A 165 30.90 21.22 -0.96
CA ALA A 165 32.30 20.86 -1.11
C ALA A 165 33.11 22.03 -1.63
N GLU A 166 32.57 22.76 -2.62
CA GLU A 166 33.20 24.00 -3.05
C GLU A 166 33.39 24.95 -1.88
N ALA A 167 32.45 24.96 -0.94
CA ALA A 167 32.56 25.88 0.18
C ALA A 167 33.57 25.39 1.23
N GLY A 168 34.12 24.19 1.09
CA GLY A 168 35.18 23.70 1.94
C GLY A 168 34.80 22.59 2.91
N ALA A 169 33.53 22.17 2.96
CA ALA A 169 33.16 21.09 3.86
C ALA A 169 33.96 19.83 3.57
N ASP A 170 34.41 19.17 4.64
CA ASP A 170 35.14 17.92 4.57
C ASP A 170 34.24 16.69 4.48
N CYS A 171 32.93 16.89 4.60
CA CYS A 171 31.95 15.83 4.68
C CYS A 171 30.58 16.48 4.70
N VAL A 172 29.57 15.87 4.09
CA VAL A 172 28.23 16.45 4.06
C VAL A 172 27.24 15.45 4.64
N LYS A 173 26.27 15.96 5.39
CA LYS A 173 25.28 15.12 6.05
C LYS A 173 23.99 15.13 5.26
N VAL A 174 23.46 13.93 4.96
CA VAL A 174 22.31 13.75 4.08
C VAL A 174 21.09 13.36 4.92
N GLY A 175 19.95 13.98 4.64
CA GLY A 175 18.74 13.69 5.38
C GLY A 175 17.85 14.90 5.63
N ILE A 176 16.72 14.97 4.93
CA ILE A 176 15.72 16.02 5.13
C ILE A 176 14.37 15.34 5.26
N GLY A 177 13.88 15.22 6.50
CA GLY A 177 12.61 14.57 6.72
C GLY A 177 12.56 13.15 7.27
N PRO A 178 13.60 12.31 7.11
CA PRO A 178 13.43 10.89 7.49
C PRO A 178 13.35 10.63 9.00
N GLY A 179 13.71 11.59 9.84
CA GLY A 179 13.84 11.30 11.26
C GLY A 179 12.56 10.75 11.86
N SER A 180 12.71 9.82 12.80
CA SER A 180 11.56 9.29 13.52
C SER A 180 10.78 10.39 14.26
N ILE A 181 11.47 11.45 14.67
CA ILE A 181 10.84 12.53 15.42
C ILE A 181 10.61 13.78 14.56
N CYS A 182 10.66 13.64 13.24
CA CYS A 182 10.71 14.78 12.34
C CYS A 182 9.37 14.97 11.63
N THR A 183 8.87 16.20 11.62
CA THR A 183 7.66 16.54 10.88
C THR A 183 7.91 17.48 9.72
N THR A 184 9.17 17.64 9.29
CA THR A 184 9.50 18.57 8.22
C THR A 184 8.70 18.28 6.96
N ARG A 185 8.61 17.02 6.57
CA ARG A 185 7.86 16.68 5.36
C ARG A 185 6.39 16.99 5.49
N ILE A 186 5.84 16.86 6.69
CA ILE A 186 4.42 17.08 6.93
C ILE A 186 4.09 18.56 7.00
N VAL A 187 4.97 19.37 7.62
CA VAL A 187 4.62 20.77 7.82
C VAL A 187 5.17 21.64 6.69
N ALA A 188 6.28 21.26 6.08
CA ALA A 188 6.84 22.03 4.98
C ALA A 188 6.68 21.36 3.61
N GLY A 189 6.28 20.10 3.56
CA GLY A 189 6.11 19.40 2.29
C GLY A 189 7.39 18.97 1.62
N VAL A 190 8.52 19.08 2.31
CA VAL A 190 9.84 19.06 1.68
C VAL A 190 10.62 17.86 2.19
N GLY A 191 11.21 17.09 1.27
CA GLY A 191 12.06 15.98 1.65
C GLY A 191 12.40 15.13 0.45
N VAL A 192 13.36 14.23 0.66
CA VAL A 192 13.72 13.23 -0.35
C VAL A 192 13.83 11.90 0.37
N PRO A 193 13.09 10.86 -0.05
CA PRO A 193 13.21 9.55 0.59
C PRO A 193 14.66 9.14 0.69
N GLN A 194 15.04 8.62 1.88
CA GLN A 194 16.42 8.71 2.34
C GLN A 194 17.38 7.84 1.53
N LEU A 195 16.90 6.70 0.96
CA LEU A 195 17.84 5.84 0.24
C LEU A 195 18.25 6.47 -1.09
N THR A 196 17.28 7.00 -1.84
CA THR A 196 17.58 7.73 -3.06
C THR A 196 18.47 8.94 -2.79
N ALA A 197 18.20 9.68 -1.72
CA ALA A 197 19.02 10.84 -1.39
C ALA A 197 20.46 10.43 -1.08
N VAL A 198 20.65 9.34 -0.32
CA VAL A 198 22.00 8.88 -0.02
C VAL A 198 22.69 8.41 -1.29
N MET A 199 22.03 7.55 -2.08
CA MET A 199 22.64 7.08 -3.31
C MET A 199 23.07 8.23 -4.21
N ASP A 200 22.18 9.19 -4.43
CA ASP A 200 22.46 10.33 -5.30
C ASP A 200 23.58 11.21 -4.74
N CYS A 201 23.54 11.47 -3.44
CA CYS A 201 24.54 12.34 -2.84
C CYS A 201 25.90 11.63 -2.75
N ALA A 202 25.90 10.33 -2.45
CA ALA A 202 27.16 9.60 -2.36
C ALA A 202 27.85 9.55 -3.72
N GLU A 203 27.06 9.40 -4.78
CA GLU A 203 27.64 9.34 -6.12
C GLU A 203 28.38 10.64 -6.47
N GLU A 204 27.80 11.80 -6.14
CA GLU A 204 28.49 13.07 -6.34
C GLU A 204 29.70 13.19 -5.41
N GLY A 205 29.53 12.82 -4.14
CA GLY A 205 30.63 12.93 -3.20
C GLY A 205 31.81 12.06 -3.54
NZ ALY A 206 34.01 8.29 -0.73
CE ALY A 206 32.77 8.44 -1.58
CD ALY A 206 32.63 7.42 -2.73
CG ALY A 206 31.64 7.91 -3.80
CB ALY A 206 32.34 8.69 -4.95
CA ALY A 206 32.75 10.14 -4.64
N ALY A 206 31.59 10.96 -4.26
C ALY A 206 33.50 10.75 -5.81
O ALY A 206 34.72 10.57 -5.90
N LYS A 207 32.84 11.52 -6.70
CA LYS A 207 33.58 12.25 -7.73
C LYS A 207 34.53 13.25 -7.11
N LEU A 208 34.16 13.81 -5.95
CA LEU A 208 34.90 14.89 -5.31
C LEU A 208 35.84 14.43 -4.21
N GLY A 209 35.78 13.17 -3.80
CA GLY A 209 36.55 12.73 -2.66
C GLY A 209 36.02 13.26 -1.34
N ILE A 210 34.71 13.43 -1.23
CA ILE A 210 34.06 14.00 -0.05
C ILE A 210 33.05 12.97 0.45
N PRO A 211 33.17 12.47 1.67
CA PRO A 211 32.20 11.48 2.16
C PRO A 211 30.87 12.14 2.49
N VAL A 212 29.83 11.30 2.56
CA VAL A 212 28.49 11.72 2.94
C VAL A 212 28.00 10.84 4.08
N ILE A 213 27.29 11.45 5.04
CA ILE A 213 26.69 10.74 6.17
C ILE A 213 25.21 10.53 5.89
N ALA A 214 24.73 9.32 6.18
CA ALA A 214 23.30 9.00 6.12
C ALA A 214 22.71 9.24 7.50
N ASP A 215 21.96 10.33 7.64
CA ASP A 215 21.46 10.79 8.92
C ASP A 215 19.95 10.63 8.95
N GLY A 216 19.48 9.70 9.76
CA GLY A 216 18.05 9.76 10.04
C GLY A 216 17.28 8.63 9.37
N GLY A 217 16.19 8.23 10.04
CA GLY A 217 15.28 7.23 9.53
C GLY A 217 15.76 5.80 9.64
N LEU A 218 16.99 5.57 10.13
CA LEU A 218 17.49 4.21 10.35
C LEU A 218 16.81 3.61 11.56
N LYS A 219 16.23 2.45 11.37
CA LYS A 219 15.50 1.79 12.44
C LYS A 219 16.10 0.45 12.80
N TYR A 220 16.60 -0.28 11.81
CA TYR A 220 17.11 -1.63 12.00
C TYR A 220 18.56 -1.70 11.56
N SER A 221 19.23 -2.74 12.04
CA SER A 221 20.61 -2.97 11.63
C SER A 221 20.74 -3.08 10.11
N GLY A 222 19.81 -3.80 9.46
CA GLY A 222 19.86 -3.94 8.01
C GLY A 222 19.73 -2.61 7.27
N ASP A 223 19.01 -1.65 7.85
CA ASP A 223 18.90 -0.34 7.20
C ASP A 223 20.25 0.33 7.10
N ILE A 224 21.06 0.22 8.17
CA ILE A 224 22.42 0.74 8.14
C ILE A 224 23.20 0.11 7.00
N VAL A 225 23.06 -1.22 6.84
CA VAL A 225 23.73 -1.93 5.75
C VAL A 225 23.36 -1.31 4.40
N LYS A 226 22.05 -1.10 4.16
CA LYS A 226 21.61 -0.48 2.92
C LYS A 226 22.17 0.94 2.76
N ALA A 227 22.21 1.71 3.84
CA ALA A 227 22.75 3.07 3.78
C ALA A 227 24.24 3.07 3.47
N LEU A 228 24.98 2.08 3.97
CA LEU A 228 26.40 1.97 3.65
C LEU A 228 26.62 1.45 2.24
N ALA A 229 25.84 0.44 1.83
CA ALA A 229 25.94 -0.08 0.48
C ALA A 229 25.56 0.98 -0.55
N ALA A 230 24.69 1.91 -0.17
CA ALA A 230 24.31 3.02 -1.04
C ALA A 230 25.39 4.08 -1.15
N GLY A 231 26.42 4.03 -0.30
CA GLY A 231 27.58 4.85 -0.47
C GLY A 231 27.90 5.79 0.68
N ALA A 232 27.09 5.85 1.72
CA ALA A 232 27.45 6.65 2.88
C ALA A 232 28.71 6.10 3.55
N CYS A 233 29.50 7.00 4.15
CA CYS A 233 30.67 6.61 4.92
C CYS A 233 30.32 6.25 6.35
N ALA A 234 29.21 6.78 6.86
CA ALA A 234 28.79 6.51 8.22
C ALA A 234 27.29 6.72 8.30
N ALA A 235 26.70 6.15 9.33
CA ALA A 235 25.28 6.32 9.64
C ALA A 235 25.15 7.04 10.98
N MET A 236 24.21 7.98 11.03
CA MET A 236 23.92 8.76 12.23
C MET A 236 22.51 8.42 12.67
N MET A 237 22.34 8.02 13.93
N MET A 237 22.36 8.06 13.94
CA MET A 237 21.01 7.70 14.41
CA MET A 237 21.08 7.64 14.49
C MET A 237 20.73 8.40 15.73
C MET A 237 20.75 8.43 15.74
N GLY A 238 19.45 8.70 15.93
CA GLY A 238 18.96 9.22 17.19
C GLY A 238 18.14 8.16 17.89
N SER A 239 17.03 7.76 17.25
CA SER A 239 16.10 6.79 17.83
C SER A 239 16.80 5.52 18.32
N ILE A 240 17.75 5.02 17.54
CA ILE A 240 18.35 3.75 17.90
C ILE A 240 19.15 3.88 19.20
N PHE A 241 19.74 5.06 19.44
CA PHE A 241 20.54 5.27 20.63
C PHE A 241 19.78 5.93 21.78
N ALA A 242 18.60 6.50 21.52
CA ALA A 242 17.97 7.39 22.49
C ALA A 242 17.38 6.65 23.68
N GLY A 243 17.16 5.36 23.58
CA GLY A 243 16.75 4.66 24.77
C GLY A 243 17.87 4.27 25.72
N CYS A 244 19.12 4.35 25.28
CA CYS A 244 20.26 3.81 26.01
C CYS A 244 20.53 4.61 27.29
N GLU A 245 21.16 3.93 28.25
CA GLU A 245 21.39 4.53 29.56
C GLU A 245 22.26 5.78 29.47
N GLU A 246 23.13 5.85 28.48
CA GLU A 246 24.09 6.94 28.38
C GLU A 246 23.54 8.15 27.64
N ALA A 247 22.28 8.11 27.22
CA ALA A 247 21.62 9.28 26.67
C ALA A 247 21.14 10.20 27.80
N PRO A 248 21.14 11.51 27.59
CA PRO A 248 20.61 12.40 28.63
C PRO A 248 19.14 12.12 28.91
N GLY A 249 18.69 12.55 30.07
CA GLY A 249 17.29 12.42 30.44
C GLY A 249 17.08 11.35 31.50
N ALA A 250 16.24 11.68 32.49
CA ALA A 250 15.92 10.72 33.55
C ALA A 250 15.13 9.54 32.99
N ILE A 251 15.22 8.42 33.68
CA ILE A 251 14.45 7.26 33.29
C ILE A 251 13.04 7.61 33.77
N GLU A 252 12.05 7.31 32.95
CA GLU A 252 10.66 7.62 33.30
C GLU A 252 9.87 6.33 33.43
N ILE A 253 9.09 6.22 34.51
CA ILE A 253 8.30 5.02 34.73
C ILE A 253 6.82 5.26 34.49
N TYR A 254 6.23 4.48 33.59
CA TYR A 254 4.82 4.64 33.31
C TYR A 254 4.21 3.25 33.41
N GLN A 255 3.19 3.12 34.26
CA GLN A 255 2.48 1.85 34.46
C GLN A 255 3.44 0.65 34.53
N GLY A 256 4.52 0.84 35.29
CA GLY A 256 5.46 -0.24 35.56
C GLY A 256 6.44 -0.56 34.46
N ARG A 257 6.57 0.29 33.45
CA ARG A 257 7.57 0.13 32.39
C ARG A 257 8.54 1.31 32.39
N SER A 258 9.70 1.10 31.78
CA SER A 258 10.75 2.10 31.78
C SER A 258 10.88 2.73 30.40
N TYR A 259 10.98 4.05 30.35
CA TYR A 259 11.08 4.81 29.12
C TYR A 259 12.00 6.00 29.33
N LYS A 260 12.52 6.53 28.23
CA LYS A 260 13.34 7.73 28.28
C LYS A 260 12.69 8.71 27.33
N VAL A 261 12.85 10.01 27.55
CA VAL A 261 12.30 11.01 26.65
C VAL A 261 13.13 11.07 25.38
N TYR A 262 12.45 11.18 24.24
CA TYR A 262 13.11 11.38 22.96
C TYR A 262 12.32 12.41 22.15
N ARG A 263 13.01 13.43 21.63
CA ARG A 263 12.29 14.54 21.04
C ARG A 263 13.11 15.18 19.93
N GLY A 264 12.41 15.66 18.90
CA GLY A 264 13.08 16.38 17.84
C GLY A 264 13.64 17.69 18.34
N MET A 265 14.78 18.08 17.75
CA MET A 265 15.36 19.38 18.09
C MET A 265 14.49 20.52 17.64
N GLY A 266 13.61 20.30 16.68
CA GLY A 266 12.65 21.29 16.23
C GLY A 266 11.31 21.21 16.92
N SER A 267 11.19 20.41 17.98
CA SER A 267 9.96 20.31 18.73
C SER A 267 9.80 21.54 19.62
N LEU A 268 8.56 21.82 20.04
CA LEU A 268 8.31 22.92 20.95
C LEU A 268 9.18 22.81 22.20
N GLY A 269 9.36 21.59 22.70
CA GLY A 269 10.10 21.41 23.94
C GLY A 269 11.58 21.72 23.80
N ALA A 270 12.20 21.23 22.71
CA ALA A 270 13.63 21.49 22.54
C ALA A 270 13.90 22.97 22.25
N MET A 271 12.96 23.62 21.58
CA MET A 271 13.19 25.01 21.19
C MET A 271 13.09 25.97 22.36
N ALA A 272 12.44 25.56 23.45
CA ALA A 272 12.36 26.43 24.62
C ALA A 272 13.65 26.43 25.43
N LYS A 273 14.46 25.37 25.33
CA LYS A 273 15.70 25.27 26.08
C LYS A 273 16.87 25.96 25.36
N LYS A 286 8.68 33.77 15.75
CA LYS A 286 9.42 32.53 15.94
C LYS A 286 8.85 31.39 15.10
N PHE A 287 9.73 30.48 14.72
CA PHE A 287 9.37 29.48 13.71
C PHE A 287 8.42 28.43 14.26
N VAL A 288 7.68 27.83 13.35
CA VAL A 288 6.70 26.78 13.62
C VAL A 288 7.47 25.49 13.92
N PRO A 289 6.97 24.58 14.74
CA PRO A 289 7.74 23.37 15.06
C PRO A 289 7.91 22.46 13.84
N GLU A 290 8.99 21.69 13.85
CA GLU A 290 9.20 20.66 12.84
C GLU A 290 9.60 19.32 13.44
N GLY A 291 9.23 19.08 14.70
CA GLY A 291 9.42 17.79 15.34
C GLY A 291 8.42 17.52 16.44
N VAL A 292 8.52 16.33 17.03
CA VAL A 292 7.60 15.87 18.06
C VAL A 292 8.38 15.52 19.32
N GLU A 293 7.64 15.34 20.42
CA GLU A 293 8.20 14.91 21.70
C GLU A 293 7.47 13.64 22.14
N GLY A 294 8.23 12.72 22.72
CA GLY A 294 7.63 11.51 23.22
C GLY A 294 8.58 10.71 24.08
N ARG A 295 8.15 9.51 24.44
CA ARG A 295 8.98 8.60 25.20
C ARG A 295 9.34 7.39 24.35
N ILE A 296 10.48 6.80 24.68
CA ILE A 296 11.06 5.69 23.93
C ILE A 296 11.44 4.61 24.95
N ALA A 297 11.31 3.35 24.54
CA ALA A 297 11.63 2.25 25.44
C ALA A 297 13.11 2.26 25.82
N TYR A 298 13.38 2.11 27.13
CA TYR A 298 14.76 2.05 27.63
C TYR A 298 15.46 0.79 27.09
N LYS A 299 16.64 0.99 26.48
CA LYS A 299 17.34 -0.06 25.74
C LYS A 299 18.58 -0.59 26.46
N GLY A 300 18.71 -0.35 27.77
CA GLY A 300 19.90 -0.82 28.44
C GLY A 300 21.14 0.01 28.13
N HIS A 301 22.30 -0.58 28.40
CA HIS A 301 23.56 0.11 28.15
C HIS A 301 23.86 0.17 26.65
N LEU A 302 24.54 1.24 26.24
CA LEU A 302 24.88 1.44 24.84
C LEU A 302 25.52 0.20 24.23
N ALA A 303 26.44 -0.42 24.97
CA ALA A 303 27.22 -1.55 24.45
C ALA A 303 26.33 -2.65 23.89
N ASP A 304 25.24 -2.99 24.58
CA ASP A 304 24.34 -4.02 24.09
C ASP A 304 23.77 -3.66 22.73
N THR A 305 23.50 -2.36 22.51
CA THR A 305 22.87 -1.93 21.28
C THR A 305 23.87 -1.92 20.12
N ILE A 306 25.09 -1.43 20.33
CA ILE A 306 26.06 -1.40 19.24
C ILE A 306 26.45 -2.82 18.81
N TYR A 307 26.57 -3.73 19.77
CA TYR A 307 26.91 -5.12 19.45
C TYR A 307 25.99 -5.71 18.39
N GLN A 308 24.67 -5.58 18.61
CA GLN A 308 23.73 -6.10 17.64
C GLN A 308 23.85 -5.39 16.30
N LEU A 309 24.00 -4.07 16.32
CA LEU A 309 24.20 -3.32 15.07
C LEU A 309 25.41 -3.84 14.33
N ILE A 310 26.54 -3.96 15.02
CA ILE A 310 27.79 -4.39 14.39
C ILE A 310 27.63 -5.79 13.80
N GLY A 311 27.12 -6.73 14.61
CA GLY A 311 26.89 -8.07 14.09
C GLY A 311 25.96 -8.09 12.89
N GLY A 312 24.93 -7.25 12.89
CA GLY A 312 24.03 -7.19 11.75
C GLY A 312 24.71 -6.67 10.49
N ILE A 313 25.62 -5.70 10.64
CA ILE A 313 26.36 -5.16 9.50
C ILE A 313 27.30 -6.21 8.91
N LYS A 314 28.03 -6.91 9.79
CA LYS A 314 28.98 -7.93 9.39
C LYS A 314 28.23 -9.05 8.66
N SER A 315 27.06 -9.39 9.17
CA SER A 315 26.23 -10.38 8.50
C SER A 315 25.91 -9.93 7.09
N GLY A 316 25.52 -8.67 6.92
CA GLY A 316 25.24 -8.14 5.60
C GLY A 316 26.44 -8.16 4.68
N MET A 317 27.63 -7.95 5.24
CA MET A 317 28.81 -7.89 4.38
C MET A 317 29.28 -9.28 3.97
N GLY A 318 29.04 -10.30 4.78
CA GLY A 318 29.24 -11.67 4.30
C GLY A 318 28.30 -11.99 3.15
N TYR A 319 27.02 -11.65 3.31
CA TYR A 319 26.02 -11.91 2.28
C TYR A 319 26.40 -11.30 0.94
N LEU A 320 27.07 -10.16 0.95
CA LEU A 320 27.47 -9.48 -0.28
C LEU A 320 28.93 -9.76 -0.64
N GLY A 321 29.62 -10.62 0.11
CA GLY A 321 31.00 -10.95 -0.21
C GLY A 321 31.96 -9.79 -0.10
N ALA A 322 31.69 -8.86 0.84
CA ALA A 322 32.45 -7.62 0.91
C ALA A 322 33.36 -7.64 2.12
N PRO A 323 34.69 -7.63 1.94
CA PRO A 323 35.59 -7.47 3.10
C PRO A 323 35.81 -6.01 3.52
N THR A 324 35.59 -5.02 2.67
CA THR A 324 35.65 -3.61 3.06
C THR A 324 34.26 -3.00 2.97
N LEU A 325 34.16 -1.79 3.51
CA LEU A 325 32.99 -0.97 3.23
C LEU A 325 33.02 -0.45 1.80
N GLU A 326 34.23 -0.23 1.27
CA GLU A 326 34.33 0.16 -0.13
C GLU A 326 33.83 -0.97 -1.03
N ASN A 327 34.32 -2.18 -0.79
CA ASN A 327 33.89 -3.34 -1.58
C ASN A 327 32.39 -3.51 -1.57
N LEU A 328 31.77 -3.30 -0.41
CA LEU A 328 30.32 -3.38 -0.31
C LEU A 328 29.64 -2.41 -1.28
N TYR A 329 30.23 -1.22 -1.47
CA TYR A 329 29.63 -0.21 -2.33
C TYR A 329 29.81 -0.56 -3.81
N GLU A 330 30.97 -1.10 -4.19
CA GLU A 330 31.24 -1.41 -5.59
C GLU A 330 30.46 -2.63 -6.07
N ASN A 331 29.94 -3.45 -5.16
CA ASN A 331 29.24 -4.68 -5.52
C ASN A 331 27.80 -4.71 -5.03
N ALA A 332 27.31 -3.63 -4.42
CA ALA A 332 25.94 -3.59 -3.94
C ALA A 332 24.97 -3.44 -5.10
N ASN A 333 23.99 -4.34 -5.17
CA ASN A 333 22.88 -4.20 -6.09
C ASN A 333 21.57 -4.30 -5.32
N PHE A 334 20.72 -3.32 -5.53
CA PHE A 334 19.44 -3.22 -4.87
C PHE A 334 18.29 -3.70 -5.73
N VAL A 335 17.30 -4.28 -5.08
CA VAL A 335 16.10 -4.75 -5.74
C VAL A 335 14.93 -4.05 -5.03
N VAL A 336 13.95 -3.60 -5.79
CA VAL A 336 12.79 -2.92 -5.20
C VAL A 336 11.72 -3.97 -4.89
N GLN A 337 11.09 -3.84 -3.73
CA GLN A 337 10.00 -4.72 -3.32
C GLN A 337 8.73 -3.90 -3.14
N THR A 338 7.59 -4.55 -3.23
CA THR A 338 6.32 -3.89 -3.00
C THR A 338 5.97 -3.93 -1.52
N SER A 339 4.83 -3.34 -1.17
CA SER A 339 4.31 -3.47 0.18
C SER A 339 4.10 -4.93 0.59
N ALA A 340 3.77 -5.80 -0.38
CA ALA A 340 3.63 -7.22 -0.10
C ALA A 340 4.98 -7.90 0.12
N GLY A 341 6.00 -7.49 -0.65
CA GLY A 341 7.35 -7.97 -0.37
C GLY A 341 7.87 -7.48 0.96
N PHE A 342 7.43 -6.29 1.37
CA PHE A 342 7.75 -5.81 2.71
C PHE A 342 7.16 -6.71 3.78
N ARG A 343 5.89 -7.11 3.59
N ARG A 343 5.88 -7.09 3.60
CA ARG A 343 5.26 -8.00 4.55
CA ARG A 343 5.23 -8.01 4.52
C ARG A 343 5.94 -9.37 4.58
C ARG A 343 5.92 -9.38 4.57
N GLU A 344 6.53 -9.81 3.47
CA GLU A 344 7.26 -11.08 3.46
C GLU A 344 8.59 -10.95 4.20
N SER A 345 9.23 -9.78 4.07
CA SER A 345 10.58 -9.60 4.61
C SER A 345 10.58 -9.63 6.13
N HIS A 346 9.69 -8.89 6.76
CA HIS A 346 9.50 -8.97 8.20
C HIS A 346 8.91 -10.32 8.60
N PRO A 347 9.09 -10.74 9.85
CA PRO A 347 8.41 -11.96 10.30
C PRO A 347 6.90 -11.77 10.23
N HIS A 348 6.19 -12.86 9.96
CA HIS A 348 4.77 -12.80 9.67
C HIS A 348 4.10 -14.12 10.08
N ASP A 349 2.83 -14.02 10.47
CA ASP A 349 2.02 -15.18 10.82
C ASP A 349 2.64 -15.98 11.97
N ILE A 350 3.13 -15.26 12.98
CA ILE A 350 3.67 -15.85 14.20
C ILE A 350 3.40 -14.88 15.35
N ASN A 351 2.97 -15.41 16.48
CA ASN A 351 2.83 -14.60 17.70
C ASN A 351 4.15 -14.69 18.44
N ILE A 352 5.02 -13.69 18.21
CA ILE A 352 6.33 -13.67 18.87
C ILE A 352 6.12 -13.58 20.37
N THR A 353 6.74 -14.49 21.10
CA THR A 353 6.64 -14.55 22.56
C THR A 353 7.93 -14.15 23.26
N LYS A 354 9.06 -14.77 22.90
CA LYS A 354 10.34 -14.34 23.45
C LYS A 354 10.81 -13.08 22.72
N GLU A 355 11.65 -12.32 23.42
CA GLU A 355 12.12 -11.03 22.89
C GLU A 355 13.32 -11.26 21.98
N ALA A 356 13.24 -10.77 20.75
CA ALA A 356 14.36 -10.84 19.81
C ALA A 356 15.21 -9.59 19.99
N PRO A 357 16.51 -9.73 20.28
CA PRO A 357 17.30 -8.58 20.74
C PRO A 357 17.74 -7.62 19.64
N ASN A 358 17.49 -7.93 18.37
CA ASN A 358 17.74 -7.00 17.27
C ASN A 358 16.50 -6.87 16.40
N TYR A 359 15.32 -7.09 16.98
CA TYR A 359 14.06 -6.89 16.29
C TYR A 359 12.99 -6.39 17.28
N SER B 1 34.77 5.39 -10.44
CA SER B 1 34.43 4.67 -11.65
C SER B 1 32.96 4.21 -11.60
N ASN B 2 32.52 3.47 -12.63
CA ASN B 2 31.14 3.01 -12.65
C ASN B 2 30.81 2.06 -11.50
N ALA B 3 31.81 1.62 -10.74
CA ALA B 3 31.57 0.78 -9.57
C ALA B 3 30.76 1.55 -8.53
N MET B 4 29.49 1.18 -8.35
CA MET B 4 28.62 1.89 -7.41
C MET B 4 27.34 1.08 -7.23
N ALA B 5 26.59 1.40 -6.19
CA ALA B 5 25.33 0.71 -5.96
C ALA B 5 24.41 0.93 -7.15
N ARG B 6 23.63 -0.10 -7.48
CA ARG B 6 22.66 -0.04 -8.57
C ARG B 6 21.32 -0.52 -8.04
N ILE B 7 20.25 0.07 -8.56
CA ILE B 7 18.91 -0.48 -8.38
C ILE B 7 18.55 -1.19 -9.66
N LEU B 8 18.41 -2.53 -9.59
CA LEU B 8 18.35 -3.38 -10.77
C LEU B 8 16.95 -3.50 -11.35
N LYS B 9 15.93 -3.62 -10.50
CA LYS B 9 14.57 -3.92 -10.94
C LYS B 9 13.62 -3.98 -9.76
N THR B 10 12.33 -4.18 -10.04
CA THR B 10 11.35 -4.52 -9.02
C THR B 10 11.21 -6.04 -9.00
N ALA B 11 11.21 -6.62 -7.80
CA ALA B 11 11.04 -8.06 -7.63
C ALA B 11 9.78 -8.35 -6.82
N TYR B 12 9.16 -9.49 -7.10
CA TYR B 12 7.82 -9.78 -6.61
C TYR B 12 7.83 -11.01 -5.71
N THR B 13 6.87 -11.05 -4.80
CA THR B 13 6.59 -12.23 -3.99
C THR B 13 5.18 -12.74 -4.36
N PHE B 14 4.73 -13.80 -3.66
CA PHE B 14 3.55 -14.53 -4.13
C PHE B 14 2.30 -13.66 -4.07
N ASP B 15 2.12 -12.93 -2.98
CA ASP B 15 1.01 -12.00 -2.81
C ASP B 15 0.95 -10.90 -3.88
N ASP B 16 2.04 -10.64 -4.63
CA ASP B 16 2.00 -9.63 -5.68
C ASP B 16 1.32 -10.10 -6.96
N VAL B 17 1.10 -11.40 -7.16
CA VAL B 17 0.71 -11.95 -8.45
C VAL B 17 -0.46 -12.92 -8.34
N LEU B 18 -1.20 -13.05 -9.44
CA LEU B 18 -2.23 -14.05 -9.62
C LEU B 18 -2.00 -14.77 -10.94
N LEU B 19 -2.39 -16.05 -10.98
CA LEU B 19 -2.30 -16.85 -12.20
C LEU B 19 -3.56 -16.66 -13.04
N VAL B 20 -3.38 -16.44 -14.33
CA VAL B 20 -4.53 -16.28 -15.25
C VAL B 20 -5.08 -17.67 -15.57
N PRO B 21 -6.39 -17.88 -15.51
CA PRO B 21 -6.97 -19.16 -15.95
C PRO B 21 -6.77 -19.39 -17.45
N ASN B 22 -6.47 -20.63 -17.81
CA ASN B 22 -6.39 -21.09 -19.20
C ASN B 22 -7.63 -21.93 -19.53
N LYS B 23 -7.93 -22.02 -20.83
CA LYS B 23 -8.89 -23.01 -21.28
C LYS B 23 -8.46 -24.38 -20.76
N SER B 24 -9.44 -25.16 -20.33
CA SER B 24 -9.08 -26.38 -19.63
C SER B 24 -9.97 -27.54 -20.03
N GLU B 25 -9.37 -28.69 -20.31
CA GLU B 25 -10.11 -29.94 -20.47
C GLU B 25 -9.83 -30.91 -19.33
N VAL B 26 -9.37 -30.42 -18.19
CA VAL B 26 -9.00 -31.29 -17.08
C VAL B 26 -9.66 -30.78 -15.81
N LEU B 27 -10.22 -31.69 -15.06
CA LEU B 27 -10.79 -31.36 -13.77
C LEU B 27 -9.79 -31.70 -12.67
N PRO B 28 -9.94 -31.09 -11.48
CA PRO B 28 -8.93 -31.25 -10.42
C PRO B 28 -8.58 -32.67 -10.04
N ASN B 29 -9.55 -33.60 -10.05
N ASN B 29 -9.53 -33.60 -10.03
CA ASN B 29 -9.34 -34.99 -9.69
CA ASN B 29 -9.24 -34.97 -9.63
C ASN B 29 -8.58 -35.78 -10.76
C ASN B 29 -8.60 -35.79 -10.76
N GLU B 30 -8.25 -35.16 -11.90
CA GLU B 30 -7.59 -35.86 -12.99
C GLU B 30 -6.12 -35.52 -13.12
N VAL B 31 -5.61 -34.56 -12.35
CA VAL B 31 -4.24 -34.09 -12.51
C VAL B 31 -3.28 -34.97 -11.72
N SER B 32 -2.01 -34.94 -12.10
CA SER B 32 -0.95 -35.69 -11.43
C SER B 32 0.03 -34.72 -10.76
N LEU B 33 0.39 -35.00 -9.51
CA LEU B 33 1.26 -34.15 -8.71
C LEU B 33 2.68 -34.69 -8.58
N LYS B 34 3.05 -35.73 -9.33
CA LYS B 34 4.41 -36.28 -9.26
C LYS B 34 5.43 -35.25 -9.74
N THR B 35 6.60 -35.27 -9.10
CA THR B 35 7.68 -34.36 -9.45
C THR B 35 9.00 -35.08 -9.17
N GLN B 36 10.06 -34.56 -9.79
CA GLN B 36 11.42 -35.04 -9.60
C GLN B 36 12.13 -34.05 -8.67
N LEU B 37 12.28 -34.45 -7.42
CA LEU B 37 13.08 -33.68 -6.48
C LEU B 37 14.54 -33.61 -6.92
N THR B 38 15.09 -34.75 -7.34
CA THR B 38 16.34 -34.83 -8.11
C THR B 38 16.10 -35.78 -9.27
N LYS B 39 17.13 -36.01 -10.07
CA LYS B 39 17.02 -36.95 -11.19
C LYS B 39 16.70 -38.36 -10.68
N LYS B 40 17.29 -38.76 -9.56
CA LYS B 40 17.08 -40.07 -8.98
C LYS B 40 15.86 -40.15 -8.06
N ILE B 41 15.36 -39.03 -7.53
CA ILE B 41 14.37 -39.05 -6.46
C ILE B 41 13.07 -38.43 -6.96
N GLN B 42 12.02 -39.25 -7.04
CA GLN B 42 10.66 -38.82 -7.38
C GLN B 42 9.78 -38.75 -6.14
N LEU B 43 8.97 -37.69 -6.06
CA LEU B 43 7.97 -37.55 -5.01
C LEU B 43 6.57 -37.64 -5.60
N ASN B 44 5.66 -38.24 -4.85
CA ASN B 44 4.28 -38.31 -5.34
C ASN B 44 3.54 -36.98 -5.21
N ILE B 45 3.84 -36.18 -4.18
CA ILE B 45 3.34 -34.81 -4.09
C ILE B 45 4.53 -33.87 -3.88
N PRO B 46 4.49 -32.62 -4.38
CA PRO B 46 5.70 -31.79 -4.37
C PRO B 46 5.83 -30.92 -3.11
N LEU B 47 5.80 -31.57 -1.95
CA LEU B 47 5.87 -30.87 -0.67
C LEU B 47 6.95 -31.47 0.21
N MET B 48 7.70 -30.59 0.89
CA MET B 48 8.70 -30.97 1.87
C MET B 48 8.56 -30.17 3.16
N SER B 49 8.77 -30.85 4.29
CA SER B 49 8.79 -30.20 5.60
C SER B 49 10.19 -29.67 5.90
N ALA B 50 10.23 -28.48 6.50
CA ALA B 50 11.50 -27.77 6.73
C ALA B 50 12.36 -28.48 7.77
N SER B 51 13.68 -28.34 7.63
CA SER B 51 14.61 -28.99 8.56
C SER B 51 14.87 -28.04 9.72
N MET B 52 13.82 -27.85 10.52
CA MET B 52 13.92 -27.05 11.72
C MET B 52 13.54 -27.89 12.93
N ASP B 53 14.16 -27.54 14.06
CA ASP B 53 13.95 -28.28 15.30
C ASP B 53 12.52 -28.16 15.81
N THR B 54 11.69 -27.33 15.21
CA THR B 54 10.29 -27.27 15.57
C THR B 54 9.38 -27.87 14.52
N VAL B 55 9.93 -28.47 13.47
CA VAL B 55 9.10 -28.93 12.36
C VAL B 55 9.31 -30.41 12.05
N THR B 56 10.56 -30.84 11.82
CA THR B 56 10.82 -32.17 11.27
C THR B 56 11.75 -32.98 12.16
N GLU B 57 11.20 -33.99 12.83
CA GLU B 57 12.04 -35.10 13.26
C GLU B 57 11.48 -36.36 12.61
N SER B 58 11.79 -37.54 13.15
CA SER B 58 11.34 -38.77 12.50
C SER B 58 9.82 -38.84 12.39
N LYS B 59 9.10 -38.42 13.44
CA LYS B 59 7.64 -38.56 13.40
C LYS B 59 7.05 -37.78 12.23
N MET B 60 7.57 -36.58 12.00
CA MET B 60 7.12 -35.74 10.91
C MET B 60 7.58 -36.28 9.55
N ALA B 61 8.84 -36.71 9.47
CA ALA B 61 9.36 -37.29 8.23
C ALA B 61 8.63 -38.58 7.84
N ILE B 62 8.19 -39.37 8.82
CA ILE B 62 7.40 -40.55 8.51
C ILE B 62 6.04 -40.17 7.93
N ALA B 63 5.33 -39.24 8.58
CA ALA B 63 4.02 -38.82 8.07
C ALA B 63 4.14 -38.14 6.69
N MET B 64 5.18 -37.32 6.50
CA MET B 64 5.40 -36.70 5.19
C MET B 64 5.57 -37.76 4.11
N ALA B 65 6.45 -38.73 4.35
CA ALA B 65 6.72 -39.75 3.34
C ALA B 65 5.48 -40.55 3.00
N ARG B 66 4.67 -40.91 4.02
CA ARG B 66 3.47 -41.68 3.74
C ARG B 66 2.41 -40.86 3.02
N GLU B 67 2.47 -39.53 3.12
CA GLU B 67 1.61 -38.69 2.30
C GLU B 67 2.17 -38.47 0.90
N GLY B 68 3.33 -39.02 0.57
CA GLY B 68 3.92 -38.83 -0.75
C GLY B 68 4.94 -37.70 -0.87
N GLY B 69 5.20 -36.96 0.20
CA GLY B 69 6.23 -35.93 0.26
C GLY B 69 7.50 -36.46 0.90
N ILE B 70 8.26 -35.55 1.51
CA ILE B 70 9.51 -35.92 2.18
C ILE B 70 9.83 -34.93 3.28
N GLY B 71 10.43 -35.44 4.36
CA GLY B 71 10.86 -34.61 5.47
C GLY B 71 12.37 -34.63 5.62
N ILE B 72 12.95 -33.45 5.86
CA ILE B 72 14.38 -33.31 6.09
C ILE B 72 14.62 -33.23 7.60
N ILE B 73 15.22 -34.27 8.18
CA ILE B 73 15.53 -34.26 9.61
C ILE B 73 16.48 -33.12 9.91
N HIS B 74 16.18 -32.36 10.97
CA HIS B 74 17.00 -31.21 11.28
C HIS B 74 18.30 -31.64 11.96
N LYS B 75 19.31 -30.76 11.88
CA LYS B 75 20.65 -31.09 12.33
C LYS B 75 20.98 -30.55 13.72
N ASN B 76 19.99 -30.04 14.45
CA ASN B 76 20.22 -29.43 15.76
C ASN B 76 20.19 -30.51 16.84
N MET B 77 21.05 -31.50 16.63
CA MET B 77 21.15 -32.67 17.51
C MET B 77 22.50 -33.30 17.25
N THR B 78 22.84 -34.30 18.06
CA THR B 78 24.09 -35.00 17.80
C THR B 78 24.05 -35.69 16.44
N ILE B 79 25.24 -36.01 15.93
CA ILE B 79 25.33 -36.82 14.73
C ILE B 79 24.61 -38.15 14.93
N GLU B 80 24.78 -38.79 16.09
CA GLU B 80 24.18 -40.11 16.27
C GLU B 80 22.66 -40.02 16.48
N ASP B 81 22.17 -38.98 17.16
CA ASP B 81 20.73 -38.79 17.25
C ASP B 81 20.12 -38.63 15.86
N GLN B 82 20.79 -37.88 14.98
CA GLN B 82 20.24 -37.64 13.66
C GLN B 82 20.26 -38.89 12.80
N ALA B 83 21.31 -39.70 12.91
CA ALA B 83 21.34 -40.98 12.21
C ALA B 83 20.25 -41.91 12.75
N ARG B 84 20.04 -41.89 14.07
CA ARG B 84 18.94 -42.68 14.66
C ARG B 84 17.59 -42.22 14.13
N GLU B 85 17.42 -40.91 13.91
CA GLU B 85 16.15 -40.40 13.39
C GLU B 85 15.95 -40.83 11.94
N VAL B 86 16.99 -40.69 11.12
CA VAL B 86 16.95 -41.20 9.75
C VAL B 86 16.69 -42.71 9.73
N ASP B 87 17.33 -43.45 10.65
CA ASP B 87 17.15 -44.90 10.66
C ASP B 87 15.74 -45.30 11.07
N ARG B 88 15.08 -44.48 11.91
CA ARG B 88 13.69 -44.73 12.27
C ARG B 88 12.75 -44.51 11.09
N VAL B 89 13.01 -43.49 10.26
CA VAL B 89 12.15 -43.27 9.12
C VAL B 89 12.29 -44.40 8.10
N LYS B 90 13.54 -44.81 7.82
CA LYS B 90 13.77 -45.86 6.82
C LYS B 90 13.25 -47.21 7.30
N ARG B 91 13.26 -47.46 8.60
CA ARG B 91 12.79 -48.74 9.10
C ARG B 91 11.27 -48.81 9.17
N SER B 92 10.59 -47.70 8.90
CA SER B 92 9.13 -47.61 8.88
C SER B 92 8.54 -47.96 7.53
N GLY B 93 9.14 -48.88 6.79
CA GLY B 93 8.65 -49.29 5.50
C GLY B 93 9.43 -48.81 4.29
N GLY B 94 10.70 -48.47 4.45
CA GLY B 94 11.51 -47.96 3.35
C GLY B 94 11.16 -46.56 2.87
N LEU B 95 10.60 -45.73 3.74
CA LEU B 95 10.16 -44.39 3.34
C LEU B 95 11.34 -43.51 2.93
N LEU B 96 11.08 -42.58 2.02
CA LEU B 96 12.07 -41.56 1.71
C LEU B 96 12.39 -40.75 2.96
N CYS B 97 13.63 -40.27 3.03
CA CYS B 97 14.04 -39.47 4.17
C CYS B 97 15.22 -38.59 3.78
N GLY B 98 15.18 -37.34 4.24
CA GLY B 98 16.28 -36.42 4.04
C GLY B 98 16.98 -36.03 5.33
N ALA B 99 18.16 -35.44 5.23
CA ALA B 99 18.87 -34.99 6.42
C ALA B 99 19.61 -33.71 6.09
N SER B 100 19.56 -32.76 7.04
CA SER B 100 20.19 -31.47 6.87
C SER B 100 21.63 -31.51 7.37
N ILE B 101 22.54 -30.91 6.59
CA ILE B 101 23.96 -30.83 6.91
C ILE B 101 24.39 -29.38 6.85
N GLY B 102 25.20 -28.95 7.81
CA GLY B 102 25.73 -27.60 7.78
C GLY B 102 27.21 -27.59 7.42
N VAL B 103 27.71 -26.47 6.92
CA VAL B 103 29.14 -26.38 6.59
C VAL B 103 29.92 -26.15 7.89
N THR B 104 30.45 -27.24 8.46
CA THR B 104 31.01 -27.26 9.80
C THR B 104 32.33 -28.04 9.80
N ASN B 105 32.91 -28.20 10.99
CA ASN B 105 34.09 -29.06 11.13
C ASN B 105 33.72 -30.52 10.91
N ASP B 106 32.64 -30.98 11.55
CA ASP B 106 32.21 -32.37 11.51
C ASP B 106 31.28 -32.65 10.33
N MET B 107 31.33 -31.81 9.30
CA MET B 107 30.39 -31.94 8.20
C MET B 107 30.50 -33.30 7.54
N MET B 108 31.73 -33.75 7.28
CA MET B 108 31.89 -35.06 6.65
C MET B 108 31.53 -36.19 7.62
N GLU B 109 31.82 -36.02 8.91
CA GLU B 109 31.40 -37.02 9.89
C GLU B 109 29.88 -37.13 9.94
N ARG B 110 29.18 -35.99 9.89
CA ARG B 110 27.73 -36.05 9.92
C ARG B 110 27.17 -36.78 8.70
N VAL B 111 27.75 -36.50 7.52
CA VAL B 111 27.29 -37.14 6.29
C VAL B 111 27.45 -38.65 6.37
N ASP B 112 28.65 -39.10 6.79
CA ASP B 112 28.91 -40.53 6.94
C ASP B 112 27.83 -41.22 7.77
N ALA B 113 27.47 -40.64 8.91
CA ALA B 113 26.51 -41.30 9.78
C ALA B 113 25.12 -41.34 9.16
N VAL B 114 24.69 -40.24 8.51
CA VAL B 114 23.38 -40.28 7.87
C VAL B 114 23.42 -41.14 6.60
N VAL B 115 24.59 -41.25 5.96
CA VAL B 115 24.74 -42.20 4.84
C VAL B 115 24.70 -43.63 5.34
N LYS B 116 25.30 -43.91 6.50
CA LYS B 116 25.23 -45.26 7.06
C LYS B 116 23.79 -45.64 7.37
N ALA B 117 22.99 -44.67 7.87
CA ALA B 117 21.56 -44.86 8.14
C ALA B 117 20.71 -44.88 6.87
N LYS B 118 21.34 -44.72 5.71
CA LYS B 118 20.71 -44.90 4.39
C LYS B 118 19.76 -43.75 4.06
N VAL B 119 20.17 -42.53 4.44
CA VAL B 119 19.44 -41.35 4.04
C VAL B 119 19.42 -41.26 2.52
N ASP B 120 18.29 -40.83 1.97
CA ASP B 120 18.11 -40.79 0.53
C ASP B 120 18.62 -39.49 -0.09
N VAL B 121 18.69 -38.41 0.69
CA VAL B 121 19.14 -37.12 0.19
C VAL B 121 19.62 -36.30 1.38
N ILE B 122 20.71 -35.58 1.19
CA ILE B 122 21.20 -34.67 2.20
C ILE B 122 21.02 -33.26 1.67
N VAL B 123 20.66 -32.34 2.57
CA VAL B 123 20.50 -30.94 2.23
C VAL B 123 21.63 -30.19 2.94
N LEU B 124 22.57 -29.67 2.15
CA LEU B 124 23.65 -28.80 2.67
C LEU B 124 23.15 -27.37 2.58
N ASP B 125 22.57 -26.86 3.67
CA ASP B 125 22.02 -25.51 3.64
C ASP B 125 22.73 -24.61 4.65
N THR B 126 22.92 -23.37 4.23
CA THR B 126 23.56 -22.34 5.00
C THR B 126 22.70 -21.10 4.91
N ALA B 127 22.99 -20.14 5.78
CA ALA B 127 22.43 -18.82 5.58
C ALA B 127 22.72 -18.29 4.19
N HIS B 128 23.90 -18.64 3.63
CA HIS B 128 24.36 -18.06 2.37
C HIS B 128 24.99 -19.17 1.51
N GLY B 129 24.16 -19.77 0.66
CA GLY B 129 24.59 -20.88 -0.17
C GLY B 129 25.55 -20.52 -1.28
N HIS B 130 25.57 -19.25 -1.71
CA HIS B 130 26.48 -18.83 -2.77
C HIS B 130 27.81 -18.38 -2.16
N SER B 131 28.52 -19.36 -1.60
CA SER B 131 29.70 -19.09 -0.82
C SER B 131 30.79 -20.10 -1.20
N LYS B 132 32.02 -19.76 -0.82
CA LYS B 132 33.13 -20.70 -0.98
C LYS B 132 32.86 -21.96 -0.17
N GLY B 133 32.39 -21.81 1.07
CA GLY B 133 32.22 -22.95 1.95
C GLY B 133 31.22 -23.96 1.44
N VAL B 134 30.11 -23.50 0.87
CA VAL B 134 29.12 -24.43 0.34
C VAL B 134 29.65 -25.08 -0.93
N ILE B 135 30.16 -24.29 -1.87
CA ILE B 135 30.66 -24.82 -3.12
C ILE B 135 31.73 -25.88 -2.85
N GLU B 136 32.70 -25.57 -1.99
CA GLU B 136 33.72 -26.54 -1.65
C GLU B 136 33.14 -27.69 -0.82
N GLY B 137 32.05 -27.46 -0.10
CA GLY B 137 31.42 -28.53 0.64
C GLY B 137 30.73 -29.54 -0.26
N VAL B 138 30.16 -29.08 -1.38
CA VAL B 138 29.44 -30.00 -2.27
C VAL B 138 30.44 -30.84 -3.05
N LYS B 139 31.55 -30.23 -3.43
CA LYS B 139 32.59 -30.96 -4.12
C LYS B 139 33.15 -32.03 -3.21
N ARG B 140 33.34 -31.70 -1.94
CA ARG B 140 33.88 -32.62 -0.95
C ARG B 140 32.99 -33.82 -0.70
N ILE B 141 31.70 -33.58 -0.59
CA ILE B 141 30.74 -34.66 -0.38
C ILE B 141 30.63 -35.53 -1.63
N LYS B 142 30.49 -34.90 -2.80
CA LYS B 142 30.32 -35.69 -4.02
C LYS B 142 31.60 -36.42 -4.42
N ALA B 143 32.76 -35.92 -4.00
CA ALA B 143 33.99 -36.69 -4.20
C ALA B 143 33.97 -38.00 -3.43
N LYS B 144 33.39 -37.99 -2.22
CA LYS B 144 33.34 -39.20 -1.42
C LYS B 144 32.16 -40.08 -1.81
N TYR B 145 30.99 -39.47 -2.03
CA TYR B 145 29.73 -40.19 -2.27
C TYR B 145 29.15 -39.74 -3.60
N PRO B 146 29.74 -40.17 -4.72
CA PRO B 146 29.30 -39.63 -6.01
C PRO B 146 27.82 -39.88 -6.30
N GLU B 147 27.23 -40.92 -5.71
CA GLU B 147 25.83 -41.21 -5.96
C GLU B 147 24.90 -40.60 -4.92
N LEU B 148 25.42 -40.10 -3.81
CA LEU B 148 24.56 -39.48 -2.80
C LEU B 148 23.91 -38.23 -3.38
N GLN B 149 22.59 -38.17 -3.26
CA GLN B 149 21.82 -37.01 -3.73
C GLN B 149 21.98 -35.83 -2.79
N VAL B 150 22.36 -34.68 -3.33
CA VAL B 150 22.73 -33.50 -2.55
C VAL B 150 21.88 -32.32 -3.01
N ILE B 151 21.16 -31.72 -2.06
CA ILE B 151 20.50 -30.43 -2.26
C ILE B 151 21.33 -29.38 -1.54
N ALA B 152 21.60 -28.26 -2.23
CA ALA B 152 22.36 -27.15 -1.66
C ALA B 152 21.53 -25.87 -1.67
N GLY B 153 21.61 -25.13 -0.58
CA GLY B 153 20.95 -23.83 -0.43
C GLY B 153 21.52 -23.11 0.77
N ASN B 154 20.98 -21.93 1.07
CA ASN B 154 19.93 -21.31 0.28
C ASN B 154 20.51 -20.22 -0.60
N ILE B 155 19.88 -19.96 -1.72
CA ILE B 155 20.39 -19.01 -2.69
C ILE B 155 19.21 -18.25 -3.29
N ALA B 156 19.52 -17.27 -4.13
CA ALA B 156 18.44 -16.43 -4.65
C ALA B 156 18.74 -15.85 -6.01
N THR B 157 19.80 -16.27 -6.71
CA THR B 157 20.17 -15.73 -8.02
C THR B 157 20.56 -16.84 -8.97
N PRO B 158 20.30 -16.66 -10.26
CA PRO B 158 20.67 -17.70 -11.24
C PRO B 158 22.17 -17.95 -11.33
N GLU B 159 23.01 -16.96 -10.98
CA GLU B 159 24.44 -17.22 -10.93
C GLU B 159 24.75 -18.26 -9.85
N ALA B 160 24.04 -18.18 -8.72
CA ALA B 160 24.22 -19.15 -7.66
C ALA B 160 23.70 -20.53 -8.05
N VAL B 161 22.65 -20.61 -8.88
CA VAL B 161 22.24 -21.91 -9.41
C VAL B 161 23.35 -22.50 -10.26
N ARG B 162 23.90 -21.69 -11.16
CA ARG B 162 24.94 -22.18 -12.05
C ARG B 162 26.16 -22.63 -11.24
N ASP B 163 26.62 -21.77 -10.34
CA ASP B 163 27.80 -22.10 -9.55
C ASP B 163 27.57 -23.34 -8.68
N LEU B 164 26.40 -23.46 -8.07
CA LEU B 164 26.15 -24.64 -7.24
C LEU B 164 25.96 -25.90 -8.08
N ALA B 165 25.51 -25.75 -9.32
CA ALA B 165 25.39 -26.91 -10.20
C ALA B 165 26.76 -27.39 -10.67
N GLU B 166 27.65 -26.47 -11.03
CA GLU B 166 29.03 -26.85 -11.38
C GLU B 166 29.72 -27.56 -10.23
N ALA B 167 29.37 -27.22 -8.99
CA ALA B 167 29.98 -27.87 -7.83
C ALA B 167 29.52 -29.32 -7.65
N GLY B 168 28.43 -29.72 -8.32
CA GLY B 168 27.92 -31.07 -8.23
C GLY B 168 26.57 -31.25 -7.54
N ALA B 169 25.88 -30.17 -7.18
CA ALA B 169 24.60 -30.34 -6.52
C ALA B 169 23.58 -30.91 -7.49
N ASP B 170 22.73 -31.82 -6.98
CA ASP B 170 21.67 -32.42 -7.77
C ASP B 170 20.37 -31.62 -7.71
N CYS B 171 20.29 -30.62 -6.83
CA CYS B 171 19.14 -29.77 -6.66
C CYS B 171 19.59 -28.58 -5.84
N VAL B 172 18.87 -27.47 -5.97
CA VAL B 172 19.26 -26.19 -5.40
C VAL B 172 18.05 -25.56 -4.72
N LYS B 173 18.20 -25.13 -3.47
CA LYS B 173 17.08 -24.62 -2.70
C LYS B 173 17.10 -23.08 -2.70
N VAL B 174 15.94 -22.48 -2.99
CA VAL B 174 15.81 -21.04 -3.21
C VAL B 174 15.09 -20.42 -2.03
N GLY B 175 15.63 -19.31 -1.52
CA GLY B 175 14.98 -18.54 -0.47
C GLY B 175 15.93 -17.86 0.48
N ILE B 176 16.11 -16.56 0.31
CA ILE B 176 16.86 -15.73 1.25
C ILE B 176 15.88 -14.73 1.85
N GLY B 177 15.44 -14.98 3.08
CA GLY B 177 14.61 -14.03 3.78
C GLY B 177 13.10 -14.29 3.91
N PRO B 178 12.47 -15.08 3.02
CA PRO B 178 11.00 -15.11 3.03
C PRO B 178 10.40 -15.83 4.22
N GLY B 179 11.22 -16.52 5.02
CA GLY B 179 10.74 -17.26 6.16
C GLY B 179 9.87 -16.44 7.10
N SER B 180 8.70 -17.01 7.43
CA SER B 180 7.76 -16.37 8.36
C SER B 180 8.41 -16.03 9.69
N ILE B 181 9.38 -16.83 10.13
CA ILE B 181 10.11 -16.55 11.37
C ILE B 181 11.48 -15.96 11.09
N CYS B 182 11.74 -15.50 9.86
CA CYS B 182 13.06 -15.04 9.47
C CYS B 182 13.17 -13.52 9.61
N THR B 183 14.31 -13.05 10.14
CA THR B 183 14.61 -11.62 10.17
C THR B 183 15.86 -11.26 9.37
N THR B 184 16.40 -12.17 8.57
CA THR B 184 17.60 -11.89 7.80
C THR B 184 17.49 -10.58 7.01
N ARG B 185 16.33 -10.31 6.42
CA ARG B 185 16.18 -9.09 5.64
C ARG B 185 16.16 -7.86 6.54
N ILE B 186 15.74 -8.02 7.81
CA ILE B 186 15.65 -6.90 8.73
C ILE B 186 17.00 -6.61 9.37
N VAL B 187 17.74 -7.65 9.75
CA VAL B 187 19.03 -7.44 10.44
C VAL B 187 20.20 -7.24 9.48
N ALA B 188 20.21 -7.92 8.32
CA ALA B 188 21.28 -7.73 7.35
C ALA B 188 20.85 -6.96 6.09
N GLY B 189 19.57 -6.75 5.86
CA GLY B 189 19.14 -5.98 4.71
C GLY B 189 19.21 -6.69 3.37
N VAL B 190 19.27 -8.02 3.39
CA VAL B 190 19.60 -8.82 2.21
C VAL B 190 18.48 -9.80 1.93
N GLY B 191 18.10 -9.93 0.67
CA GLY B 191 17.11 -10.90 0.28
C GLY B 191 16.47 -10.54 -1.04
N VAL B 192 15.76 -11.51 -1.62
CA VAL B 192 15.10 -11.32 -2.90
C VAL B 192 13.66 -11.78 -2.74
N PRO B 193 12.67 -10.95 -3.04
CA PRO B 193 11.27 -11.40 -3.02
C PRO B 193 11.10 -12.75 -3.74
N GLN B 194 10.42 -13.68 -3.06
CA GLN B 194 10.54 -15.11 -3.39
C GLN B 194 9.93 -15.50 -4.76
N LEU B 195 8.95 -14.77 -5.30
CA LEU B 195 8.44 -15.19 -6.60
C LEU B 195 9.46 -14.90 -7.71
N THR B 196 9.98 -13.68 -7.74
CA THR B 196 11.08 -13.38 -8.66
C THR B 196 12.27 -14.31 -8.44
N ALA B 197 12.60 -14.61 -7.18
CA ALA B 197 13.75 -15.49 -6.91
C ALA B 197 13.53 -16.87 -7.51
N VAL B 198 12.36 -17.47 -7.29
CA VAL B 198 12.07 -18.80 -7.78
C VAL B 198 12.02 -18.81 -9.31
N MET B 199 11.34 -17.82 -9.89
CA MET B 199 11.22 -17.79 -11.34
C MET B 199 12.58 -17.67 -12.03
N ASP B 200 13.41 -16.72 -11.60
CA ASP B 200 14.72 -16.58 -12.24
C ASP B 200 15.61 -17.80 -11.99
N CYS B 201 15.55 -18.39 -10.79
CA CYS B 201 16.41 -19.53 -10.52
C CYS B 201 15.95 -20.76 -11.28
N ALA B 202 14.64 -21.01 -11.33
CA ALA B 202 14.13 -22.17 -12.05
C ALA B 202 14.44 -22.08 -13.53
N GLU B 203 14.35 -20.87 -14.10
CA GLU B 203 14.67 -20.68 -15.50
C GLU B 203 16.09 -21.13 -15.79
N GLU B 204 17.04 -20.74 -14.93
CA GLU B 204 18.42 -21.15 -15.12
C GLU B 204 18.62 -22.63 -14.80
N GLY B 205 17.94 -23.13 -13.76
CA GLY B 205 17.99 -24.53 -13.44
C GLY B 205 17.58 -25.38 -14.63
OH ALY B 206 9.15 -27.66 -13.08
CH ALY B 206 9.65 -27.51 -14.19
NZ ALY B 206 10.65 -26.66 -14.48
CE ALY B 206 11.73 -27.00 -15.40
CD ALY B 206 12.89 -26.01 -15.42
CG ALY B 206 13.54 -25.95 -16.79
CB ALY B 206 14.72 -24.97 -16.93
CA ALY B 206 16.00 -25.64 -16.47
N ALY B 206 16.54 -24.93 -15.34
C ALY B 206 17.02 -25.73 -17.57
O ALY B 206 17.07 -26.75 -18.27
N LYS B 207 17.85 -24.69 -17.74
CA LYS B 207 18.92 -24.73 -18.73
C LYS B 207 19.89 -25.87 -18.45
N LEU B 208 20.06 -26.21 -17.16
CA LEU B 208 21.06 -27.19 -16.74
C LEU B 208 20.48 -28.53 -16.37
N GLY B 209 19.16 -28.69 -16.34
CA GLY B 209 18.64 -29.93 -15.80
C GLY B 209 18.73 -30.06 -14.30
N ILE B 210 18.90 -28.96 -13.58
CA ILE B 210 18.95 -28.97 -12.12
C ILE B 210 17.64 -28.39 -11.59
N PRO B 211 16.88 -29.12 -10.77
CA PRO B 211 15.64 -28.56 -10.22
C PRO B 211 15.91 -27.62 -9.05
N VAL B 212 14.93 -26.77 -8.77
CA VAL B 212 14.99 -25.79 -7.69
C VAL B 212 13.80 -26.00 -6.76
N ILE B 213 14.01 -25.68 -5.50
CA ILE B 213 13.03 -25.84 -4.42
C ILE B 213 12.63 -24.45 -3.96
N ALA B 214 11.32 -24.22 -3.86
CA ALA B 214 10.78 -22.99 -3.29
C ALA B 214 10.69 -23.14 -1.77
N ASP B 215 11.62 -22.51 -1.05
CA ASP B 215 11.73 -22.66 0.39
C ASP B 215 11.33 -21.37 1.09
N GLY B 216 10.22 -21.39 1.82
CA GLY B 216 9.93 -20.29 2.71
C GLY B 216 8.88 -19.33 2.16
N GLY B 217 8.17 -18.67 3.07
CA GLY B 217 7.22 -17.66 2.70
C GLY B 217 5.88 -18.16 2.23
N LEU B 218 5.64 -19.47 2.21
CA LEU B 218 4.35 -19.99 1.76
C LEU B 218 3.38 -20.02 2.92
N LYS B 219 2.20 -19.44 2.72
N LYS B 219 2.19 -19.46 2.72
CA LYS B 219 1.18 -19.39 3.76
CA LYS B 219 1.19 -19.44 3.77
C LYS B 219 -0.07 -20.21 3.41
C LYS B 219 -0.07 -20.24 3.41
N TYR B 220 -0.50 -20.17 2.16
CA TYR B 220 -1.71 -20.83 1.71
C TYR B 220 -1.40 -21.82 0.60
N SER B 221 -2.35 -22.73 0.33
CA SER B 221 -2.19 -23.63 -0.81
C SER B 221 -1.96 -22.87 -2.12
N GLY B 222 -2.53 -21.67 -2.25
CA GLY B 222 -2.37 -20.92 -3.49
C GLY B 222 -0.94 -20.46 -3.73
N ASP B 223 -0.25 -20.02 -2.67
CA ASP B 223 1.17 -19.68 -2.79
C ASP B 223 1.97 -20.86 -3.35
N ILE B 224 1.65 -22.09 -2.91
CA ILE B 224 2.37 -23.25 -3.44
C ILE B 224 2.13 -23.38 -4.94
N VAL B 225 0.90 -23.16 -5.38
CA VAL B 225 0.59 -23.21 -6.80
C VAL B 225 1.46 -22.23 -7.57
N LYS B 226 1.55 -20.99 -7.10
CA LYS B 226 2.36 -19.96 -7.75
C LYS B 226 3.82 -20.38 -7.83
N ALA B 227 4.35 -20.98 -6.76
CA ALA B 227 5.76 -21.38 -6.74
C ALA B 227 6.06 -22.50 -7.72
N LEU B 228 5.18 -23.53 -7.79
CA LEU B 228 5.38 -24.57 -8.79
C LEU B 228 5.19 -24.03 -10.20
N ALA B 229 4.19 -23.17 -10.40
CA ALA B 229 3.99 -22.52 -11.70
C ALA B 229 5.17 -21.63 -12.06
N ALA B 230 5.81 -21.01 -11.07
CA ALA B 230 7.03 -20.27 -11.32
C ALA B 230 8.20 -21.19 -11.67
N GLY B 231 8.10 -22.47 -11.35
CA GLY B 231 9.12 -23.39 -11.84
C GLY B 231 9.74 -24.28 -10.79
N ALA B 232 9.42 -24.07 -9.52
CA ALA B 232 9.95 -24.94 -8.49
C ALA B 232 9.50 -26.38 -8.73
N CYS B 233 10.40 -27.33 -8.50
CA CYS B 233 10.05 -28.74 -8.50
C CYS B 233 9.35 -29.16 -7.21
N ALA B 234 9.55 -28.44 -6.11
CA ALA B 234 8.88 -28.74 -4.86
C ALA B 234 8.85 -27.49 -3.98
N ALA B 235 8.00 -27.53 -2.96
CA ALA B 235 7.84 -26.43 -2.02
C ALA B 235 8.15 -26.92 -0.63
N MET B 236 8.96 -26.17 0.12
CA MET B 236 9.34 -26.52 1.47
C MET B 236 8.73 -25.52 2.43
N MET B 237 8.20 -26.01 3.56
CA MET B 237 7.44 -25.19 4.48
C MET B 237 7.75 -25.53 5.93
N GLY B 238 7.76 -24.51 6.77
CA GLY B 238 7.87 -24.67 8.20
C GLY B 238 6.56 -24.33 8.87
N SER B 239 6.18 -23.06 8.78
CA SER B 239 4.96 -22.56 9.44
C SER B 239 3.76 -23.46 9.15
N ILE B 240 3.57 -23.84 7.88
CA ILE B 240 2.37 -24.58 7.52
C ILE B 240 2.34 -25.96 8.19
N PHE B 241 3.50 -26.53 8.52
CA PHE B 241 3.56 -27.85 9.15
C PHE B 241 3.78 -27.79 10.65
N ALA B 242 4.33 -26.67 11.15
CA ALA B 242 4.73 -26.57 12.55
C ALA B 242 3.56 -26.55 13.53
N GLY B 243 2.33 -26.38 13.06
CA GLY B 243 1.27 -26.48 14.03
C GLY B 243 0.71 -27.86 14.18
N CYS B 244 1.31 -28.82 13.51
CA CYS B 244 0.78 -30.17 13.43
C CYS B 244 1.30 -31.03 14.57
N GLU B 245 0.44 -31.95 15.02
CA GLU B 245 0.81 -32.87 16.09
C GLU B 245 2.09 -33.64 15.78
N GLU B 246 2.38 -33.88 14.49
CA GLU B 246 3.55 -34.66 14.09
C GLU B 246 4.85 -33.88 14.17
N ALA B 247 4.80 -32.57 14.34
CA ALA B 247 6.03 -31.83 14.48
C ALA B 247 6.48 -31.88 15.93
N PRO B 248 7.79 -31.82 16.19
CA PRO B 248 8.28 -31.96 17.57
C PRO B 248 7.74 -30.87 18.47
N GLY B 249 7.88 -31.09 19.76
CA GLY B 249 7.26 -30.19 20.73
C GLY B 249 5.85 -30.63 21.06
N ALA B 250 5.45 -30.37 22.31
CA ALA B 250 4.13 -30.74 22.77
C ALA B 250 3.11 -29.64 22.46
N ILE B 251 1.85 -30.05 22.41
CA ILE B 251 0.74 -29.14 22.21
C ILE B 251 0.41 -28.50 23.56
N GLU B 252 0.80 -27.24 23.73
CA GLU B 252 0.51 -26.50 24.95
C GLU B 252 -0.82 -25.77 24.84
N ILE B 253 -1.48 -25.60 25.98
CA ILE B 253 -2.75 -24.90 26.02
C ILE B 253 -2.61 -23.66 26.87
N TYR B 254 -2.94 -22.50 26.30
CA TYR B 254 -2.87 -21.24 27.02
C TYR B 254 -4.19 -20.51 26.87
N GLN B 255 -4.82 -20.18 27.99
CA GLN B 255 -6.10 -19.49 27.94
C GLN B 255 -7.11 -20.28 27.11
N GLY B 256 -7.16 -21.59 27.36
CA GLY B 256 -8.09 -22.47 26.70
C GLY B 256 -7.85 -22.73 25.22
N ARG B 257 -6.81 -22.14 24.63
CA ARG B 257 -6.48 -22.34 23.23
C ARG B 257 -5.16 -23.09 23.11
N SER B 258 -5.08 -23.97 22.11
CA SER B 258 -3.93 -24.84 21.94
C SER B 258 -2.92 -24.25 20.97
N TYR B 259 -1.65 -24.39 21.32
CA TYR B 259 -0.56 -23.77 20.60
C TYR B 259 0.58 -24.75 20.47
N LYS B 260 1.35 -24.60 19.40
CA LYS B 260 2.67 -25.20 19.28
C LYS B 260 3.68 -24.08 19.16
N VAL B 261 4.87 -24.29 19.72
CA VAL B 261 5.94 -23.30 19.65
C VAL B 261 6.70 -23.50 18.35
N TYR B 262 6.85 -22.41 17.59
CA TYR B 262 7.55 -22.41 16.31
C TYR B 262 8.63 -21.37 16.37
N ARG B 263 9.83 -21.70 15.90
CA ARG B 263 10.94 -20.77 16.02
C ARG B 263 11.89 -20.93 14.85
N GLY B 264 12.59 -19.85 14.50
CA GLY B 264 13.63 -19.94 13.51
C GLY B 264 14.88 -20.62 14.05
N MET B 265 15.64 -21.24 13.15
CA MET B 265 16.89 -21.83 13.59
C MET B 265 18.01 -20.82 13.73
N GLY B 266 17.79 -19.58 13.30
CA GLY B 266 18.65 -18.45 13.63
C GLY B 266 18.22 -17.67 14.86
N SER B 267 17.15 -18.09 15.52
CA SER B 267 16.69 -17.45 16.73
C SER B 267 17.61 -17.79 17.91
N LEU B 268 17.53 -16.99 18.96
CA LEU B 268 18.34 -17.26 20.16
C LEU B 268 17.99 -18.62 20.76
N GLY B 269 16.71 -19.00 20.75
CA GLY B 269 16.31 -20.26 21.36
C GLY B 269 16.91 -21.48 20.66
N ALA B 270 16.80 -21.53 19.33
CA ALA B 270 17.33 -22.67 18.61
C ALA B 270 18.84 -22.79 18.77
N MET B 271 19.55 -21.67 18.90
CA MET B 271 21.00 -21.69 18.91
C MET B 271 21.60 -21.93 20.30
N ALA B 272 20.79 -22.08 21.33
CA ALA B 272 21.33 -22.39 22.66
C ALA B 272 21.84 -23.84 22.70
N PHE B 287 27.79 -14.36 17.10
CA PHE B 287 26.93 -14.12 15.95
C PHE B 287 25.52 -13.66 16.35
N VAL B 288 24.96 -12.82 15.50
CA VAL B 288 23.75 -12.07 15.82
C VAL B 288 22.53 -12.86 15.30
N PRO B 289 21.43 -12.93 16.05
CA PRO B 289 20.29 -13.75 15.61
C PRO B 289 19.68 -13.24 14.32
N GLU B 290 19.14 -14.20 13.54
CA GLU B 290 18.42 -13.91 12.30
C GLU B 290 17.07 -14.62 12.25
N GLY B 291 16.52 -14.94 13.42
CA GLY B 291 15.18 -15.51 13.49
C GLY B 291 14.52 -15.14 14.79
N VAL B 292 13.21 -15.33 14.82
CA VAL B 292 12.40 -15.05 15.99
C VAL B 292 11.80 -16.37 16.46
N GLU B 293 11.12 -16.32 17.62
CA GLU B 293 10.57 -17.51 18.25
C GLU B 293 9.21 -17.17 18.83
N GLY B 294 8.23 -18.00 18.54
CA GLY B 294 6.88 -17.68 18.94
C GLY B 294 5.98 -18.90 19.00
N ARG B 295 4.67 -18.64 18.99
CA ARG B 295 3.65 -19.66 19.11
C ARG B 295 2.68 -19.55 17.95
N ILE B 296 2.35 -20.69 17.35
CA ILE B 296 1.29 -20.75 16.35
C ILE B 296 0.19 -21.65 16.89
N ALA B 297 -0.97 -21.59 16.24
CA ALA B 297 -2.10 -22.38 16.67
C ALA B 297 -1.93 -23.83 16.24
N TYR B 298 -2.23 -24.75 17.15
CA TYR B 298 -2.29 -26.17 16.83
C TYR B 298 -3.30 -26.40 15.71
N LYS B 299 -2.85 -27.11 14.68
CA LYS B 299 -3.60 -27.40 13.47
C LYS B 299 -4.13 -28.81 13.35
N GLY B 300 -3.71 -29.71 14.21
CA GLY B 300 -4.14 -31.09 14.15
C GLY B 300 -3.15 -32.01 13.49
N HIS B 301 -3.67 -32.96 12.71
CA HIS B 301 -2.83 -34.00 12.12
C HIS B 301 -2.29 -33.52 10.78
N LEU B 302 -1.05 -33.90 10.48
CA LEU B 302 -0.46 -33.54 9.19
C LEU B 302 -1.35 -33.94 8.04
N ALA B 303 -2.02 -35.08 8.16
CA ALA B 303 -2.79 -35.61 7.04
C ALA B 303 -3.91 -34.68 6.64
N ASP B 304 -4.53 -33.98 7.60
CA ASP B 304 -5.61 -33.07 7.25
C ASP B 304 -5.07 -31.79 6.60
N THR B 305 -3.91 -31.32 7.04
CA THR B 305 -3.29 -30.17 6.37
C THR B 305 -2.89 -30.51 4.93
N ILE B 306 -2.28 -31.69 4.72
CA ILE B 306 -1.82 -32.06 3.38
C ILE B 306 -3.00 -32.18 2.42
N TYR B 307 -4.12 -32.72 2.92
CA TYR B 307 -5.32 -32.86 2.11
C TYR B 307 -5.81 -31.51 1.58
N GLN B 308 -5.80 -30.48 2.41
CA GLN B 308 -6.22 -29.16 1.92
C GLN B 308 -5.19 -28.58 0.96
N LEU B 309 -3.90 -28.69 1.29
CA LEU B 309 -2.85 -28.23 0.37
C LEU B 309 -2.97 -28.91 -0.99
N ILE B 310 -3.08 -30.24 -0.99
CA ILE B 310 -3.12 -30.97 -2.25
C ILE B 310 -4.40 -30.61 -3.02
N GLY B 311 -5.52 -30.47 -2.30
CA GLY B 311 -6.74 -30.04 -2.95
C GLY B 311 -6.61 -28.67 -3.60
N GLY B 312 -5.91 -27.75 -2.94
CA GLY B 312 -5.70 -26.43 -3.51
C GLY B 312 -4.85 -26.47 -4.77
N ILE B 313 -3.79 -27.29 -4.76
CA ILE B 313 -2.94 -27.40 -5.94
C ILE B 313 -3.70 -28.02 -7.11
N LYS B 314 -4.50 -29.06 -6.84
CA LYS B 314 -5.30 -29.67 -7.90
C LYS B 314 -6.34 -28.71 -8.47
N SER B 315 -6.94 -27.88 -7.62
CA SER B 315 -7.79 -26.80 -8.10
C SER B 315 -7.02 -25.90 -9.07
N GLY B 316 -5.88 -25.37 -8.63
CA GLY B 316 -5.13 -24.43 -9.45
C GLY B 316 -4.74 -25.00 -10.80
N MET B 317 -4.32 -26.27 -10.83
CA MET B 317 -3.98 -26.87 -12.10
C MET B 317 -5.21 -27.07 -12.98
N GLY B 318 -6.35 -27.43 -12.39
CA GLY B 318 -7.57 -27.47 -13.19
C GLY B 318 -7.88 -26.14 -13.84
N TYR B 319 -7.73 -25.03 -13.09
CA TYR B 319 -7.97 -23.69 -13.63
C TYR B 319 -7.02 -23.38 -14.78
N LEU B 320 -5.81 -23.91 -14.72
CA LEU B 320 -4.79 -23.62 -15.72
C LEU B 320 -4.68 -24.70 -16.78
N GLY B 321 -5.51 -25.73 -16.71
CA GLY B 321 -5.55 -26.73 -17.77
C GLY B 321 -4.38 -27.67 -17.77
N ALA B 322 -3.67 -27.78 -16.65
CA ALA B 322 -2.41 -28.53 -16.58
C ALA B 322 -2.66 -29.90 -15.96
N PRO B 323 -2.44 -31.00 -16.69
CA PRO B 323 -2.55 -32.32 -16.05
C PRO B 323 -1.29 -32.75 -15.32
N THR B 324 -0.17 -32.08 -15.53
CA THR B 324 1.07 -32.37 -14.84
C THR B 324 1.71 -31.07 -14.41
N LEU B 325 2.70 -31.18 -13.52
CA LEU B 325 3.40 -30.00 -13.05
C LEU B 325 4.21 -29.35 -14.15
N GLU B 326 4.68 -30.15 -15.12
CA GLU B 326 5.41 -29.57 -16.24
C GLU B 326 4.49 -28.68 -17.07
N ASN B 327 3.28 -29.16 -17.33
CA ASN B 327 2.30 -28.38 -18.09
C ASN B 327 1.92 -27.11 -17.36
N LEU B 328 1.85 -27.14 -16.02
CA LEU B 328 1.56 -25.93 -15.28
C LEU B 328 2.63 -24.87 -15.49
N TYR B 329 3.90 -25.24 -15.33
CA TYR B 329 5.00 -24.31 -15.60
C TYR B 329 4.92 -23.76 -17.03
N GLU B 330 4.77 -24.63 -18.02
CA GLU B 330 4.80 -24.19 -19.40
C GLU B 330 3.57 -23.39 -19.81
N ASN B 331 2.54 -23.30 -18.95
CA ASN B 331 1.33 -22.54 -19.31
C ASN B 331 0.95 -21.50 -18.25
N ALA B 332 1.83 -21.19 -17.33
CA ALA B 332 1.54 -20.22 -16.28
C ALA B 332 1.81 -18.81 -16.78
N ASN B 333 0.80 -17.95 -16.68
CA ASN B 333 0.97 -16.52 -16.90
C ASN B 333 0.49 -15.81 -15.65
N PHE B 334 1.34 -14.93 -15.13
CA PHE B 334 1.01 -14.12 -13.98
C PHE B 334 0.54 -12.72 -14.40
N VAL B 335 -0.35 -12.14 -13.61
CA VAL B 335 -0.56 -10.69 -13.63
C VAL B 335 -0.15 -10.17 -12.25
N VAL B 336 0.40 -8.96 -12.21
CA VAL B 336 0.72 -8.29 -10.95
C VAL B 336 -0.51 -7.54 -10.46
N GLN B 337 -0.83 -7.69 -9.18
CA GLN B 337 -1.92 -6.96 -8.55
C GLN B 337 -1.39 -5.94 -7.54
N THR B 338 -2.14 -4.86 -7.36
CA THR B 338 -1.77 -3.82 -6.41
C THR B 338 -2.26 -4.22 -5.02
N SER B 339 -1.97 -3.35 -4.03
CA SER B 339 -2.56 -3.47 -2.71
C SER B 339 -4.08 -3.62 -2.78
N ALA B 340 -4.73 -2.77 -3.57
CA ALA B 340 -6.19 -2.85 -3.71
C ALA B 340 -6.64 -4.19 -4.30
N GLY B 341 -5.87 -4.78 -5.22
CA GLY B 341 -6.20 -6.11 -5.70
C GLY B 341 -5.98 -7.19 -4.65
N PHE B 342 -4.98 -7.00 -3.77
CA PHE B 342 -4.76 -7.88 -2.64
C PHE B 342 -6.00 -7.95 -1.75
N ARG B 343 -6.54 -6.78 -1.37
CA ARG B 343 -7.79 -6.73 -0.62
C ARG B 343 -8.91 -7.47 -1.33
N GLU B 344 -9.05 -7.27 -2.65
CA GLU B 344 -10.09 -7.99 -3.38
C GLU B 344 -9.86 -9.50 -3.40
N SER B 345 -8.58 -9.94 -3.44
CA SER B 345 -8.26 -11.37 -3.58
C SER B 345 -8.43 -12.17 -2.29
N HIS B 346 -8.60 -11.48 -1.17
CA HIS B 346 -8.86 -12.14 0.08
C HIS B 346 -10.31 -11.82 0.44
N PRO B 347 -10.91 -12.66 1.25
CA PRO B 347 -12.27 -12.40 1.69
C PRO B 347 -12.33 -11.02 2.33
N HIS B 348 -13.37 -10.26 1.99
CA HIS B 348 -13.50 -8.91 2.45
C HIS B 348 -14.92 -8.48 2.75
N ASP B 349 -15.07 -7.48 3.62
CA ASP B 349 -16.37 -6.95 4.02
C ASP B 349 -17.30 -8.06 4.48
N ILE B 350 -16.79 -8.91 5.35
CA ILE B 350 -17.51 -10.09 5.81
C ILE B 350 -17.00 -10.43 7.20
N ASN B 351 -17.91 -10.65 8.15
CA ASN B 351 -17.54 -11.11 9.50
C ASN B 351 -17.50 -12.63 9.48
N ILE B 352 -16.33 -13.19 9.20
CA ILE B 352 -16.18 -14.63 9.05
C ILE B 352 -16.38 -15.31 10.39
N THR B 353 -17.34 -16.24 10.45
CA THR B 353 -17.58 -16.98 11.69
C THR B 353 -16.98 -18.37 11.62
N LYS B 354 -17.62 -19.25 10.86
CA LYS B 354 -17.20 -20.62 10.78
C LYS B 354 -15.79 -20.76 10.26
N GLU B 355 -15.07 -21.70 10.86
CA GLU B 355 -13.71 -21.99 10.47
C GLU B 355 -13.66 -22.61 9.09
N ALA B 356 -12.67 -22.23 8.29
CA ALA B 356 -12.49 -22.78 6.96
C ALA B 356 -11.23 -23.60 7.10
N PRO B 357 -11.25 -24.83 6.61
CA PRO B 357 -10.07 -25.72 6.77
C PRO B 357 -8.85 -25.33 5.92
N ASN B 358 -8.98 -24.38 4.98
CA ASN B 358 -7.86 -23.93 4.17
C ASN B 358 -7.72 -22.41 4.15
N TYR B 359 -8.41 -21.69 5.02
CA TYR B 359 -8.18 -20.26 5.12
C TYR B 359 -8.14 -19.79 6.58
N SER C 1 -16.54 0.30 -32.56
CA SER C 1 -15.54 1.30 -32.91
C SER C 1 -14.45 1.36 -31.84
N ASN C 2 -13.55 2.35 -31.95
CA ASN C 2 -12.58 2.61 -30.88
C ASN C 2 -13.23 3.22 -29.63
N ALA C 3 -14.53 3.49 -29.65
CA ALA C 3 -15.23 4.09 -28.52
C ALA C 3 -15.37 3.05 -27.42
N MET C 4 -14.51 3.13 -26.41
CA MET C 4 -14.49 2.18 -25.30
C MET C 4 -13.79 2.87 -24.13
N ALA C 5 -13.90 2.25 -22.95
CA ALA C 5 -13.20 2.78 -21.79
C ALA C 5 -11.70 2.71 -21.99
N ARG C 6 -10.99 3.67 -21.39
CA ARG C 6 -9.54 3.75 -21.46
C ARG C 6 -8.98 4.07 -20.08
N ILE C 7 -7.78 3.58 -19.83
CA ILE C 7 -7.01 3.94 -18.65
C ILE C 7 -5.94 4.92 -19.10
N LEU C 8 -6.07 6.18 -18.70
CA LEU C 8 -5.22 7.23 -19.24
C LEU C 8 -3.83 7.26 -18.62
N LYS C 9 -3.73 7.10 -17.30
CA LYS C 9 -2.48 7.33 -16.60
C LYS C 9 -2.63 7.04 -15.12
N THR C 10 -1.53 7.16 -14.38
CA THR C 10 -1.56 7.19 -12.93
C THR C 10 -1.59 8.65 -12.48
N ALA C 11 -2.47 8.97 -11.53
CA ALA C 11 -2.65 10.33 -11.03
C ALA C 11 -2.40 10.37 -9.53
N TYR C 12 -1.86 11.50 -9.04
CA TYR C 12 -1.29 11.58 -7.70
C TYR C 12 -2.06 12.55 -6.80
N THR C 13 -2.05 12.25 -5.49
CA THR C 13 -2.53 13.19 -4.51
C THR C 13 -1.35 13.65 -3.66
N PHE C 14 -1.61 14.54 -2.68
CA PHE C 14 -0.51 15.22 -2.00
C PHE C 14 0.41 14.24 -1.30
N ASP C 15 -0.15 13.20 -0.68
CA ASP C 15 0.72 12.30 0.07
C ASP C 15 1.56 11.41 -0.83
N ASP C 16 1.31 11.40 -2.15
CA ASP C 16 2.16 10.67 -3.10
C ASP C 16 3.50 11.34 -3.35
N VAL C 17 3.65 12.63 -3.01
CA VAL C 17 4.78 13.43 -3.49
C VAL C 17 5.43 14.22 -2.35
N LEU C 18 6.71 14.57 -2.58
CA LEU C 18 7.46 15.47 -1.72
C LEU C 18 8.19 16.47 -2.60
N LEU C 19 8.40 17.68 -2.08
CA LEU C 19 9.16 18.70 -2.80
C LEU C 19 10.66 18.58 -2.50
N VAL C 20 11.46 18.71 -3.55
CA VAL C 20 12.92 18.63 -3.42
C VAL C 20 13.43 20.00 -2.96
N PRO C 21 14.28 20.06 -1.93
CA PRO C 21 14.90 21.35 -1.58
C PRO C 21 15.71 21.91 -2.74
N ASN C 22 15.66 23.24 -2.89
CA ASN C 22 16.52 23.99 -3.81
C ASN C 22 17.55 24.74 -3.01
N LYS C 23 18.66 25.06 -3.68
CA LYS C 23 19.55 26.10 -3.19
C LYS C 23 18.75 27.34 -2.82
N SER C 24 18.97 27.86 -1.60
CA SER C 24 18.17 28.98 -1.11
C SER C 24 19.04 30.12 -0.62
N GLU C 25 18.61 31.34 -0.93
CA GLU C 25 19.18 32.55 -0.36
C GLU C 25 18.19 33.25 0.54
N VAL C 26 17.06 32.62 0.83
CA VAL C 26 15.93 33.25 1.48
C VAL C 26 15.50 32.40 2.67
N LEU C 27 15.27 33.05 3.81
CA LEU C 27 14.83 32.42 5.05
C LEU C 27 13.32 32.61 5.22
N PRO C 28 12.67 31.80 6.04
CA PRO C 28 11.20 31.82 6.06
C PRO C 28 10.58 33.14 6.48
N ASN C 29 11.30 33.96 7.24
CA ASN C 29 10.79 35.27 7.63
C ASN C 29 10.97 36.33 6.56
N GLU C 30 11.53 35.96 5.40
CA GLU C 30 11.81 36.91 4.34
C GLU C 30 10.91 36.72 3.12
N VAL C 31 10.05 35.70 3.11
CA VAL C 31 9.25 35.40 1.93
C VAL C 31 7.92 36.14 2.02
N SER C 32 7.27 36.30 0.87
CA SER C 32 5.99 36.98 0.80
C SER C 32 4.91 36.03 0.31
N LEU C 33 3.75 36.07 0.98
CA LEU C 33 2.65 35.16 0.71
C LEU C 33 1.50 35.81 -0.07
N LYS C 34 1.70 37.02 -0.60
CA LYS C 34 0.64 37.68 -1.35
C LYS C 34 0.29 36.89 -2.60
N THR C 35 -0.99 36.87 -2.95
CA THR C 35 -1.46 36.12 -4.10
C THR C 35 -2.66 36.83 -4.73
N GLN C 36 -2.88 36.58 -6.03
CA GLN C 36 -4.00 37.14 -6.79
C GLN C 36 -5.07 36.06 -6.91
N LEU C 37 -6.22 36.29 -6.29
CA LEU C 37 -7.29 35.32 -6.36
C LEU C 37 -8.01 35.41 -7.70
N THR C 38 -8.25 36.64 -8.17
CA THR C 38 -8.54 36.96 -9.55
C THR C 38 -7.65 38.14 -9.93
N LYS C 39 -7.76 38.60 -11.18
CA LYS C 39 -6.99 39.76 -11.61
C LYS C 39 -7.19 40.94 -10.68
N LYS C 40 -8.36 41.07 -10.08
CA LYS C 40 -8.72 42.25 -9.29
C LYS C 40 -8.57 42.09 -7.79
N ILE C 41 -8.56 40.86 -7.27
CA ILE C 41 -8.61 40.61 -5.83
C ILE C 41 -7.29 40.02 -5.40
N GLN C 42 -6.57 40.74 -4.57
CA GLN C 42 -5.35 40.26 -3.96
C GLN C 42 -5.64 39.75 -2.56
N LEU C 43 -4.90 38.73 -2.13
CA LEU C 43 -4.98 38.20 -0.77
C LEU C 43 -3.59 38.30 -0.15
N ASN C 44 -3.53 38.67 1.14
CA ASN C 44 -2.24 38.72 1.81
C ASN C 44 -1.71 37.33 2.11
N ILE C 45 -2.59 36.34 2.24
CA ILE C 45 -2.20 34.94 2.41
C ILE C 45 -3.12 34.07 1.56
N PRO C 46 -2.62 32.96 0.98
CA PRO C 46 -3.39 32.20 -0.03
C PRO C 46 -4.33 31.16 0.55
N LEU C 47 -5.21 31.59 1.47
CA LEU C 47 -6.04 30.67 2.21
C LEU C 47 -7.50 31.09 2.14
N MET C 48 -8.37 30.12 1.87
CA MET C 48 -9.80 30.37 1.88
C MET C 48 -10.49 29.33 2.74
N SER C 49 -11.50 29.77 3.48
CA SER C 49 -12.35 28.85 4.21
C SER C 49 -13.55 28.46 3.36
N ALA C 50 -13.93 27.18 3.46
CA ALA C 50 -14.87 26.56 2.52
C ALA C 50 -16.30 27.05 2.74
N SER C 51 -17.06 27.05 1.65
CA SER C 51 -18.44 27.55 1.70
C SER C 51 -19.39 26.43 2.17
N MET C 52 -19.33 26.14 3.47
CA MET C 52 -20.11 25.07 4.09
C MET C 52 -20.78 25.56 5.37
N ASP C 53 -21.88 24.91 5.73
CA ASP C 53 -22.65 25.41 6.86
C ASP C 53 -22.06 24.97 8.19
N THR C 54 -20.93 24.26 8.19
CA THR C 54 -20.15 24.01 9.38
C THR C 54 -18.79 24.71 9.33
N VAL C 55 -18.56 25.58 8.34
CA VAL C 55 -17.26 26.22 8.18
C VAL C 55 -17.32 27.75 8.10
N THR C 56 -18.14 28.31 7.21
CA THR C 56 -18.08 29.76 6.96
C THR C 56 -19.48 30.40 6.99
N GLU C 57 -19.76 31.15 8.05
CA GLU C 57 -20.70 32.27 7.93
C GLU C 57 -19.97 33.57 8.29
N SER C 58 -20.72 34.64 8.60
CA SER C 58 -20.06 35.95 8.67
C SER C 58 -18.96 35.98 9.74
N LYS C 59 -19.14 35.23 10.84
CA LYS C 59 -18.11 35.19 11.87
C LYS C 59 -16.79 34.66 11.32
N MET C 60 -16.84 33.55 10.57
CA MET C 60 -15.64 32.99 9.94
C MET C 60 -15.07 33.93 8.87
N ALA C 61 -15.93 34.51 8.04
CA ALA C 61 -15.42 35.35 6.96
C ALA C 61 -14.75 36.59 7.53
N ILE C 62 -15.31 37.17 8.59
CA ILE C 62 -14.68 38.32 9.24
C ILE C 62 -13.28 37.96 9.72
N ALA C 63 -13.13 36.81 10.38
CA ALA C 63 -11.84 36.43 10.93
C ALA C 63 -10.83 36.07 9.83
N MET C 64 -11.28 35.38 8.76
CA MET C 64 -10.38 35.08 7.63
C MET C 64 -9.87 36.37 6.98
N ALA C 65 -10.78 37.31 6.69
CA ALA C 65 -10.36 38.57 6.08
C ALA C 65 -9.33 39.29 6.95
N ARG C 66 -9.58 39.37 8.26
CA ARG C 66 -8.62 40.01 9.16
C ARG C 66 -7.27 39.31 9.15
N GLU C 67 -7.24 38.00 8.88
CA GLU C 67 -5.99 37.26 8.83
C GLU C 67 -5.25 37.41 7.51
N GLY C 68 -5.91 37.95 6.48
CA GLY C 68 -5.30 38.09 5.17
C GLY C 68 -5.89 37.20 4.10
N GLY C 69 -6.79 36.30 4.46
CA GLY C 69 -7.43 35.40 3.53
C GLY C 69 -8.83 35.85 3.20
N ILE C 70 -9.70 34.89 2.90
CA ILE C 70 -11.08 35.21 2.54
C ILE C 70 -11.95 34.02 2.92
N GLY C 71 -13.19 34.32 3.30
CA GLY C 71 -14.20 33.30 3.62
C GLY C 71 -15.32 33.37 2.60
N ILE C 72 -15.83 32.20 2.20
CA ILE C 72 -16.92 32.08 1.21
C ILE C 72 -18.17 31.69 1.98
N ILE C 73 -19.08 32.65 2.18
CA ILE C 73 -20.31 32.37 2.95
C ILE C 73 -21.21 31.39 2.20
N HIS C 74 -21.64 30.34 2.90
CA HIS C 74 -22.39 29.26 2.26
C HIS C 74 -23.81 29.72 1.91
N LYS C 75 -24.46 28.94 1.05
CA LYS C 75 -25.77 29.26 0.49
C LYS C 75 -26.88 28.38 1.03
N ASN C 76 -26.61 27.58 2.06
CA ASN C 76 -27.61 26.72 2.68
C ASN C 76 -28.46 27.52 3.67
N MET C 77 -29.07 28.57 3.15
CA MET C 77 -29.83 29.57 3.89
C MET C 77 -30.57 30.42 2.86
N THR C 78 -31.54 31.20 3.34
CA THR C 78 -32.33 32.01 2.41
C THR C 78 -31.45 33.06 1.73
N ILE C 79 -31.97 33.56 0.60
CA ILE C 79 -31.31 34.65 -0.11
C ILE C 79 -31.10 35.84 0.81
N GLU C 80 -32.14 36.23 1.56
N GLU C 80 -32.14 36.22 1.56
CA GLU C 80 -32.02 37.42 2.41
CA GLU C 80 -32.05 37.40 2.42
C GLU C 80 -31.01 37.20 3.54
C GLU C 80 -31.02 37.20 3.51
N ASP C 81 -31.04 36.03 4.17
CA ASP C 81 -30.07 35.74 5.22
C ASP C 81 -28.64 35.82 4.70
N GLN C 82 -28.39 35.34 3.48
CA GLN C 82 -27.01 35.32 3.00
C GLN C 82 -26.52 36.71 2.65
N ALA C 83 -27.41 37.54 2.10
CA ALA C 83 -27.07 38.95 1.89
C ALA C 83 -26.72 39.63 3.22
N ARG C 84 -27.51 39.38 4.26
CA ARG C 84 -27.21 39.99 5.56
C ARG C 84 -25.89 39.47 6.13
N GLU C 85 -25.59 38.17 5.98
CA GLU C 85 -24.27 37.65 6.35
C GLU C 85 -23.15 38.39 5.62
N VAL C 86 -23.27 38.50 4.28
CA VAL C 86 -22.32 39.30 3.51
C VAL C 86 -22.30 40.73 4.02
N ASP C 87 -23.47 41.31 4.30
CA ASP C 87 -23.55 42.69 4.78
C ASP C 87 -22.84 42.85 6.13
N ARG C 88 -22.98 41.87 7.02
CA ARG C 88 -22.32 41.97 8.32
C ARG C 88 -20.80 42.03 8.17
N VAL C 89 -20.25 41.28 7.20
CA VAL C 89 -18.80 41.30 6.99
C VAL C 89 -18.35 42.64 6.41
N LYS C 90 -19.10 43.19 5.46
CA LYS C 90 -18.68 44.40 4.78
C LYS C 90 -18.72 45.60 5.71
N ARG C 91 -19.64 45.59 6.66
CA ARG C 91 -19.78 46.65 7.65
C ARG C 91 -18.91 46.43 8.87
N SER C 92 -18.10 45.36 8.89
CA SER C 92 -17.05 45.21 9.88
C SER C 92 -15.75 45.81 9.43
N GLY C 93 -15.81 46.91 8.69
CA GLY C 93 -14.63 47.58 8.20
C GLY C 93 -14.28 47.28 6.77
N GLY C 94 -15.25 46.95 5.92
CA GLY C 94 -14.95 46.68 4.53
C GLY C 94 -14.04 45.47 4.35
N LEU C 95 -14.25 44.43 5.12
CA LEU C 95 -13.46 43.23 4.95
C LEU C 95 -13.88 42.48 3.68
N LEU C 96 -12.89 41.84 3.07
CA LEU C 96 -13.12 40.97 1.92
C LEU C 96 -14.15 39.89 2.24
N CYS C 97 -15.01 39.59 1.26
CA CYS C 97 -16.09 38.63 1.45
C CYS C 97 -16.48 37.95 0.14
N GLY C 98 -16.64 36.64 0.20
CA GLY C 98 -17.23 35.90 -0.91
C GLY C 98 -18.55 35.27 -0.52
N ALA C 99 -19.35 34.85 -1.50
CA ALA C 99 -20.58 34.13 -1.21
C ALA C 99 -20.80 33.05 -2.25
N SER C 100 -21.36 31.93 -1.80
CA SER C 100 -21.59 30.77 -2.66
C SER C 100 -22.92 30.91 -3.42
N ILE C 101 -22.93 30.46 -4.67
CA ILE C 101 -24.11 30.50 -5.53
C ILE C 101 -24.22 29.13 -6.21
N GLY C 102 -25.44 28.61 -6.30
CA GLY C 102 -25.71 27.35 -6.95
C GLY C 102 -26.42 27.55 -8.28
N VAL C 103 -26.45 26.49 -9.08
CA VAL C 103 -27.18 26.50 -10.36
C VAL C 103 -28.61 26.11 -10.01
N THR C 104 -29.43 27.13 -9.73
CA THR C 104 -30.78 26.98 -9.21
C THR C 104 -31.70 27.90 -10.00
N ASN C 105 -33.01 27.70 -9.85
CA ASN C 105 -33.93 28.60 -10.55
C ASN C 105 -33.84 30.02 -10.03
N ASP C 106 -33.42 30.22 -8.78
CA ASP C 106 -33.35 31.55 -8.19
C ASP C 106 -31.92 32.12 -8.16
N MET C 107 -31.03 31.59 -8.99
CA MET C 107 -29.62 31.95 -8.85
C MET C 107 -29.38 33.44 -9.15
N MET C 108 -30.06 34.00 -10.14
CA MET C 108 -29.83 35.42 -10.39
C MET C 108 -30.36 36.27 -9.25
N GLU C 109 -31.47 35.85 -8.61
CA GLU C 109 -31.96 36.58 -7.45
C GLU C 109 -30.96 36.53 -6.30
N ARG C 110 -30.30 35.38 -6.09
CA ARG C 110 -29.27 35.30 -5.06
C ARG C 110 -28.10 36.20 -5.39
N VAL C 111 -27.65 36.19 -6.66
CA VAL C 111 -26.57 37.07 -7.10
C VAL C 111 -26.93 38.53 -6.86
N ASP C 112 -28.14 38.93 -7.28
CA ASP C 112 -28.62 40.29 -7.07
C ASP C 112 -28.48 40.72 -5.62
N ALA C 113 -28.91 39.85 -4.70
CA ALA C 113 -28.89 40.21 -3.29
C ALA C 113 -27.46 40.36 -2.77
N VAL C 114 -26.57 39.42 -3.07
CA VAL C 114 -25.24 39.56 -2.48
C VAL C 114 -24.44 40.68 -3.16
N VAL C 115 -24.81 41.06 -4.38
CA VAL C 115 -24.14 42.20 -5.01
C VAL C 115 -24.56 43.50 -4.35
N LYS C 116 -25.85 43.64 -4.06
CA LYS C 116 -26.32 44.82 -3.36
C LYS C 116 -25.66 44.93 -1.99
N ALA C 117 -25.39 43.78 -1.33
CA ALA C 117 -24.61 43.81 -0.10
C ALA C 117 -23.12 44.05 -0.33
N LYS C 118 -22.71 44.23 -1.59
CA LYS C 118 -21.34 44.61 -1.96
C LYS C 118 -20.37 43.45 -1.74
N VAL C 119 -20.77 42.24 -2.11
CA VAL C 119 -19.87 41.10 -2.05
C VAL C 119 -18.72 41.32 -3.04
N ASP C 120 -17.53 40.85 -2.69
CA ASP C 120 -16.40 41.06 -3.56
C ASP C 120 -16.22 39.97 -4.60
N VAL C 121 -16.75 38.77 -4.34
CA VAL C 121 -16.53 37.66 -5.26
C VAL C 121 -17.63 36.63 -5.05
N ILE C 122 -18.11 36.08 -6.16
CA ILE C 122 -19.15 35.05 -6.23
C ILE C 122 -18.47 33.72 -6.53
N VAL C 123 -18.92 32.66 -5.87
CA VAL C 123 -18.45 31.31 -6.19
C VAL C 123 -19.65 30.56 -6.74
N LEU C 124 -19.68 30.36 -8.06
CA LEU C 124 -20.64 29.45 -8.68
C LEU C 124 -20.15 28.04 -8.38
N ASP C 125 -20.74 27.45 -7.34
CA ASP C 125 -20.30 26.20 -6.73
C ASP C 125 -21.30 25.12 -7.06
N THR C 126 -20.82 24.02 -7.63
CA THR C 126 -21.70 22.91 -7.99
C THR C 126 -20.88 21.63 -8.02
N ALA C 127 -21.55 20.50 -7.75
CA ALA C 127 -20.87 19.21 -7.74
C ALA C 127 -20.08 18.96 -9.03
N HIS C 128 -20.65 19.34 -10.17
CA HIS C 128 -19.97 19.16 -11.43
C HIS C 128 -19.94 20.49 -12.16
N GLY C 129 -18.80 21.18 -12.14
CA GLY C 129 -18.70 22.49 -12.77
C GLY C 129 -18.55 22.47 -14.28
N HIS C 130 -18.11 21.35 -14.86
CA HIS C 130 -17.90 21.28 -16.31
C HIS C 130 -19.21 20.87 -17.01
N SER C 131 -20.18 21.78 -16.96
CA SER C 131 -21.56 21.41 -17.29
C SER C 131 -22.25 22.59 -17.95
N LYS C 132 -23.28 22.28 -18.75
CA LYS C 132 -24.02 23.34 -19.40
C LYS C 132 -24.53 24.36 -18.37
N GLY C 133 -25.09 23.87 -17.26
CA GLY C 133 -25.65 24.77 -16.26
C GLY C 133 -24.65 25.81 -15.79
N VAL C 134 -23.43 25.39 -15.45
CA VAL C 134 -22.44 26.33 -14.93
C VAL C 134 -21.90 27.21 -16.06
N ILE C 135 -21.63 26.64 -17.23
CA ILE C 135 -21.19 27.46 -18.35
C ILE C 135 -22.22 28.54 -18.65
N GLU C 136 -23.49 28.14 -18.78
CA GLU C 136 -24.52 29.13 -19.07
C GLU C 136 -24.74 30.06 -17.88
N GLY C 137 -24.56 29.57 -16.67
CA GLY C 137 -24.79 30.42 -15.51
C GLY C 137 -23.78 31.53 -15.41
N VAL C 138 -22.49 31.20 -15.56
CA VAL C 138 -21.44 32.22 -15.63
C VAL C 138 -21.69 33.21 -16.76
N LYS C 139 -22.17 32.73 -17.92
CA LYS C 139 -22.46 33.66 -19.01
C LYS C 139 -23.55 34.66 -18.60
N ARG C 140 -24.63 34.16 -18.01
CA ARG C 140 -25.71 35.04 -17.58
C ARG C 140 -25.23 36.05 -16.54
N ILE C 141 -24.47 35.58 -15.55
CA ILE C 141 -23.99 36.45 -14.48
C ILE C 141 -23.09 37.55 -15.03
N LYS C 142 -22.11 37.18 -15.87
CA LYS C 142 -21.19 38.20 -16.38
C LYS C 142 -21.87 39.16 -17.34
N ALA C 143 -22.95 38.73 -18.01
CA ALA C 143 -23.64 39.68 -18.89
C ALA C 143 -24.36 40.75 -18.10
N LYS C 144 -24.83 40.44 -16.89
CA LYS C 144 -25.57 41.41 -16.10
C LYS C 144 -24.68 42.18 -15.15
N TYR C 145 -23.61 41.56 -14.67
CA TYR C 145 -22.61 42.21 -13.82
C TYR C 145 -21.23 41.95 -14.40
N PRO C 146 -20.82 42.73 -15.40
CA PRO C 146 -19.54 42.44 -16.07
C PRO C 146 -18.33 42.56 -15.16
N GLU C 147 -18.41 43.31 -14.07
CA GLU C 147 -17.26 43.54 -13.22
C GLU C 147 -17.25 42.67 -11.97
N LEU C 148 -18.36 42.01 -11.66
CA LEU C 148 -18.43 41.07 -10.54
C LEU C 148 -17.41 39.96 -10.73
N GLN C 149 -16.57 39.75 -9.72
CA GLN C 149 -15.60 38.67 -9.79
C GLN C 149 -16.28 37.32 -9.56
N VAL C 150 -16.05 36.39 -10.48
CA VAL C 150 -16.76 35.11 -10.51
C VAL C 150 -15.74 33.98 -10.51
N ILE C 151 -15.81 33.12 -9.48
N ILE C 151 -15.81 33.10 -9.52
CA ILE C 151 -15.13 31.84 -9.41
CA ILE C 151 -15.06 31.85 -9.54
C ILE C 151 -16.14 30.76 -9.75
C ILE C 151 -16.05 30.71 -9.66
N ALA C 152 -15.72 29.74 -10.50
CA ALA C 152 -16.61 28.67 -10.87
C ALA C 152 -15.95 27.31 -10.66
N GLY C 153 -16.76 26.35 -10.27
CA GLY C 153 -16.28 25.00 -9.99
C GLY C 153 -17.44 24.13 -9.56
N ASN C 154 -17.12 22.89 -9.19
CA ASN C 154 -15.77 22.38 -9.11
C ASN C 154 -15.44 21.52 -10.31
N ILE C 155 -14.18 21.54 -10.72
CA ILE C 155 -13.75 20.82 -11.91
C ILE C 155 -12.41 20.13 -11.65
N ALA C 156 -11.97 19.36 -12.62
CA ALA C 156 -10.78 18.56 -12.42
C ALA C 156 -9.97 18.31 -13.69
N THR C 157 -10.32 18.89 -14.84
CA THR C 157 -9.57 18.70 -16.07
C THR C 157 -9.19 20.03 -16.68
N PRO C 158 -8.08 20.09 -17.43
CA PRO C 158 -7.77 21.33 -18.16
C PRO C 158 -8.84 21.71 -19.17
N GLU C 159 -9.53 20.73 -19.76
CA GLU C 159 -10.63 21.07 -20.64
C GLU C 159 -11.68 21.90 -19.91
N ALA C 160 -12.01 21.51 -18.67
CA ALA C 160 -12.95 22.30 -17.90
C ALA C 160 -12.42 23.70 -17.64
N VAL C 161 -11.11 23.86 -17.44
CA VAL C 161 -10.56 25.20 -17.20
C VAL C 161 -10.81 26.08 -18.43
N ARG C 162 -10.53 25.54 -19.61
N ARG C 162 -10.54 25.54 -19.61
CA ARG C 162 -10.78 26.28 -20.86
CA ARG C 162 -10.79 26.27 -20.85
C ARG C 162 -12.25 26.69 -20.97
C ARG C 162 -12.25 26.68 -20.98
N ASP C 163 -13.17 25.73 -20.77
CA ASP C 163 -14.57 25.98 -21.01
C ASP C 163 -15.16 27.00 -20.04
N LEU C 164 -14.73 26.95 -18.78
CA LEU C 164 -15.18 27.96 -17.82
C LEU C 164 -14.55 29.31 -18.12
N ALA C 165 -13.29 29.32 -18.57
CA ALA C 165 -12.64 30.58 -18.89
C ALA C 165 -13.33 31.28 -20.04
N GLU C 166 -13.65 30.54 -21.11
CA GLU C 166 -14.36 31.12 -22.24
C GLU C 166 -15.69 31.71 -21.82
N ALA C 167 -16.36 31.04 -20.87
CA ALA C 167 -17.62 31.56 -20.35
C ALA C 167 -17.46 32.84 -19.56
N GLY C 168 -16.23 33.27 -19.23
CA GLY C 168 -16.01 34.46 -18.43
C GLY C 168 -15.64 34.23 -16.97
N ALA C 169 -15.33 33.01 -16.56
CA ALA C 169 -14.85 32.81 -15.19
C ALA C 169 -13.54 33.54 -14.99
N ASP C 170 -13.43 34.23 -13.85
CA ASP C 170 -12.20 34.94 -13.44
C ASP C 170 -11.23 34.03 -12.68
N CYS C 171 -11.72 32.92 -12.16
CA CYS C 171 -10.94 31.97 -11.40
C CYS C 171 -11.72 30.66 -11.40
N VAL C 172 -11.00 29.54 -11.34
CA VAL C 172 -11.61 28.23 -11.45
C VAL C 172 -11.24 27.42 -10.21
N LYS C 173 -12.18 26.64 -9.70
CA LYS C 173 -11.98 25.91 -8.45
C LYS C 173 -11.82 24.42 -8.75
N VAL C 174 -10.71 23.85 -8.31
CA VAL C 174 -10.32 22.50 -8.67
C VAL C 174 -10.51 21.59 -7.47
N GLY C 175 -11.18 20.44 -7.70
CA GLY C 175 -11.37 19.42 -6.69
C GLY C 175 -12.67 18.64 -6.88
N ILE C 176 -12.56 17.40 -7.30
CA ILE C 176 -13.68 16.50 -7.43
C ILE C 176 -13.40 15.28 -6.55
N GLY C 177 -14.03 15.21 -5.40
CA GLY C 177 -13.89 14.08 -4.51
C GLY C 177 -12.80 13.99 -3.48
N PRO C 178 -11.92 15.04 -3.36
CA PRO C 178 -10.88 14.88 -2.32
C PRO C 178 -11.24 15.32 -0.89
N GLY C 179 -12.41 15.88 -0.67
CA GLY C 179 -12.76 16.42 0.62
C GLY C 179 -12.79 15.35 1.70
N SER C 180 -12.31 15.74 2.89
CA SER C 180 -12.40 14.91 4.09
C SER C 180 -13.78 14.29 4.30
N ILE C 181 -14.85 15.01 3.96
CA ILE C 181 -16.20 14.51 4.19
C ILE C 181 -16.87 14.08 2.88
N CYS C 182 -16.09 13.91 1.81
CA CYS C 182 -16.65 13.62 0.50
C CYS C 182 -16.77 12.12 0.25
N THR C 183 -17.92 11.70 -0.30
CA THR C 183 -18.09 10.32 -0.75
C THR C 183 -18.38 10.26 -2.25
N THR C 184 -18.16 11.34 -2.98
CA THR C 184 -18.45 11.33 -4.42
C THR C 184 -17.70 10.22 -5.13
N ARG C 185 -16.42 10.03 -4.80
CA ARG C 185 -15.63 8.97 -5.45
C ARG C 185 -16.13 7.57 -5.09
N ILE C 186 -16.66 7.42 -3.89
CA ILE C 186 -17.25 6.19 -3.45
C ILE C 186 -18.66 5.88 -4.02
N VAL C 187 -19.55 6.87 -4.07
CA VAL C 187 -20.92 6.61 -4.50
C VAL C 187 -21.09 6.80 -6.02
N ALA C 188 -20.29 7.69 -6.64
CA ALA C 188 -20.35 7.85 -8.09
C ALA C 188 -19.16 7.24 -8.83
N GLY C 189 -18.04 6.98 -8.15
CA GLY C 189 -16.87 6.41 -8.81
C GLY C 189 -16.04 7.39 -9.60
N VAL C 190 -16.13 8.69 -9.29
CA VAL C 190 -15.72 9.77 -10.18
C VAL C 190 -14.79 10.72 -9.44
N GLY C 191 -13.65 11.04 -10.03
CA GLY C 191 -12.74 11.98 -9.40
C GLY C 191 -11.33 11.91 -9.97
N VAL C 192 -10.51 12.89 -9.57
CA VAL C 192 -9.12 12.93 -10.01
C VAL C 192 -8.26 13.21 -8.79
N PRO C 193 -7.25 12.39 -8.48
CA PRO C 193 -6.37 12.70 -7.35
C PRO C 193 -5.86 14.14 -7.41
N GLN C 194 -5.87 14.82 -6.25
CA GLN C 194 -5.93 16.27 -6.22
C GLN C 194 -4.64 16.95 -6.68
N LEU C 195 -3.46 16.33 -6.45
CA LEU C 195 -2.20 16.94 -6.89
C LEU C 195 -2.12 16.99 -8.41
N THR C 196 -2.39 15.86 -9.07
CA THR C 196 -2.47 15.84 -10.53
C THR C 196 -3.52 16.81 -11.04
N ALA C 197 -4.67 16.85 -10.38
CA ALA C 197 -5.75 17.75 -10.80
C ALA C 197 -5.29 19.21 -10.77
N VAL C 198 -4.68 19.64 -9.66
CA VAL C 198 -4.24 21.01 -9.56
C VAL C 198 -3.11 21.31 -10.55
N MET C 199 -2.18 20.36 -10.74
CA MET C 199 -1.07 20.60 -11.65
C MET C 199 -1.54 20.78 -13.09
N ASP C 200 -2.33 19.82 -13.59
CA ASP C 200 -2.89 19.92 -14.94
C ASP C 200 -3.67 21.22 -15.12
N CYS C 201 -4.54 21.55 -14.16
CA CYS C 201 -5.47 22.67 -14.34
C CYS C 201 -4.74 24.01 -14.27
N ALA C 202 -3.84 24.16 -13.28
CA ALA C 202 -3.04 25.37 -13.16
C ALA C 202 -2.24 25.63 -14.43
N GLU C 203 -1.63 24.59 -14.97
CA GLU C 203 -0.89 24.74 -16.22
C GLU C 203 -1.81 25.27 -17.31
N GLU C 204 -3.05 24.78 -17.36
CA GLU C 204 -3.99 25.28 -18.36
C GLU C 204 -4.40 26.72 -18.03
N GLY C 205 -4.66 27.00 -16.76
CA GLY C 205 -4.95 28.34 -16.31
C GLY C 205 -3.88 29.33 -16.68
OH ALY C 206 0.87 30.72 -9.60
CH ALY C 206 1.23 30.36 -10.72
NZ ALY C 206 0.41 30.06 -11.73
CE ALY C 206 0.56 30.64 -13.05
CD ALY C 206 -0.49 30.16 -14.07
CG ALY C 206 0.01 29.02 -14.96
CB ALY C 206 -0.17 29.24 -16.48
CA ALY C 206 -1.52 29.85 -16.89
N ALY C 206 -2.61 28.94 -16.56
C ALY C 206 -1.53 30.24 -18.36
O ALY C 206 -1.05 31.34 -18.72
N LYS C 207 -2.03 29.38 -19.25
CA LYS C 207 -2.04 29.78 -20.67
C LYS C 207 -3.09 30.88 -20.87
N LEU C 208 -4.04 30.96 -19.96
CA LEU C 208 -5.16 31.90 -20.06
C LEU C 208 -5.03 33.10 -19.14
N GLY C 209 -4.03 33.12 -18.25
CA GLY C 209 -4.04 34.08 -17.17
C GLY C 209 -5.23 33.97 -16.25
N ILE C 210 -5.78 32.78 -16.09
CA ILE C 210 -6.89 32.50 -15.16
C ILE C 210 -6.33 31.65 -14.02
N PRO C 211 -6.46 32.08 -12.78
CA PRO C 211 -5.93 31.29 -11.64
C PRO C 211 -6.82 30.11 -11.25
N VAL C 212 -6.23 29.16 -10.53
CA VAL C 212 -6.97 28.00 -10.05
C VAL C 212 -6.86 27.92 -8.54
N ILE C 213 -7.91 27.43 -7.90
CA ILE C 213 -7.94 27.19 -6.47
C ILE C 213 -7.87 25.70 -6.22
N ALA C 214 -7.05 25.32 -5.25
CA ALA C 214 -6.95 23.93 -4.79
C ALA C 214 -7.95 23.71 -3.64
N ASP C 215 -9.10 23.10 -3.94
CA ASP C 215 -10.16 22.97 -2.93
C ASP C 215 -10.27 21.51 -2.49
N GLY C 216 -9.92 21.23 -1.24
CA GLY C 216 -10.26 19.95 -0.66
C GLY C 216 -9.04 19.06 -0.45
N GLY C 217 -9.12 18.21 0.57
CA GLY C 217 -8.11 17.19 0.76
C GLY C 217 -6.84 17.65 1.44
N LEU C 218 -6.78 18.92 1.85
CA LEU C 218 -5.63 19.46 2.57
C LEU C 218 -5.76 19.11 4.03
N LYS C 219 -4.68 18.60 4.64
CA LYS C 219 -4.77 18.17 6.02
C LYS C 219 -3.67 18.81 6.88
N TYR C 220 -2.51 19.11 6.27
CA TYR C 220 -1.38 19.70 6.96
C TYR C 220 -0.89 20.92 6.22
N SER C 221 -0.11 21.75 6.92
CA SER C 221 0.47 22.90 6.25
C SER C 221 1.30 22.47 5.05
N GLY C 222 1.98 21.33 5.15
CA GLY C 222 2.80 20.86 4.04
C GLY C 222 1.99 20.56 2.79
N ASP C 223 0.75 20.06 2.95
CA ASP C 223 -0.10 19.84 1.78
C ASP C 223 -0.43 21.14 1.08
N ILE C 224 -0.54 22.25 1.83
CA ILE C 224 -0.79 23.53 1.18
C ILE C 224 0.41 23.96 0.35
N VAL C 225 1.62 23.76 0.87
CA VAL C 225 2.83 24.04 0.10
C VAL C 225 2.82 23.27 -1.22
N LYS C 226 2.51 21.96 -1.17
CA LYS C 226 2.46 21.20 -2.42
C LYS C 226 1.39 21.77 -3.36
N ALA C 227 0.23 22.16 -2.83
CA ALA C 227 -0.83 22.68 -3.68
C ALA C 227 -0.41 24.00 -4.34
N LEU C 228 0.28 24.89 -3.61
CA LEU C 228 0.71 26.13 -4.26
C LEU C 228 1.87 25.89 -5.22
N ALA C 229 2.84 25.05 -4.81
CA ALA C 229 3.94 24.68 -5.68
C ALA C 229 3.43 24.05 -6.98
N ALA C 230 2.35 23.28 -6.89
CA ALA C 230 1.74 22.74 -8.10
C ALA C 230 1.05 23.82 -8.94
N GLY C 231 0.91 25.04 -8.45
CA GLY C 231 0.36 26.12 -9.27
C GLY C 231 -0.98 26.69 -8.84
N ALA C 232 -1.60 26.25 -7.75
CA ALA C 232 -2.81 26.90 -7.27
C ALA C 232 -2.47 28.28 -6.71
N CYS C 233 -3.32 29.27 -7.04
CA CYS C 233 -3.18 30.60 -6.46
C CYS C 233 -3.59 30.66 -5.00
N ALA C 234 -4.45 29.74 -4.55
CA ALA C 234 -4.99 29.76 -3.20
C ALA C 234 -5.51 28.37 -2.86
N ALA C 235 -5.56 28.09 -1.56
CA ALA C 235 -5.98 26.80 -1.04
C ALA C 235 -7.27 26.99 -0.27
N MET C 236 -8.23 26.09 -0.47
CA MET C 236 -9.49 26.18 0.24
C MET C 236 -9.63 24.95 1.14
N MET C 237 -10.05 25.18 2.38
CA MET C 237 -10.08 24.14 3.40
C MET C 237 -11.40 24.15 4.15
N GLY C 238 -11.97 22.96 4.35
CA GLY C 238 -13.06 22.80 5.29
C GLY C 238 -12.52 22.27 6.61
N SER C 239 -12.13 20.99 6.60
CA SER C 239 -11.65 20.30 7.79
C SER C 239 -10.69 21.12 8.66
N ILE C 240 -9.67 21.72 8.06
CA ILE C 240 -8.66 22.46 8.83
C ILE C 240 -9.28 23.62 9.60
N PHE C 241 -10.41 24.16 9.12
CA PHE C 241 -11.01 25.32 9.78
C PHE C 241 -12.28 24.99 10.57
N ALA C 242 -12.89 23.84 10.33
CA ALA C 242 -14.15 23.51 10.98
C ALA C 242 -13.98 23.27 12.48
N GLY C 243 -12.77 23.02 12.93
CA GLY C 243 -12.56 22.88 14.35
C GLY C 243 -12.40 24.17 15.11
N CYS C 244 -12.44 25.31 14.44
CA CYS C 244 -12.19 26.58 15.14
C CYS C 244 -13.49 27.16 15.66
N GLU C 245 -13.33 28.01 16.67
CA GLU C 245 -14.48 28.64 17.29
C GLU C 245 -15.26 29.50 16.30
N GLU C 246 -14.58 30.08 15.32
CA GLU C 246 -15.25 30.98 14.36
C GLU C 246 -16.12 30.24 13.33
N ALA C 247 -15.96 28.94 13.16
CA ALA C 247 -16.87 28.20 12.31
C ALA C 247 -18.24 28.07 12.98
N PRO C 248 -19.32 28.06 12.21
CA PRO C 248 -20.64 27.89 12.82
C PRO C 248 -20.74 26.57 13.59
N GLY C 249 -21.71 26.52 14.51
CA GLY C 249 -21.90 25.37 15.38
C GLY C 249 -21.17 25.51 16.69
N ALA C 250 -21.73 24.90 17.73
CA ALA C 250 -21.23 25.07 19.09
C ALA C 250 -20.04 24.15 19.37
N ILE C 251 -19.31 24.47 20.43
CA ILE C 251 -18.20 23.64 20.88
C ILE C 251 -18.74 22.63 21.88
N GLU C 252 -18.84 21.38 21.46
CA GLU C 252 -19.33 20.33 22.33
C GLU C 252 -18.15 19.71 23.07
N ILE C 253 -18.47 18.83 24.00
CA ILE C 253 -17.41 18.14 24.73
C ILE C 253 -17.95 16.80 25.20
N TYR C 254 -17.19 15.73 24.90
CA TYR C 254 -17.51 14.39 25.36
C TYR C 254 -16.28 13.80 26.04
N GLN C 255 -16.46 13.30 27.25
CA GLN C 255 -15.40 12.60 27.96
C GLN C 255 -14.12 13.43 28.03
N GLY C 256 -14.28 14.71 28.33
CA GLY C 256 -13.14 15.60 28.51
C GLY C 256 -12.56 16.19 27.24
N ARG C 257 -12.92 15.67 26.07
CA ARG C 257 -12.37 16.13 24.80
C ARG C 257 -13.40 17.01 24.10
N SER C 258 -13.01 18.22 23.72
CA SER C 258 -13.95 19.09 23.03
C SER C 258 -13.85 18.91 21.53
N TYR C 259 -14.98 19.15 20.85
CA TYR C 259 -15.13 18.82 19.44
C TYR C 259 -16.25 19.66 18.86
N LYS C 260 -16.24 19.80 17.52
CA LYS C 260 -17.35 20.41 16.78
C LYS C 260 -17.89 19.45 15.74
N VAL C 261 -19.11 19.72 15.27
CA VAL C 261 -19.71 18.92 14.21
C VAL C 261 -19.20 19.44 12.87
N TYR C 262 -18.94 18.50 11.95
CA TYR C 262 -18.46 18.82 10.60
C TYR C 262 -19.10 17.86 9.61
N ARG C 263 -19.66 18.39 8.53
CA ARG C 263 -20.41 17.54 7.60
C ARG C 263 -20.28 18.05 6.17
N GLY C 264 -20.45 17.14 5.22
CA GLY C 264 -20.51 17.53 3.84
C GLY C 264 -21.82 18.23 3.50
N MET C 265 -21.73 19.17 2.55
CA MET C 265 -22.94 19.82 2.07
C MET C 265 -23.82 18.86 1.29
N GLY C 266 -23.25 17.75 0.80
CA GLY C 266 -24.01 16.66 0.24
C GLY C 266 -24.43 15.58 1.21
N SER C 267 -24.18 15.76 2.50
CA SER C 267 -24.65 14.80 3.49
C SER C 267 -26.15 14.94 3.72
N LEU C 268 -26.73 13.86 4.27
CA LEU C 268 -28.13 13.84 4.67
C LEU C 268 -28.47 15.01 5.58
N GLY C 269 -27.61 15.30 6.55
CA GLY C 269 -27.91 16.36 7.50
C GLY C 269 -28.01 17.72 6.84
N ALA C 270 -27.00 18.08 6.05
CA ALA C 270 -26.97 19.40 5.42
C ALA C 270 -28.11 19.57 4.43
N MET C 271 -28.50 18.51 3.71
CA MET C 271 -29.54 18.65 2.70
C MET C 271 -30.94 18.81 3.30
N ALA C 272 -31.15 18.33 4.51
CA ALA C 272 -32.40 18.57 5.22
C ALA C 272 -32.31 19.89 6.00
N LYS C 273 -32.10 20.97 5.27
CA LYS C 273 -31.90 22.27 5.89
C LYS C 273 -32.29 23.38 4.91
N PHE C 287 -32.00 12.98 -4.96
CA PHE C 287 -30.57 12.69 -5.07
C PHE C 287 -30.03 12.00 -3.80
N VAL C 288 -29.17 11.01 -3.99
CA VAL C 288 -28.54 10.26 -2.89
C VAL C 288 -27.36 11.08 -2.37
N PRO C 289 -27.00 10.96 -1.09
CA PRO C 289 -25.96 11.83 -0.53
C PRO C 289 -24.58 11.58 -1.12
N GLU C 290 -23.74 12.61 -1.07
CA GLU C 290 -22.35 12.51 -1.51
C GLU C 290 -21.39 13.08 -0.45
N GLY C 291 -21.77 12.99 0.82
CA GLY C 291 -20.94 13.36 1.95
C GLY C 291 -21.40 12.65 3.21
N VAL C 292 -20.58 12.76 4.25
CA VAL C 292 -20.82 12.15 5.56
C VAL C 292 -20.88 13.26 6.62
N GLU C 293 -21.34 12.89 7.81
N GLU C 293 -21.34 12.88 7.81
CA GLU C 293 -21.41 13.82 8.94
CA GLU C 293 -21.44 13.78 8.94
C GLU C 293 -20.70 13.23 10.14
C GLU C 293 -20.66 13.19 10.11
N GLY C 294 -19.92 14.04 10.82
CA GLY C 294 -19.19 13.56 11.97
C GLY C 294 -18.62 14.69 12.78
N ARG C 295 -17.67 14.35 13.64
CA ARG C 295 -17.09 15.30 14.57
C ARG C 295 -15.58 15.31 14.43
N ILE C 296 -14.99 16.49 14.63
CA ILE C 296 -13.56 16.67 14.62
C ILE C 296 -13.15 17.40 15.89
N ALA C 297 -11.85 17.35 16.19
CA ALA C 297 -11.33 17.90 17.44
C ALA C 297 -11.45 19.43 17.43
N TYR C 298 -11.91 19.99 18.55
CA TYR C 298 -11.93 21.43 18.68
C TYR C 298 -10.49 21.97 18.68
N LYS C 299 -10.24 22.96 17.83
CA LYS C 299 -8.90 23.50 17.65
C LYS C 299 -8.67 24.84 18.32
N GLY C 300 -9.69 25.50 18.84
CA GLY C 300 -9.51 26.85 19.36
C GLY C 300 -9.82 27.93 18.34
N HIS C 301 -9.16 29.09 18.44
CA HIS C 301 -9.48 30.20 17.56
C HIS C 301 -8.70 30.13 16.25
N LEU C 302 -9.36 30.60 15.19
CA LEU C 302 -8.79 30.68 13.85
C LEU C 302 -7.35 31.20 13.84
N ALA C 303 -7.09 32.28 14.59
CA ALA C 303 -5.78 32.92 14.56
C ALA C 303 -4.66 31.94 14.86
N ASP C 304 -4.87 31.03 15.82
CA ASP C 304 -3.81 30.07 16.15
C ASP C 304 -3.60 29.05 15.04
N THR C 305 -4.68 28.65 14.36
CA THR C 305 -4.53 27.73 13.23
C THR C 305 -3.80 28.40 12.06
N ILE C 306 -4.19 29.63 11.73
CA ILE C 306 -3.58 30.35 10.61
C ILE C 306 -2.08 30.49 10.84
N TYR C 307 -1.67 30.83 12.06
CA TYR C 307 -0.27 31.01 12.36
C TYR C 307 0.56 29.77 11.99
N GLN C 308 0.09 28.60 12.41
CA GLN C 308 0.79 27.36 12.06
C GLN C 308 0.81 27.14 10.54
N LEU C 309 -0.34 27.28 9.89
CA LEU C 309 -0.37 27.10 8.45
C LEU C 309 0.62 28.03 7.76
N ILE C 310 0.67 29.29 8.18
CA ILE C 310 1.55 30.25 7.51
C ILE C 310 3.01 29.93 7.81
N GLY C 311 3.33 29.59 9.06
CA GLY C 311 4.70 29.20 9.37
C GLY C 311 5.17 28.01 8.55
N GLY C 312 4.31 27.00 8.41
CA GLY C 312 4.64 25.87 7.58
C GLY C 312 4.89 26.26 6.13
N ILE C 313 4.05 27.14 5.58
CA ILE C 313 4.24 27.56 4.20
C ILE C 313 5.53 28.36 4.04
N LYS C 314 5.78 29.29 4.96
CA LYS C 314 7.01 30.08 4.88
C LYS C 314 8.23 29.19 5.01
N SER C 315 8.15 28.15 5.84
CA SER C 315 9.25 27.20 5.95
C SER C 315 9.47 26.49 4.62
N GLY C 316 8.39 26.01 4.00
CA GLY C 316 8.52 25.34 2.72
C GLY C 316 9.15 26.22 1.66
N MET C 317 8.77 27.50 1.60
CA MET C 317 9.39 28.37 0.60
C MET C 317 10.85 28.64 0.91
N GLY C 318 11.24 28.69 2.17
CA GLY C 318 12.67 28.75 2.46
C GLY C 318 13.42 27.56 1.90
N TYR C 319 12.92 26.34 2.19
CA TYR C 319 13.51 25.12 1.64
C TYR C 319 13.62 25.14 0.13
N LEU C 320 12.67 25.79 -0.55
CA LEU C 320 12.69 25.84 -2.01
C LEU C 320 13.24 27.13 -2.57
N GLY C 321 13.72 28.04 -1.72
CA GLY C 321 14.38 29.24 -2.18
C GLY C 321 13.46 30.24 -2.85
N ALA C 322 12.17 30.19 -2.56
CA ALA C 322 11.20 31.02 -3.24
C ALA C 322 10.88 32.27 -2.43
N PRO C 323 11.26 33.47 -2.88
CA PRO C 323 10.79 34.69 -2.20
C PRO C 323 9.31 34.95 -2.40
N THR C 324 8.68 34.34 -3.40
CA THR C 324 7.28 34.61 -3.76
C THR C 324 6.63 33.31 -4.18
N LEU C 325 5.30 33.32 -4.27
CA LEU C 325 4.56 32.13 -4.71
C LEU C 325 4.82 31.82 -6.18
N GLU C 326 4.98 32.84 -7.02
CA GLU C 326 5.37 32.64 -8.41
C GLU C 326 6.70 31.93 -8.51
N ASN C 327 7.68 32.38 -7.72
CA ASN C 327 8.98 31.71 -7.65
C ASN C 327 8.82 30.26 -7.18
N LEU C 328 7.99 30.03 -6.15
CA LEU C 328 7.75 28.67 -5.68
C LEU C 328 7.28 27.77 -6.82
N TYR C 329 6.29 28.24 -7.58
CA TYR C 329 5.75 27.46 -8.69
C TYR C 329 6.82 27.16 -9.74
N GLU C 330 7.59 28.18 -10.15
CA GLU C 330 8.60 28.05 -11.21
C GLU C 330 9.83 27.28 -10.79
N ASN C 331 9.98 26.96 -9.51
CA ASN C 331 11.13 26.19 -9.05
C ASN C 331 10.74 24.88 -8.37
N ALA C 332 9.46 24.50 -8.43
CA ALA C 332 8.96 23.34 -7.72
C ALA C 332 9.31 22.06 -8.47
N ASN C 333 9.97 21.12 -7.78
CA ASN C 333 10.25 19.81 -8.36
C ASN C 333 9.81 18.75 -7.38
N PHE C 334 8.86 17.91 -7.81
CA PHE C 334 8.31 16.89 -6.96
C PHE C 334 9.03 15.58 -7.20
N VAL C 335 9.09 14.76 -6.17
CA VAL C 335 9.50 13.38 -6.27
C VAL C 335 8.35 12.54 -5.73
N VAL C 336 8.07 11.38 -6.35
CA VAL C 336 7.03 10.45 -5.91
C VAL C 336 7.61 9.49 -4.88
N GLN C 337 6.85 9.22 -3.82
CA GLN C 337 7.31 8.33 -2.76
C GLN C 337 6.38 7.12 -2.64
N THR C 338 6.91 6.00 -2.12
CA THR C 338 6.09 4.82 -1.99
C THR C 338 5.25 4.91 -0.72
N SER C 339 4.44 3.86 -0.47
CA SER C 339 3.85 3.66 0.86
C SER C 339 4.93 3.72 1.94
N ALA C 340 6.08 3.09 1.70
CA ALA C 340 7.15 3.07 2.69
C ALA C 340 7.78 4.45 2.86
N GLY C 341 7.87 5.22 1.76
CA GLY C 341 8.28 6.61 1.91
C GLY C 341 7.33 7.41 2.76
N PHE C 342 6.04 7.12 2.65
CA PHE C 342 5.02 7.77 3.45
C PHE C 342 5.25 7.54 4.94
N ARG C 343 5.47 6.28 5.34
CA ARG C 343 5.73 6.02 6.76
C ARG C 343 7.01 6.71 7.24
N GLU C 344 8.07 6.72 6.41
CA GLU C 344 9.29 7.46 6.77
C GLU C 344 9.02 8.95 6.91
N SER C 345 8.00 9.48 6.24
CA SER C 345 7.81 10.92 6.19
C SER C 345 7.09 11.45 7.43
N HIS C 346 6.08 10.74 7.92
CA HIS C 346 5.49 11.05 9.21
C HIS C 346 6.42 10.60 10.34
N PRO C 347 6.22 11.11 11.55
CA PRO C 347 6.88 10.50 12.72
C PRO C 347 6.59 9.01 12.80
N HIS C 348 7.58 8.25 13.26
CA HIS C 348 7.44 6.81 13.37
C HIS C 348 8.22 6.33 14.58
N ASP C 349 7.78 5.20 15.15
CA ASP C 349 8.46 4.55 16.28
C ASP C 349 8.74 5.54 17.41
N ILE C 350 7.69 6.26 17.81
CA ILE C 350 7.77 7.19 18.90
C ILE C 350 6.39 7.25 19.54
N ASN C 351 6.33 7.06 20.87
CA ASN C 351 5.08 7.25 21.60
C ASN C 351 4.96 8.73 21.96
N ILE C 352 4.25 9.48 21.10
CA ILE C 352 4.18 10.93 21.25
C ILE C 352 3.40 11.27 22.52
N THR C 353 4.06 12.03 23.40
CA THR C 353 3.49 12.43 24.70
C THR C 353 2.98 13.86 24.70
N LYS C 354 3.55 14.73 23.87
CA LYS C 354 3.19 16.14 23.83
C LYS C 354 2.51 16.44 22.51
N GLU C 355 1.32 17.04 22.58
CA GLU C 355 0.64 17.47 21.37
C GLU C 355 1.37 18.68 20.77
N ALA C 356 1.62 18.64 19.46
CA ALA C 356 2.29 19.66 18.66
C ALA C 356 1.25 20.58 18.02
N PRO C 357 1.56 21.88 17.88
CA PRO C 357 0.58 22.79 17.26
C PRO C 357 0.27 22.49 15.79
N ASN C 358 1.10 21.72 15.09
CA ASN C 358 0.89 21.51 13.67
C ASN C 358 0.92 20.05 13.27
N TYR C 359 0.74 19.13 14.22
CA TYR C 359 0.72 17.70 13.94
C TYR C 359 -0.02 16.94 15.02
N SER C 360 -0.96 16.07 14.61
CA SER C 360 -1.61 15.18 15.57
C SER C 360 -2.01 13.85 14.91
N SER D 1 13.19 -24.74 -23.40
CA SER D 1 12.52 -24.02 -24.48
C SER D 1 11.96 -22.71 -23.95
N ASN D 2 11.29 -21.93 -24.80
CA ASN D 2 10.65 -20.72 -24.31
C ASN D 2 9.44 -21.00 -23.42
N ALA D 3 9.02 -22.26 -23.30
CA ALA D 3 7.85 -22.61 -22.49
C ALA D 3 8.19 -22.41 -21.03
N MET D 4 7.65 -21.36 -20.42
CA MET D 4 7.92 -21.08 -19.03
C MET D 4 6.90 -20.07 -18.52
N ALA D 5 6.95 -19.82 -17.22
CA ALA D 5 6.07 -18.82 -16.63
C ALA D 5 6.47 -17.42 -17.10
N ARG D 6 5.45 -16.57 -17.34
CA ARG D 6 5.64 -15.17 -17.70
C ARG D 6 4.79 -14.25 -16.82
N ILE D 7 5.29 -13.04 -16.61
CA ILE D 7 4.52 -12.00 -15.94
C ILE D 7 4.08 -11.06 -17.03
N LEU D 8 2.76 -10.96 -17.26
CA LEU D 8 2.25 -10.34 -18.48
C LEU D 8 2.13 -8.83 -18.36
N LYS D 9 1.64 -8.33 -17.22
CA LYS D 9 1.19 -6.95 -17.08
C LYS D 9 0.72 -6.77 -15.64
N THR D 10 0.41 -5.53 -15.28
CA THR D 10 -0.31 -5.24 -14.05
C THR D 10 -1.79 -5.15 -14.38
N ALA D 11 -2.61 -5.74 -13.52
CA ALA D 11 -4.06 -5.76 -13.67
C ALA D 11 -4.69 -5.04 -12.48
N TYR D 12 -5.83 -4.39 -12.70
CA TYR D 12 -6.42 -3.45 -11.75
C TYR D 12 -7.81 -3.89 -11.30
N THR D 13 -8.16 -3.49 -10.09
CA THR D 13 -9.53 -3.68 -9.60
C THR D 13 -10.19 -2.32 -9.40
N PHE D 14 -11.45 -2.35 -8.94
CA PHE D 14 -12.27 -1.13 -8.93
C PHE D 14 -11.62 -0.03 -8.09
N ASP D 15 -10.99 -0.39 -6.98
CA ASP D 15 -10.39 0.57 -6.07
C ASP D 15 -9.06 1.14 -6.57
N ASP D 16 -8.51 0.63 -7.67
CA ASP D 16 -7.31 1.18 -8.26
C ASP D 16 -7.60 2.40 -9.14
N VAL D 17 -8.86 2.60 -9.52
CA VAL D 17 -9.20 3.54 -10.59
C VAL D 17 -10.29 4.49 -10.15
N LEU D 18 -10.31 5.66 -10.81
CA LEU D 18 -11.35 6.66 -10.69
C LEU D 18 -11.76 7.10 -12.09
N LEU D 19 -13.03 7.40 -12.28
CA LEU D 19 -13.47 7.95 -13.55
C LEU D 19 -13.25 9.46 -13.59
N VAL D 20 -12.76 9.96 -14.72
CA VAL D 20 -12.51 11.38 -14.92
C VAL D 20 -13.82 12.04 -15.38
N PRO D 21 -14.25 13.17 -14.78
CA PRO D 21 -15.48 13.84 -15.24
C PRO D 21 -15.34 14.39 -16.66
N ASN D 22 -16.44 14.34 -17.41
CA ASN D 22 -16.49 14.94 -18.74
C ASN D 22 -17.43 16.14 -18.74
N LYS D 23 -17.26 17.00 -19.74
CA LYS D 23 -18.23 18.03 -20.04
C LYS D 23 -19.60 17.39 -20.17
N SER D 24 -20.62 18.00 -19.55
CA SER D 24 -21.90 17.31 -19.41
C SER D 24 -23.07 18.25 -19.63
N GLU D 25 -24.02 17.80 -20.45
CA GLU D 25 -25.29 18.48 -20.68
C GLU D 25 -26.44 17.82 -19.93
N VAL D 26 -26.20 16.74 -19.22
CA VAL D 26 -27.27 15.96 -18.63
C VAL D 26 -27.08 15.90 -17.12
N LEU D 27 -28.17 16.05 -16.38
CA LEU D 27 -28.19 15.91 -14.93
C LEU D 27 -28.67 14.52 -14.56
N PRO D 28 -28.33 14.04 -13.35
CA PRO D 28 -28.60 12.63 -13.01
C PRO D 28 -30.04 12.18 -13.24
N ASN D 29 -31.02 13.06 -13.03
CA ASN D 29 -32.42 12.67 -13.18
C ASN D 29 -32.86 12.56 -14.63
N GLU D 30 -31.98 12.78 -15.60
CA GLU D 30 -32.34 12.68 -17.00
C GLU D 30 -31.77 11.44 -17.69
N VAL D 31 -30.88 10.72 -17.03
CA VAL D 31 -30.19 9.61 -17.69
C VAL D 31 -31.08 8.38 -17.72
N SER D 32 -30.77 7.47 -18.64
CA SER D 32 -31.50 6.22 -18.81
C SER D 32 -30.59 5.05 -18.43
N LEU D 33 -31.15 4.12 -17.64
CA LEU D 33 -30.42 2.97 -17.12
C LEU D 33 -30.80 1.68 -17.80
N LYS D 34 -31.53 1.77 -18.92
CA LYS D 34 -31.95 0.54 -19.59
C LYS D 34 -30.73 -0.17 -20.14
N THR D 35 -30.76 -1.51 -20.08
CA THR D 35 -29.65 -2.29 -20.60
C THR D 35 -30.20 -3.56 -21.24
N GLN D 36 -29.42 -4.11 -22.16
CA GLN D 36 -29.75 -5.37 -22.81
C GLN D 36 -28.89 -6.47 -22.20
N LEU D 37 -29.52 -7.30 -21.39
CA LEU D 37 -28.80 -8.41 -20.75
C LEU D 37 -28.42 -9.47 -21.77
N THR D 38 -29.29 -9.71 -22.73
CA THR D 38 -29.00 -10.42 -23.97
C THR D 38 -29.70 -9.65 -25.07
N LYS D 39 -29.41 -9.99 -26.33
CA LYS D 39 -30.12 -9.22 -27.35
C LYS D 39 -31.63 -9.49 -27.36
N LYS D 40 -32.13 -10.42 -26.53
CA LYS D 40 -33.54 -10.69 -26.39
C LYS D 40 -34.15 -10.18 -25.08
N ILE D 41 -33.35 -9.89 -24.06
CA ILE D 41 -33.86 -9.52 -22.73
C ILE D 41 -33.36 -8.12 -22.35
N GLN D 42 -34.29 -7.19 -22.16
CA GLN D 42 -33.98 -5.84 -21.69
C GLN D 42 -34.27 -5.75 -20.20
N LEU D 43 -33.32 -5.19 -19.44
CA LEU D 43 -33.54 -4.81 -18.05
C LEU D 43 -33.71 -3.30 -17.93
N ASN D 44 -34.62 -2.88 -17.06
CA ASN D 44 -34.78 -1.45 -16.80
C ASN D 44 -33.65 -0.89 -15.95
N ILE D 45 -33.03 -1.71 -15.10
CA ILE D 45 -31.86 -1.27 -14.34
C ILE D 45 -30.79 -2.35 -14.43
N PRO D 46 -29.51 -2.00 -14.50
CA PRO D 46 -28.46 -2.96 -14.85
C PRO D 46 -27.94 -3.76 -13.64
N LEU D 47 -28.86 -4.37 -12.88
CA LEU D 47 -28.53 -4.98 -11.59
C LEU D 47 -29.10 -6.39 -11.46
N MET D 48 -28.27 -7.31 -10.96
CA MET D 48 -28.70 -8.69 -10.76
C MET D 48 -28.31 -9.21 -9.38
N SER D 49 -29.16 -10.08 -8.83
CA SER D 49 -28.88 -10.72 -7.55
C SER D 49 -28.25 -12.09 -7.83
N ALA D 50 -27.12 -12.36 -7.16
CA ALA D 50 -26.32 -13.55 -7.40
C ALA D 50 -27.11 -14.82 -7.07
N SER D 51 -26.70 -15.93 -7.69
CA SER D 51 -27.37 -17.22 -7.49
C SER D 51 -26.74 -17.96 -6.33
N MET D 52 -27.03 -17.47 -5.13
CA MET D 52 -26.48 -18.06 -3.91
C MET D 52 -27.63 -18.35 -2.95
N ASP D 53 -27.42 -19.37 -2.08
CA ASP D 53 -28.49 -19.78 -1.18
C ASP D 53 -28.64 -18.85 0.01
N THR D 54 -27.88 -17.76 0.04
CA THR D 54 -28.10 -16.69 1.01
C THR D 54 -28.48 -15.39 0.33
N VAL D 55 -28.74 -15.41 -0.99
CA VAL D 55 -29.07 -14.20 -1.73
C VAL D 55 -30.41 -14.30 -2.46
N THR D 56 -30.58 -15.28 -3.33
CA THR D 56 -31.69 -15.24 -4.27
C THR D 56 -32.51 -16.51 -4.23
N GLU D 57 -33.73 -16.39 -3.73
CA GLU D 57 -34.76 -17.39 -3.95
C GLU D 57 -35.95 -16.67 -4.58
N SER D 58 -37.13 -17.29 -4.54
CA SER D 58 -38.34 -16.67 -5.10
C SER D 58 -38.53 -15.25 -4.59
N LYS D 59 -38.39 -15.05 -3.28
CA LYS D 59 -38.71 -13.76 -2.68
C LYS D 59 -37.78 -12.65 -3.17
N MET D 60 -36.48 -12.93 -3.26
CA MET D 60 -35.55 -11.92 -3.77
C MET D 60 -35.74 -11.71 -5.27
N ALA D 61 -36.00 -12.77 -6.01
CA ALA D 61 -36.14 -12.62 -7.45
C ALA D 61 -37.38 -11.81 -7.80
N ILE D 62 -38.44 -11.96 -7.02
CA ILE D 62 -39.65 -11.16 -7.24
C ILE D 62 -39.36 -9.68 -6.99
N ALA D 63 -38.69 -9.38 -5.87
CA ALA D 63 -38.39 -7.98 -5.55
C ALA D 63 -37.46 -7.37 -6.59
N MET D 64 -36.42 -8.10 -7.00
N MET D 64 -36.44 -8.12 -7.04
CA MET D 64 -35.49 -7.65 -8.03
CA MET D 64 -35.50 -7.58 -8.02
C MET D 64 -36.23 -7.25 -9.29
C MET D 64 -36.20 -7.25 -9.33
N ALA D 65 -37.05 -8.17 -9.82
CA ALA D 65 -37.76 -7.93 -11.07
C ALA D 65 -38.63 -6.69 -10.99
N ARG D 66 -39.32 -6.52 -9.86
CA ARG D 66 -40.23 -5.38 -9.70
C ARG D 66 -39.49 -4.06 -9.67
N GLU D 67 -38.20 -4.07 -9.32
CA GLU D 67 -37.36 -2.90 -9.30
C GLU D 67 -36.72 -2.59 -10.64
N GLY D 68 -36.89 -3.44 -11.64
CA GLY D 68 -36.29 -3.22 -12.94
C GLY D 68 -35.14 -4.15 -13.26
N GLY D 69 -34.65 -4.93 -12.30
CA GLY D 69 -33.53 -5.84 -12.54
C GLY D 69 -33.95 -7.30 -12.59
N ILE D 70 -33.06 -8.22 -12.23
CA ILE D 70 -33.39 -9.64 -12.32
C ILE D 70 -32.69 -10.41 -11.20
N GLY D 71 -33.28 -11.52 -10.80
CA GLY D 71 -32.68 -12.42 -9.84
C GLY D 71 -32.43 -13.77 -10.48
N ILE D 72 -31.33 -14.42 -10.07
CA ILE D 72 -30.98 -15.77 -10.55
C ILE D 72 -31.22 -16.72 -9.38
N ILE D 73 -32.31 -17.50 -9.44
CA ILE D 73 -32.56 -18.52 -8.42
C ILE D 73 -31.39 -19.49 -8.35
N HIS D 74 -30.87 -19.70 -7.14
CA HIS D 74 -29.74 -20.61 -6.99
C HIS D 74 -30.17 -22.07 -7.23
N LYS D 75 -29.18 -22.96 -7.28
CA LYS D 75 -29.40 -24.37 -7.61
C LYS D 75 -29.02 -25.32 -6.48
N ASN D 76 -28.77 -24.81 -5.27
CA ASN D 76 -28.53 -25.66 -4.10
C ASN D 76 -29.87 -26.12 -3.50
N MET D 77 -30.64 -26.84 -4.32
CA MET D 77 -31.96 -27.36 -3.97
C MET D 77 -32.31 -28.37 -5.06
N THR D 78 -33.37 -29.14 -4.82
CA THR D 78 -33.72 -30.15 -5.81
C THR D 78 -34.20 -29.49 -7.09
N ILE D 79 -34.29 -30.30 -8.14
CA ILE D 79 -34.75 -29.80 -9.43
C ILE D 79 -36.20 -29.32 -9.33
N GLU D 80 -37.07 -30.14 -8.72
CA GLU D 80 -38.45 -29.71 -8.56
C GLU D 80 -38.57 -28.49 -7.66
N ASP D 81 -37.70 -28.38 -6.64
CA ASP D 81 -37.76 -27.21 -5.77
C ASP D 81 -37.35 -25.94 -6.52
N GLN D 82 -36.32 -26.02 -7.35
CA GLN D 82 -35.91 -24.83 -8.09
C GLN D 82 -36.94 -24.45 -9.14
N ALA D 83 -37.48 -25.45 -9.85
CA ALA D 83 -38.55 -25.17 -10.80
C ALA D 83 -39.75 -24.56 -10.09
N ARG D 84 -40.04 -25.00 -8.88
CA ARG D 84 -41.12 -24.39 -8.12
C ARG D 84 -40.79 -22.96 -7.72
N GLU D 85 -39.54 -22.69 -7.35
CA GLU D 85 -39.13 -21.31 -7.07
C GLU D 85 -39.27 -20.43 -8.31
N VAL D 86 -38.94 -20.96 -9.49
CA VAL D 86 -39.03 -20.17 -10.71
C VAL D 86 -40.48 -19.86 -11.03
N ASP D 87 -41.35 -20.86 -10.88
CA ASP D 87 -42.75 -20.67 -11.21
C ASP D 87 -43.41 -19.60 -10.36
N ARG D 88 -43.01 -19.50 -9.08
CA ARG D 88 -43.61 -18.49 -8.21
C ARG D 88 -43.27 -17.08 -8.68
N VAL D 89 -42.05 -16.87 -9.16
CA VAL D 89 -41.69 -15.59 -9.76
C VAL D 89 -42.56 -15.34 -10.98
N LYS D 90 -42.57 -16.29 -11.92
CA LYS D 90 -43.31 -16.12 -13.15
C LYS D 90 -44.80 -15.90 -12.92
N ARG D 91 -45.36 -16.48 -11.84
CA ARG D 91 -46.76 -16.31 -11.52
C ARG D 91 -47.06 -15.02 -10.76
N SER D 92 -46.04 -14.22 -10.40
CA SER D 92 -46.27 -12.95 -9.70
C SER D 92 -46.32 -11.78 -10.66
N GLY D 93 -47.02 -11.95 -11.78
CA GLY D 93 -47.06 -10.97 -12.85
C GLY D 93 -46.16 -11.35 -13.99
N GLY D 94 -46.12 -10.46 -14.99
CA GLY D 94 -45.09 -10.59 -15.98
C GLY D 94 -43.74 -10.21 -15.41
N LEU D 95 -43.05 -11.15 -14.75
CA LEU D 95 -41.80 -10.83 -14.07
C LEU D 95 -40.67 -11.69 -14.61
N LEU D 96 -39.51 -11.07 -14.81
CA LEU D 96 -38.34 -11.80 -15.30
C LEU D 96 -37.81 -12.70 -14.20
N CYS D 97 -37.21 -13.82 -14.61
CA CYS D 97 -36.61 -14.74 -13.67
C CYS D 97 -35.46 -15.44 -14.34
N GLY D 98 -34.40 -15.68 -13.56
CA GLY D 98 -33.30 -16.50 -14.01
C GLY D 98 -33.07 -17.69 -13.09
N ALA D 99 -32.35 -18.69 -13.57
CA ALA D 99 -32.07 -19.88 -12.80
C ALA D 99 -30.66 -20.34 -13.14
N SER D 100 -29.89 -20.73 -12.12
CA SER D 100 -28.53 -21.19 -12.39
C SER D 100 -28.52 -22.70 -12.58
N ILE D 101 -27.58 -23.15 -13.39
CA ILE D 101 -27.42 -24.55 -13.80
C ILE D 101 -25.95 -24.93 -13.63
N GLY D 102 -25.68 -26.12 -13.12
CA GLY D 102 -24.33 -26.62 -13.02
C GLY D 102 -23.97 -27.57 -14.17
N VAL D 103 -22.68 -27.87 -14.27
CA VAL D 103 -22.22 -28.94 -15.18
C VAL D 103 -22.32 -30.24 -14.39
N THR D 104 -23.49 -30.88 -14.45
CA THR D 104 -23.83 -31.99 -13.57
C THR D 104 -24.34 -33.16 -14.39
N ASN D 105 -24.42 -34.33 -13.73
CA ASN D 105 -25.02 -35.48 -14.38
C ASN D 105 -26.47 -35.23 -14.76
N ASP D 106 -27.15 -34.35 -14.05
CA ASP D 106 -28.57 -34.08 -14.29
C ASP D 106 -28.80 -32.71 -14.92
N MET D 107 -27.79 -32.18 -15.62
CA MET D 107 -27.84 -30.81 -16.15
C MET D 107 -29.07 -30.60 -17.03
N MET D 108 -29.24 -31.45 -18.04
CA MET D 108 -30.38 -31.29 -18.95
C MET D 108 -31.70 -31.51 -18.21
N GLU D 109 -31.76 -32.41 -17.23
CA GLU D 109 -32.98 -32.57 -16.43
C GLU D 109 -33.33 -31.29 -15.69
N ARG D 110 -32.32 -30.61 -15.14
N ARG D 110 -32.34 -30.61 -15.13
CA ARG D 110 -32.56 -29.35 -14.44
CA ARG D 110 -32.60 -29.36 -14.43
C ARG D 110 -32.96 -28.25 -15.40
C ARG D 110 -33.00 -28.26 -15.42
N VAL D 111 -32.38 -28.25 -16.61
CA VAL D 111 -32.75 -27.24 -17.61
C VAL D 111 -34.18 -27.44 -18.07
N ASP D 112 -34.56 -28.69 -18.33
CA ASP D 112 -35.93 -28.99 -18.72
C ASP D 112 -36.94 -28.45 -17.70
N ALA D 113 -36.68 -28.66 -16.41
CA ALA D 113 -37.70 -28.27 -15.43
C ALA D 113 -37.84 -26.75 -15.35
N VAL D 114 -36.73 -26.00 -15.36
CA VAL D 114 -36.89 -24.54 -15.27
C VAL D 114 -37.45 -23.97 -16.56
N VAL D 115 -37.18 -24.60 -17.70
CA VAL D 115 -37.79 -24.18 -18.96
C VAL D 115 -39.30 -24.42 -18.91
N LYS D 116 -39.72 -25.58 -18.37
CA LYS D 116 -41.14 -25.85 -18.23
C LYS D 116 -41.80 -24.87 -17.26
N ALA D 117 -41.05 -24.43 -16.24
CA ALA D 117 -41.51 -23.41 -15.31
C ALA D 117 -41.35 -21.99 -15.85
N LYS D 118 -41.00 -21.85 -17.14
CA LYS D 118 -41.00 -20.59 -17.89
C LYS D 118 -39.86 -19.64 -17.53
N VAL D 119 -38.69 -20.20 -17.17
CA VAL D 119 -37.53 -19.37 -16.91
C VAL D 119 -37.23 -18.51 -18.13
N ASP D 120 -36.73 -17.30 -17.88
CA ASP D 120 -36.40 -16.37 -18.95
C ASP D 120 -34.97 -16.49 -19.42
N VAL D 121 -34.06 -16.85 -18.51
CA VAL D 121 -32.64 -17.01 -18.84
C VAL D 121 -32.03 -18.01 -17.86
N ILE D 122 -31.12 -18.83 -18.38
N ILE D 122 -31.14 -18.86 -18.34
CA ILE D 122 -30.33 -19.79 -17.61
CA ILE D 122 -30.40 -19.73 -17.44
C ILE D 122 -28.94 -19.22 -17.43
C ILE D 122 -28.96 -19.28 -17.42
N VAL D 123 -28.31 -19.50 -16.27
CA VAL D 123 -26.92 -19.14 -16.05
C VAL D 123 -26.18 -20.47 -15.89
N LEU D 124 -25.42 -20.89 -16.90
CA LEU D 124 -24.54 -22.05 -16.77
C LEU D 124 -23.31 -21.61 -15.98
N ASP D 125 -23.25 -22.01 -14.71
CA ASP D 125 -22.44 -21.40 -13.66
C ASP D 125 -21.44 -22.41 -13.12
N THR D 126 -20.14 -22.14 -13.31
CA THR D 126 -19.08 -23.01 -12.78
C THR D 126 -17.93 -22.16 -12.28
N ALA D 127 -17.08 -22.76 -11.47
CA ALA D 127 -15.89 -22.10 -10.97
C ALA D 127 -14.96 -21.76 -12.13
N HIS D 128 -14.89 -22.65 -13.11
CA HIS D 128 -14.04 -22.43 -14.28
C HIS D 128 -14.80 -22.53 -15.61
N GLY D 129 -15.37 -21.41 -16.03
CA GLY D 129 -16.13 -21.27 -17.26
C GLY D 129 -15.43 -21.58 -18.58
N HIS D 130 -14.15 -21.26 -18.70
CA HIS D 130 -13.38 -21.52 -19.92
C HIS D 130 -12.92 -22.96 -19.83
N SER D 131 -13.85 -23.87 -20.04
CA SER D 131 -13.63 -25.28 -19.81
C SER D 131 -14.48 -26.09 -20.76
N LYS D 132 -13.96 -27.26 -21.12
CA LYS D 132 -14.63 -28.15 -22.05
C LYS D 132 -16.08 -28.41 -21.64
N GLY D 133 -16.29 -28.67 -20.34
CA GLY D 133 -17.63 -29.06 -19.87
C GLY D 133 -18.65 -27.95 -20.02
N VAL D 134 -18.25 -26.70 -19.75
CA VAL D 134 -19.15 -25.57 -19.96
C VAL D 134 -19.37 -25.32 -21.46
N ILE D 135 -18.30 -25.39 -22.27
CA ILE D 135 -18.46 -25.17 -23.71
C ILE D 135 -19.44 -26.16 -24.32
N GLU D 136 -19.20 -27.47 -24.12
CA GLU D 136 -20.11 -28.50 -24.63
C GLU D 136 -21.48 -28.41 -23.98
N GLY D 137 -21.55 -27.98 -22.71
CA GLY D 137 -22.85 -27.79 -22.09
C GLY D 137 -23.68 -26.71 -22.76
N VAL D 138 -23.03 -25.59 -23.11
CA VAL D 138 -23.74 -24.53 -23.83
C VAL D 138 -24.24 -25.06 -25.17
N LYS D 139 -23.37 -25.77 -25.92
CA LYS D 139 -23.76 -26.27 -27.23
C LYS D 139 -24.97 -27.21 -27.15
N ARG D 140 -25.00 -28.09 -26.14
N ARG D 140 -25.01 -28.08 -26.13
CA ARG D 140 -26.13 -29.01 -25.97
CA ARG D 140 -26.13 -29.01 -25.97
C ARG D 140 -27.41 -28.26 -25.64
C ARG D 140 -27.41 -28.26 -25.64
N ILE D 141 -27.34 -27.32 -24.69
CA ILE D 141 -28.53 -26.59 -24.28
C ILE D 141 -29.08 -25.78 -25.46
N LYS D 142 -28.18 -25.16 -26.24
CA LYS D 142 -28.67 -24.35 -27.35
C LYS D 142 -29.13 -25.22 -28.52
N ALA D 143 -28.59 -26.43 -28.66
CA ALA D 143 -29.09 -27.34 -29.67
C ALA D 143 -30.48 -27.84 -29.32
N LYS D 144 -30.78 -28.00 -28.04
CA LYS D 144 -32.10 -28.49 -27.65
C LYS D 144 -33.10 -27.36 -27.48
N TYR D 145 -32.68 -26.23 -26.90
CA TYR D 145 -33.54 -25.06 -26.70
C TYR D 145 -32.90 -23.87 -27.40
N PRO D 146 -33.03 -23.78 -28.72
CA PRO D 146 -32.33 -22.71 -29.46
C PRO D 146 -32.78 -21.29 -29.09
N GLU D 147 -34.01 -21.11 -28.63
N GLU D 147 -34.01 -21.12 -28.63
CA GLU D 147 -34.46 -19.79 -28.23
CA GLU D 147 -34.48 -19.79 -28.23
C GLU D 147 -34.12 -19.45 -26.78
C GLU D 147 -34.13 -19.45 -26.78
N LEU D 148 -33.80 -20.45 -25.96
CA LEU D 148 -33.53 -20.18 -24.55
C LEU D 148 -32.29 -19.32 -24.38
N GLN D 149 -32.39 -18.28 -23.55
CA GLN D 149 -31.26 -17.39 -23.32
C GLN D 149 -30.31 -18.02 -22.31
N VAL D 150 -29.04 -18.14 -22.69
CA VAL D 150 -28.03 -18.79 -21.86
C VAL D 150 -26.95 -17.77 -21.53
N ILE D 151 -26.71 -17.56 -20.22
CA ILE D 151 -25.51 -16.88 -19.72
C ILE D 151 -24.53 -17.96 -19.29
N ALA D 152 -23.25 -17.79 -19.65
CA ALA D 152 -22.23 -18.77 -19.28
C ALA D 152 -21.09 -18.07 -18.55
N GLY D 153 -20.63 -18.66 -17.46
CA GLY D 153 -19.54 -18.12 -16.68
C GLY D 153 -19.00 -19.21 -15.78
N ASN D 154 -18.01 -18.87 -14.99
CA ASN D 154 -17.45 -17.55 -14.89
C ASN D 154 -16.09 -17.58 -15.55
N ILE D 155 -15.68 -16.45 -16.15
CA ILE D 155 -14.47 -16.40 -16.94
C ILE D 155 -13.78 -15.08 -16.66
N ALA D 156 -12.57 -14.93 -17.20
CA ALA D 156 -11.85 -13.69 -16.98
C ALA D 156 -10.95 -13.28 -18.13
N THR D 157 -11.03 -13.92 -19.31
CA THR D 157 -10.14 -13.56 -20.42
C THR D 157 -10.92 -13.41 -21.72
N PRO D 158 -10.38 -12.61 -22.66
CA PRO D 158 -11.03 -12.48 -23.97
C PRO D 158 -11.15 -13.80 -24.72
N GLU D 159 -10.14 -14.65 -24.63
CA GLU D 159 -10.25 -15.97 -25.24
C GLU D 159 -11.44 -16.75 -24.69
N ALA D 160 -11.78 -16.59 -23.41
CA ALA D 160 -12.95 -17.26 -22.85
C ALA D 160 -14.25 -16.66 -23.40
N VAL D 161 -14.32 -15.33 -23.54
CA VAL D 161 -15.51 -14.71 -24.14
C VAL D 161 -15.75 -15.30 -25.52
N ARG D 162 -14.70 -15.34 -26.33
CA ARG D 162 -14.81 -15.81 -27.70
C ARG D 162 -15.23 -17.27 -27.75
N ASP D 163 -14.64 -18.14 -26.91
CA ASP D 163 -14.98 -19.55 -26.97
C ASP D 163 -16.39 -19.81 -26.44
N LEU D 164 -16.82 -19.07 -25.42
CA LEU D 164 -18.20 -19.20 -24.96
C LEU D 164 -19.18 -18.64 -25.99
N ALA D 165 -18.82 -17.53 -26.65
CA ALA D 165 -19.68 -17.00 -27.70
C ALA D 165 -19.81 -17.98 -28.86
N GLU D 166 -18.72 -18.62 -29.27
CA GLU D 166 -18.86 -19.49 -30.42
C GLU D 166 -19.58 -20.78 -30.04
N ALA D 167 -19.56 -21.13 -28.76
CA ALA D 167 -20.36 -22.23 -28.25
C ALA D 167 -21.85 -21.89 -28.18
N GLY D 168 -22.25 -20.63 -28.37
CA GLY D 168 -23.64 -20.25 -28.41
C GLY D 168 -24.15 -19.42 -27.24
N ALA D 169 -23.29 -19.01 -26.31
CA ALA D 169 -23.77 -18.23 -25.18
C ALA D 169 -24.29 -16.88 -25.64
N ASP D 170 -25.38 -16.43 -25.03
CA ASP D 170 -25.97 -15.15 -25.35
C ASP D 170 -25.37 -14.01 -24.54
N CYS D 171 -24.51 -14.32 -23.57
CA CYS D 171 -23.97 -13.40 -22.58
C CYS D 171 -23.00 -14.22 -21.74
N VAL D 172 -21.90 -13.60 -21.31
CA VAL D 172 -20.89 -14.32 -20.52
C VAL D 172 -20.62 -13.54 -19.24
N LYS D 173 -20.49 -14.26 -18.14
CA LYS D 173 -20.32 -13.66 -16.82
C LYS D 173 -18.83 -13.67 -16.44
N VAL D 174 -18.35 -12.51 -15.98
CA VAL D 174 -16.92 -12.27 -15.74
C VAL D 174 -16.69 -12.15 -14.24
N GLY D 175 -15.72 -12.92 -13.73
CA GLY D 175 -15.31 -12.87 -12.33
C GLY D 175 -14.69 -14.14 -11.81
N ILE D 176 -13.37 -14.14 -11.66
CA ILE D 176 -12.69 -15.25 -11.05
C ILE D 176 -11.97 -14.70 -9.82
N GLY D 177 -12.49 -15.03 -8.66
CA GLY D 177 -11.89 -14.60 -7.41
C GLY D 177 -12.18 -13.26 -6.76
N PRO D 178 -13.06 -12.40 -7.39
CA PRO D 178 -13.25 -11.11 -6.69
C PRO D 178 -14.36 -11.09 -5.65
N GLY D 179 -15.04 -12.19 -5.41
CA GLY D 179 -16.17 -12.19 -4.50
C GLY D 179 -15.75 -11.89 -3.06
N SER D 180 -16.59 -11.12 -2.37
CA SER D 180 -16.35 -10.84 -0.97
C SER D 180 -16.16 -12.11 -0.14
N ILE D 181 -16.79 -13.23 -0.52
CA ILE D 181 -16.74 -14.46 0.28
C ILE D 181 -15.91 -15.54 -0.39
N CYS D 182 -15.12 -15.19 -1.40
CA CYS D 182 -14.41 -16.13 -2.25
C CYS D 182 -12.96 -16.30 -1.78
N THR D 183 -12.45 -17.53 -1.84
CA THR D 183 -11.05 -17.81 -1.49
C THR D 183 -10.32 -18.47 -2.65
N THR D 184 -10.90 -18.43 -3.86
CA THR D 184 -10.27 -19.05 -5.03
C THR D 184 -8.85 -18.56 -5.24
N ARG D 185 -8.62 -17.26 -5.04
CA ARG D 185 -7.28 -16.70 -5.24
C ARG D 185 -6.31 -17.15 -4.15
N ILE D 186 -6.80 -17.41 -2.94
CA ILE D 186 -5.95 -17.87 -1.85
C ILE D 186 -5.72 -19.37 -1.92
N VAL D 187 -6.74 -20.12 -2.30
CA VAL D 187 -6.68 -21.58 -2.28
C VAL D 187 -6.06 -22.13 -3.56
N ALA D 188 -6.32 -21.48 -4.69
CA ALA D 188 -5.78 -21.92 -5.96
C ALA D 188 -4.74 -20.98 -6.54
N GLY D 189 -4.62 -19.76 -6.05
CA GLY D 189 -3.67 -18.81 -6.63
C GLY D 189 -4.09 -18.22 -7.98
N VAL D 190 -5.38 -18.31 -8.32
CA VAL D 190 -5.86 -18.11 -9.67
C VAL D 190 -6.87 -16.96 -9.66
N GLY D 191 -6.70 -16.00 -10.56
CA GLY D 191 -7.68 -14.95 -10.68
C GLY D 191 -7.19 -13.81 -11.54
N VAL D 192 -8.10 -12.89 -11.82
CA VAL D 192 -7.76 -11.66 -12.53
C VAL D 192 -8.50 -10.50 -11.86
N PRO D 193 -7.79 -9.49 -11.35
CA PRO D 193 -8.47 -8.31 -10.78
C PRO D 193 -9.60 -7.81 -11.65
N GLN D 194 -10.73 -7.52 -11.02
CA GLN D 194 -12.00 -7.54 -11.72
C GLN D 194 -12.17 -6.38 -12.72
N LEU D 195 -11.53 -5.23 -12.46
CA LEU D 195 -11.73 -4.11 -13.39
C LEU D 195 -11.06 -4.41 -14.73
N THR D 196 -9.82 -4.91 -14.68
CA THR D 196 -9.11 -5.34 -15.88
C THR D 196 -9.82 -6.49 -16.58
N ALA D 197 -10.33 -7.46 -15.81
CA ALA D 197 -11.06 -8.57 -16.41
C ALA D 197 -12.32 -8.09 -17.12
N VAL D 198 -13.06 -7.14 -16.53
CA VAL D 198 -14.27 -6.65 -17.17
C VAL D 198 -13.93 -5.83 -18.41
N MET D 199 -12.88 -4.99 -18.37
CA MET D 199 -12.52 -4.20 -19.54
C MET D 199 -12.07 -5.10 -20.68
N ASP D 200 -11.13 -6.00 -20.42
CA ASP D 200 -10.66 -6.92 -21.46
C ASP D 200 -11.83 -7.72 -22.04
N CYS D 201 -12.69 -8.29 -21.17
CA CYS D 201 -13.74 -9.15 -21.69
C CYS D 201 -14.78 -8.37 -22.47
N ALA D 202 -15.12 -7.16 -22.01
CA ALA D 202 -16.19 -6.40 -22.65
C ALA D 202 -15.76 -5.91 -24.01
N GLU D 203 -14.47 -5.59 -24.18
CA GLU D 203 -13.95 -5.22 -25.49
C GLU D 203 -14.08 -6.39 -26.46
N GLU D 204 -13.77 -7.60 -25.99
CA GLU D 204 -13.91 -8.78 -26.85
C GLU D 204 -15.38 -9.04 -27.16
N GLY D 205 -16.24 -8.89 -26.17
CA GLY D 205 -17.66 -9.12 -26.33
C GLY D 205 -18.26 -8.15 -27.33
OH ALY D 206 -22.68 -1.29 -23.39
CH ALY D 206 -21.75 -2.08 -23.39
NZ ALY D 206 -20.78 -2.10 -24.30
CE ALY D 206 -20.69 -3.12 -25.34
CD ALY D 206 -19.27 -3.58 -25.67
CG ALY D 206 -19.10 -3.75 -27.19
CB ALY D 206 -17.87 -4.53 -27.69
CA ALY D 206 -18.34 -5.91 -28.17
N ALY D 206 -17.76 -6.92 -27.31
C ALY D 206 -18.01 -6.20 -29.64
O ALY D 206 -18.84 -5.85 -30.51
N LYS D 207 -16.91 -6.89 -29.92
CA LYS D 207 -16.60 -7.26 -31.31
C LYS D 207 -17.54 -8.34 -31.82
N LEU D 208 -18.08 -9.12 -30.91
CA LEU D 208 -19.03 -10.19 -31.24
C LEU D 208 -20.48 -9.76 -31.08
N GLY D 209 -20.74 -8.58 -30.54
CA GLY D 209 -22.11 -8.26 -30.15
C GLY D 209 -22.66 -9.14 -29.06
N ILE D 210 -21.81 -9.63 -28.17
N ILE D 210 -21.82 -9.63 -28.17
CA ILE D 210 -22.23 -10.41 -27.01
CA ILE D 210 -22.25 -10.40 -27.01
C ILE D 210 -21.90 -9.59 -25.76
C ILE D 210 -21.91 -9.59 -25.76
N PRO D 211 -22.84 -9.40 -24.84
CA PRO D 211 -22.55 -8.61 -23.64
C PRO D 211 -21.92 -9.47 -22.55
N VAL D 212 -21.35 -8.79 -21.55
CA VAL D 212 -20.73 -9.42 -20.41
C VAL D 212 -21.27 -8.80 -19.12
N ILE D 213 -21.35 -9.65 -18.08
CA ILE D 213 -21.77 -9.27 -16.73
C ILE D 213 -20.54 -9.16 -15.82
N ALA D 214 -20.48 -8.08 -15.05
CA ALA D 214 -19.47 -7.91 -14.00
C ALA D 214 -19.99 -8.54 -12.70
N ASP D 215 -19.44 -9.68 -12.35
CA ASP D 215 -19.94 -10.50 -11.25
C ASP D 215 -18.88 -10.50 -10.14
N GLY D 216 -19.21 -9.87 -9.02
CA GLY D 216 -18.42 -10.07 -7.81
C GLY D 216 -17.48 -8.91 -7.52
N GLY D 217 -17.22 -8.70 -6.23
CA GLY D 217 -16.28 -7.69 -5.84
C GLY D 217 -16.84 -6.29 -5.76
N LEU D 218 -18.14 -6.11 -5.97
CA LEU D 218 -18.76 -4.79 -5.94
C LEU D 218 -19.19 -4.48 -4.52
N LYS D 219 -18.70 -3.37 -3.97
CA LYS D 219 -19.03 -3.02 -2.61
C LYS D 219 -19.89 -1.76 -2.50
N TYR D 220 -19.71 -0.79 -3.38
CA TYR D 220 -20.35 0.52 -3.32
C TYR D 220 -21.00 0.83 -4.66
N SER D 221 -21.87 1.86 -4.68
CA SER D 221 -22.52 2.22 -5.95
C SER D 221 -21.47 2.65 -6.98
N GLY D 222 -20.47 3.41 -6.53
CA GLY D 222 -19.43 3.84 -7.46
C GLY D 222 -18.71 2.68 -8.12
N ASP D 223 -18.61 1.54 -7.43
CA ASP D 223 -18.01 0.36 -8.05
C ASP D 223 -18.84 -0.11 -9.23
N ILE D 224 -20.16 -0.03 -9.11
CA ILE D 224 -21.02 -0.44 -10.22
C ILE D 224 -20.83 0.50 -11.40
N VAL D 225 -20.76 1.81 -11.14
CA VAL D 225 -20.49 2.78 -12.21
C VAL D 225 -19.23 2.41 -12.99
N LYS D 226 -18.14 2.08 -12.26
CA LYS D 226 -16.92 1.74 -12.97
C LYS D 226 -17.04 0.42 -13.74
N ALA D 227 -17.79 -0.55 -13.18
CA ALA D 227 -18.04 -1.80 -13.91
C ALA D 227 -18.80 -1.54 -15.21
N LEU D 228 -19.82 -0.68 -15.18
CA LEU D 228 -20.57 -0.37 -16.39
C LEU D 228 -19.76 0.51 -17.35
N ALA D 229 -18.95 1.44 -16.81
CA ALA D 229 -18.14 2.27 -17.70
C ALA D 229 -17.06 1.44 -18.38
N ALA D 230 -16.62 0.34 -17.74
CA ALA D 230 -15.67 -0.58 -18.33
C ALA D 230 -16.31 -1.48 -19.38
N GLY D 231 -17.64 -1.52 -19.48
CA GLY D 231 -18.29 -2.19 -20.60
C GLY D 231 -19.23 -3.31 -20.22
N ALA D 232 -19.36 -3.66 -18.95
CA ALA D 232 -20.37 -4.63 -18.54
C ALA D 232 -21.76 -4.10 -18.84
N CYS D 233 -22.64 -4.97 -19.37
CA CYS D 233 -24.06 -4.64 -19.54
C CYS D 233 -24.84 -4.67 -18.23
N ALA D 234 -24.35 -5.36 -17.21
CA ALA D 234 -25.07 -5.52 -15.95
C ALA D 234 -24.07 -5.91 -14.89
N ALA D 235 -24.50 -5.75 -13.65
CA ALA D 235 -23.65 -5.94 -12.48
C ALA D 235 -24.34 -6.94 -11.58
N MET D 236 -23.60 -7.92 -11.10
CA MET D 236 -24.13 -8.96 -10.22
C MET D 236 -23.49 -8.84 -8.84
N MET D 237 -24.32 -8.92 -7.81
CA MET D 237 -23.87 -8.69 -6.45
C MET D 237 -24.44 -9.75 -5.53
N GLY D 238 -23.58 -10.27 -4.67
CA GLY D 238 -24.03 -11.09 -3.58
C GLY D 238 -24.05 -10.23 -2.33
N SER D 239 -22.87 -9.77 -1.91
CA SER D 239 -22.75 -9.08 -0.63
C SER D 239 -23.75 -7.92 -0.50
N ILE D 240 -23.90 -7.12 -1.56
CA ILE D 240 -24.69 -5.89 -1.45
C ILE D 240 -26.16 -6.23 -1.13
N PHE D 241 -26.66 -7.33 -1.68
CA PHE D 241 -28.06 -7.69 -1.49
C PHE D 241 -28.29 -8.68 -0.35
N ALA D 242 -27.23 -9.33 0.13
CA ALA D 242 -27.41 -10.42 1.08
C ALA D 242 -27.83 -9.95 2.46
N GLY D 243 -27.58 -8.68 2.79
CA GLY D 243 -28.19 -8.22 4.01
C GLY D 243 -29.66 -7.81 3.93
N CYS D 244 -30.30 -7.96 2.78
CA CYS D 244 -31.64 -7.42 2.62
C CYS D 244 -32.70 -8.40 3.12
N GLU D 245 -33.83 -7.84 3.54
CA GLU D 245 -34.93 -8.65 4.07
C GLU D 245 -35.39 -9.69 3.05
N GLU D 246 -35.30 -9.38 1.76
CA GLU D 246 -35.85 -10.25 0.74
C GLU D 246 -34.97 -11.46 0.48
N ALA D 247 -33.71 -11.44 0.92
CA ALA D 247 -32.80 -12.56 0.76
C ALA D 247 -33.22 -13.70 1.69
N PRO D 248 -32.83 -14.94 1.38
CA PRO D 248 -33.19 -16.05 2.27
C PRO D 248 -32.45 -15.95 3.60
N GLY D 249 -33.03 -16.58 4.61
CA GLY D 249 -32.41 -16.54 5.91
C GLY D 249 -33.09 -15.55 6.84
N ALA D 250 -33.01 -15.84 8.14
CA ALA D 250 -33.60 -14.99 9.15
C ALA D 250 -32.61 -13.91 9.56
N ILE D 251 -33.12 -12.89 10.23
CA ILE D 251 -32.27 -11.85 10.78
C ILE D 251 -31.67 -12.36 12.09
N GLU D 252 -30.37 -12.12 12.29
CA GLU D 252 -29.69 -12.52 13.51
C GLU D 252 -29.17 -11.28 14.24
N ILE D 253 -29.15 -11.37 15.56
CA ILE D 253 -28.69 -10.28 16.43
C ILE D 253 -27.51 -10.78 17.25
N TYR D 254 -26.39 -10.06 17.20
CA TYR D 254 -25.24 -10.34 18.05
C TYR D 254 -24.74 -9.03 18.61
N GLN D 255 -24.65 -8.94 19.94
CA GLN D 255 -24.17 -7.75 20.64
C GLN D 255 -24.94 -6.50 20.22
N GLY D 256 -26.26 -6.61 20.22
CA GLY D 256 -27.14 -5.48 19.95
C GLY D 256 -27.31 -5.07 18.50
N ARG D 257 -26.71 -5.76 17.53
CA ARG D 257 -26.77 -5.34 16.13
C ARG D 257 -27.29 -6.45 15.23
N SER D 258 -28.03 -6.04 14.18
CA SER D 258 -28.70 -6.96 13.25
C SER D 258 -27.77 -7.45 12.14
N TYR D 259 -27.89 -8.74 11.79
CA TYR D 259 -27.07 -9.34 10.74
C TYR D 259 -27.89 -10.35 9.94
N LYS D 260 -27.34 -10.74 8.78
CA LYS D 260 -27.79 -11.90 8.01
C LYS D 260 -26.59 -12.75 7.68
N VAL D 261 -26.81 -14.07 7.62
CA VAL D 261 -25.74 -14.97 7.25
C VAL D 261 -25.47 -14.85 5.76
N TYR D 262 -24.21 -14.83 5.38
CA TYR D 262 -23.83 -14.81 3.98
C TYR D 262 -22.63 -15.73 3.80
N ARG D 263 -22.64 -16.52 2.73
CA ARG D 263 -21.61 -17.55 2.54
C ARG D 263 -21.46 -17.90 1.07
N GLY D 264 -20.23 -18.19 0.67
CA GLY D 264 -19.98 -18.62 -0.69
C GLY D 264 -20.53 -20.01 -0.97
N MET D 265 -20.91 -20.24 -2.22
CA MET D 265 -21.45 -21.53 -2.60
C MET D 265 -20.39 -22.61 -2.60
N GLY D 266 -19.11 -22.25 -2.61
CA GLY D 266 -18.01 -23.17 -2.43
C GLY D 266 -17.53 -23.27 -1.00
N SER D 267 -18.30 -22.75 -0.04
CA SER D 267 -17.98 -22.89 1.37
C SER D 267 -18.38 -24.28 1.87
N LEU D 268 -17.77 -24.70 2.97
CA LEU D 268 -18.09 -26.00 3.55
C LEU D 268 -19.58 -26.15 3.85
N GLY D 269 -20.21 -25.10 4.39
CA GLY D 269 -21.62 -25.21 4.74
C GLY D 269 -22.56 -25.26 3.53
N ALA D 270 -22.30 -24.44 2.51
CA ALA D 270 -23.11 -24.49 1.29
C ALA D 270 -23.05 -25.86 0.63
N MET D 271 -21.88 -26.47 0.59
CA MET D 271 -21.78 -27.78 -0.05
C MET D 271 -22.26 -28.91 0.83
N ALA D 272 -22.53 -28.65 2.11
CA ALA D 272 -23.10 -29.69 2.97
C ALA D 272 -24.53 -29.99 2.58
N LYS D 273 -25.25 -29.01 2.05
CA LYS D 273 -26.65 -29.15 1.66
C LYS D 273 -26.85 -30.17 0.54
N PHE D 287 -13.32 -32.53 -2.35
CA PHE D 287 -13.13 -31.20 -2.91
C PHE D 287 -12.99 -30.13 -1.81
N VAL D 288 -11.93 -29.34 -1.87
CA VAL D 288 -11.60 -28.40 -0.81
C VAL D 288 -12.36 -27.09 -1.05
N PRO D 289 -12.82 -26.43 0.01
CA PRO D 289 -13.69 -25.25 -0.17
C PRO D 289 -12.97 -24.09 -0.85
N GLU D 290 -13.75 -23.29 -1.58
CA GLU D 290 -13.25 -22.06 -2.20
C GLU D 290 -14.08 -20.86 -1.77
N GLY D 291 -14.77 -20.96 -0.63
CA GLY D 291 -15.50 -19.83 -0.09
C GLY D 291 -15.53 -19.92 1.43
N VAL D 292 -15.85 -18.80 2.06
CA VAL D 292 -16.00 -18.72 3.50
C VAL D 292 -17.46 -18.44 3.84
N GLU D 293 -17.80 -18.58 5.12
N GLU D 293 -17.79 -18.57 5.13
CA GLU D 293 -19.15 -18.36 5.65
CA GLU D 293 -19.13 -18.35 5.64
C GLU D 293 -19.06 -17.34 6.78
C GLU D 293 -19.07 -17.35 6.78
N GLY D 294 -19.96 -16.36 6.76
CA GLY D 294 -19.98 -15.34 7.77
C GLY D 294 -21.28 -14.57 7.84
N ARG D 295 -21.23 -13.40 8.48
N ARG D 295 -21.24 -13.42 8.51
CA ARG D 295 -22.38 -12.54 8.70
CA ARG D 295 -22.41 -12.56 8.64
C ARG D 295 -22.07 -11.14 8.16
C ARG D 295 -22.08 -11.16 8.15
N ILE D 296 -23.08 -10.50 7.58
CA ILE D 296 -23.00 -9.10 7.17
C ILE D 296 -24.13 -8.32 7.82
N ALA D 297 -23.96 -7.01 7.86
CA ALA D 297 -24.96 -6.12 8.45
C ALA D 297 -26.32 -6.31 7.77
N TYR D 298 -27.37 -6.26 8.56
CA TYR D 298 -28.71 -6.27 8.00
C TYR D 298 -29.02 -4.89 7.45
N LYS D 299 -29.43 -4.83 6.18
CA LYS D 299 -29.60 -3.57 5.47
C LYS D 299 -31.06 -3.16 5.29
N GLY D 300 -32.01 -3.96 5.75
CA GLY D 300 -33.41 -3.60 5.56
C GLY D 300 -34.00 -4.12 4.27
N HIS D 301 -35.00 -3.44 3.73
CA HIS D 301 -35.65 -3.94 2.53
C HIS D 301 -34.90 -3.56 1.25
N LEU D 302 -34.94 -4.48 0.29
CA LEU D 302 -34.26 -4.32 -0.99
C LEU D 302 -34.51 -2.97 -1.62
N ALA D 303 -35.74 -2.45 -1.50
CA ALA D 303 -36.11 -1.21 -2.19
C ALA D 303 -35.19 -0.06 -1.81
N ASP D 304 -34.89 0.09 -0.51
CA ASP D 304 -34.05 1.20 -0.08
C ASP D 304 -32.60 1.04 -0.55
N THR D 305 -32.09 -0.20 -0.61
CA THR D 305 -30.74 -0.42 -1.12
C THR D 305 -30.64 -0.09 -2.60
N ILE D 306 -31.63 -0.51 -3.38
CA ILE D 306 -31.65 -0.28 -4.82
C ILE D 306 -31.73 1.20 -5.12
N TYR D 307 -32.57 1.92 -4.39
CA TYR D 307 -32.65 3.36 -4.53
C TYR D 307 -31.29 4.03 -4.38
N GLN D 308 -30.49 3.58 -3.41
CA GLN D 308 -29.16 4.15 -3.23
C GLN D 308 -28.25 3.81 -4.40
N LEU D 309 -28.29 2.57 -4.87
CA LEU D 309 -27.43 2.16 -5.97
C LEU D 309 -27.78 2.90 -7.26
N ILE D 310 -29.08 2.96 -7.58
CA ILE D 310 -29.54 3.68 -8.78
C ILE D 310 -29.16 5.16 -8.68
N GLY D 311 -29.40 5.78 -7.52
CA GLY D 311 -29.00 7.17 -7.35
C GLY D 311 -27.52 7.39 -7.60
N GLY D 312 -26.68 6.47 -7.13
CA GLY D 312 -25.24 6.63 -7.32
C GLY D 312 -24.84 6.44 -8.77
N ILE D 313 -25.47 5.47 -9.43
CA ILE D 313 -25.20 5.26 -10.86
C ILE D 313 -25.61 6.50 -11.66
N LYS D 314 -26.83 7.02 -11.42
CA LYS D 314 -27.27 8.19 -12.15
C LYS D 314 -26.35 9.39 -11.91
N SER D 315 -25.78 9.49 -10.71
CA SER D 315 -24.86 10.59 -10.44
C SER D 315 -23.56 10.42 -11.20
N GLY D 316 -23.06 9.19 -11.29
CA GLY D 316 -21.89 8.91 -12.11
C GLY D 316 -22.10 9.29 -13.56
N MET D 317 -23.23 8.87 -14.14
CA MET D 317 -23.48 9.23 -15.53
C MET D 317 -23.58 10.74 -15.71
N GLY D 318 -24.14 11.44 -14.73
CA GLY D 318 -24.17 12.90 -14.80
C GLY D 318 -22.77 13.51 -14.85
N TYR D 319 -21.85 13.00 -14.01
CA TYR D 319 -20.48 13.48 -14.02
C TYR D 319 -19.79 13.20 -15.35
N LEU D 320 -20.26 12.19 -16.09
CA LEU D 320 -19.61 11.77 -17.33
C LEU D 320 -20.40 12.15 -18.57
N GLY D 321 -21.47 12.93 -18.42
CA GLY D 321 -22.23 13.41 -19.55
C GLY D 321 -22.94 12.33 -20.36
N ALA D 322 -23.24 11.20 -19.74
CA ALA D 322 -23.77 10.05 -20.46
C ALA D 322 -25.26 9.90 -20.20
N PRO D 323 -26.12 10.12 -21.20
CA PRO D 323 -27.56 9.87 -20.99
C PRO D 323 -27.96 8.41 -21.15
N THR D 324 -27.08 7.53 -21.65
CA THR D 324 -27.36 6.10 -21.74
C THR D 324 -26.15 5.34 -21.25
N LEU D 325 -26.33 4.03 -21.04
CA LEU D 325 -25.21 3.17 -20.61
C LEU D 325 -24.16 3.04 -21.70
N GLU D 326 -24.57 2.98 -22.96
CA GLU D 326 -23.60 2.90 -24.06
C GLU D 326 -22.78 4.18 -24.15
N ASN D 327 -23.41 5.32 -23.87
CA ASN D 327 -22.67 6.58 -23.86
C ASN D 327 -21.65 6.61 -22.72
N LEU D 328 -22.03 6.07 -21.56
CA LEU D 328 -21.09 5.94 -20.44
C LEU D 328 -19.84 5.18 -20.86
N TYR D 329 -20.03 4.03 -21.51
CA TYR D 329 -18.89 3.22 -21.96
C TYR D 329 -18.03 3.97 -22.97
N GLU D 330 -18.67 4.62 -23.95
CA GLU D 330 -17.92 5.26 -25.03
C GLU D 330 -17.18 6.51 -24.58
N ASN D 331 -17.45 7.02 -23.38
CA ASN D 331 -16.81 8.25 -22.92
C ASN D 331 -16.07 8.06 -21.61
N ALA D 332 -15.88 6.83 -21.17
CA ALA D 332 -15.28 6.57 -19.88
C ALA D 332 -13.76 6.61 -19.96
N ASN D 333 -13.16 7.35 -19.05
CA ASN D 333 -11.73 7.46 -18.91
C ASN D 333 -11.33 7.25 -17.46
N PHE D 334 -10.42 6.32 -17.22
CA PHE D 334 -9.96 6.01 -15.88
C PHE D 334 -8.58 6.60 -15.63
N VAL D 335 -8.33 7.02 -14.40
CA VAL D 335 -6.97 7.21 -13.93
C VAL D 335 -6.73 6.18 -12.83
N VAL D 336 -5.48 5.78 -12.70
CA VAL D 336 -5.06 4.88 -11.63
C VAL D 336 -4.69 5.73 -10.43
N GLN D 337 -5.21 5.38 -9.25
CA GLN D 337 -4.81 6.06 -8.02
C GLN D 337 -3.90 5.13 -7.21
N THR D 338 -3.06 5.72 -6.36
CA THR D 338 -2.21 4.94 -5.46
C THR D 338 -2.97 4.56 -4.19
N SER D 339 -2.25 3.91 -3.27
CA SER D 339 -2.74 3.74 -1.91
C SER D 339 -3.09 5.09 -1.27
N ALA D 340 -2.26 6.11 -1.50
CA ALA D 340 -2.52 7.41 -0.91
C ALA D 340 -3.76 8.04 -1.54
N GLY D 341 -3.93 7.90 -2.86
CA GLY D 341 -5.15 8.35 -3.47
C GLY D 341 -6.38 7.63 -2.91
N PHE D 342 -6.23 6.33 -2.63
CA PHE D 342 -7.35 5.57 -2.10
C PHE D 342 -7.84 6.16 -0.78
N ARG D 343 -6.91 6.57 0.10
CA ARG D 343 -7.28 7.23 1.35
C ARG D 343 -7.86 8.63 1.12
N GLU D 344 -7.41 9.34 0.08
CA GLU D 344 -8.09 10.59 -0.27
C GLU D 344 -9.53 10.35 -0.71
N SER D 345 -9.83 9.18 -1.30
CA SER D 345 -11.13 9.02 -1.96
C SER D 345 -12.22 8.64 -0.97
N HIS D 346 -11.88 8.00 0.12
CA HIS D 346 -12.87 7.72 1.12
C HIS D 346 -12.78 8.84 2.15
N PRO D 347 -13.89 9.13 2.84
CA PRO D 347 -13.83 10.08 3.95
C PRO D 347 -12.58 9.83 4.79
N HIS D 348 -11.90 10.91 5.18
CA HIS D 348 -10.66 10.80 5.93
C HIS D 348 -10.62 11.86 7.00
N ASP D 349 -10.00 11.53 8.13
CA ASP D 349 -9.80 12.48 9.24
C ASP D 349 -11.13 13.07 9.72
N ILE D 350 -12.09 12.19 9.96
CA ILE D 350 -13.42 12.57 10.43
C ILE D 350 -13.96 11.38 11.19
N ASN D 351 -14.39 11.60 12.42
CA ASN D 351 -15.04 10.56 13.21
C ASN D 351 -16.52 10.56 12.82
N ILE D 352 -16.88 9.72 11.84
CA ILE D 352 -18.24 9.71 11.32
C ILE D 352 -19.20 9.26 12.41
N THR D 353 -20.31 10.00 12.58
CA THR D 353 -21.24 9.77 13.69
C THR D 353 -22.67 9.51 13.26
N LYS D 354 -23.02 9.72 11.99
CA LYS D 354 -24.35 9.41 11.47
C LYS D 354 -24.20 8.40 10.36
N GLU D 355 -25.08 7.41 10.34
CA GLU D 355 -25.02 6.41 9.28
C GLU D 355 -25.60 7.04 8.02
N ALA D 356 -24.82 6.99 6.94
CA ALA D 356 -25.27 7.42 5.62
C ALA D 356 -25.83 6.23 4.86
N PRO D 357 -26.93 6.43 4.10
CA PRO D 357 -27.59 5.29 3.43
C PRO D 357 -26.72 4.56 2.40
N ASN D 358 -25.65 5.18 1.90
CA ASN D 358 -24.83 4.60 0.83
C ASN D 358 -23.35 4.50 1.20
N TYR D 359 -23.00 4.55 2.49
CA TYR D 359 -21.60 4.46 2.86
C TYR D 359 -21.45 3.86 4.25
N SER D 360 -20.70 2.75 4.33
CA SER D 360 -20.36 2.06 5.57
C SER D 360 -21.59 1.65 6.37
P IMP E . 16.29 9.22 13.93
O1P IMP E . 15.39 8.77 12.84
O2P IMP E . 17.38 8.24 14.12
O3P IMP E . 15.49 9.37 15.18
O5' IMP E . 16.97 10.55 13.39
C5' IMP E . 17.23 11.75 14.11
C4' IMP E . 17.71 12.76 13.07
O4' IMP E . 16.65 13.61 12.65
C3' IMP E . 18.81 13.68 13.57
O3' IMP E . 20.06 13.18 13.17
C2' IMP E . 18.55 14.99 12.86
O2' IMP E . 19.29 15.00 11.66
C1' IMP E . 17.07 14.96 12.51
N9 IMP E . 16.23 15.77 13.42
C8 IMP E . 16.41 15.91 14.74
N7 IMP E . 15.43 16.69 15.22
C5 IMP E . 14.64 17.03 14.21
C6 IMP E . 13.50 17.82 14.11
O6 IMP E . 13.00 18.35 15.10
N1 IMP E . 12.94 17.97 12.91
C2 IMP E . 13.45 17.38 11.84
N3 IMP E . 14.54 16.63 11.91
C4 IMP E . 15.16 16.45 13.08
C7 8L4 F . 15.21 20.70 11.51
C13 8L4 F . 11.64 24.38 13.86
C17 8L4 F . 13.66 26.10 8.48
C18 8L4 F . 13.01 25.99 7.25
C19 8L4 F . 13.59 26.52 6.10
C20 8L4 F . 14.82 27.16 6.16
C21 8L4 F . 15.47 27.27 7.38
C22 8L4 F . 14.90 26.74 8.52
C1 8L4 F . 13.94 23.73 13.38
C10 8L4 F . 13.49 25.54 10.84
C11 8L4 F . 12.93 24.81 13.17
C12 8L4 F . 13.43 26.07 13.88
C2 8L4 F . 14.68 23.66 14.56
C3 8L4 F . 15.61 22.64 14.74
C4 8L4 F . 15.80 21.66 13.76
C5 8L4 F . 15.05 21.72 12.58
C6 8L4 F . 14.12 22.75 12.40
N1 8L4 F . 16.40 20.13 11.36
N2 8L4 F . 14.19 20.40 10.72
N3 8L4 F . 12.68 24.96 11.74
N4 8L4 F . 13.04 25.57 9.57
O1 8L4 F . 16.63 19.18 10.37
O2 8L4 F . 14.56 26.02 11.17
CL 8L4 F . 15.55 27.85 4.68
C1 PGE G . 18.60 9.76 -10.83
O1 PGE G . 18.20 9.36 -9.50
C2 PGE G . 17.78 10.94 -11.38
O2 PGE G . 18.27 12.22 -10.93
C3 PGE G . 17.41 13.34 -11.18
C4 PGE G . 17.64 14.46 -10.16
O4 PGE G . 16.47 14.23 -5.72
C6 PGE G . 15.92 14.87 -6.88
C5 PGE G . 17.00 15.10 -7.94
O3 PGE G . 16.58 14.54 -9.19
C1 PGE H . 37.12 0.17 19.68
O1 PGE H . 37.19 -0.34 18.33
C2 PGE H . 37.22 1.69 19.71
O2 PGE H . 38.48 2.19 19.22
C3 PGE H . 38.78 3.51 19.70
C4 PGE H . 40.22 3.89 19.35
O4 PGE H . 42.79 2.10 16.30
C6 PGE H . 42.31 3.45 16.29
C5 PGE H . 41.92 3.88 17.71
O3 PGE H . 40.58 3.47 18.03
C1 PEG I . 29.11 -11.12 15.01
O1 PEG I . 30.28 -11.18 14.19
C2 PEG I . 29.39 -10.41 16.33
O2 PEG I . 29.93 -9.11 16.08
C3 PEG I . 30.15 -8.32 17.25
C4 PEG I . 31.64 -8.08 17.48
O4 PEG I . 31.99 -6.71 17.25
P IMP J . 8.27 -20.61 6.51
O1P IMP J . 7.79 -19.33 5.92
O2P IMP J . 7.70 -21.75 5.75
O3P IMP J . 7.84 -20.72 7.92
O5' IMP J . 9.85 -20.64 6.38
C5' IMP J . 10.62 -21.76 6.75
C4' IMP J . 11.99 -21.60 6.13
O4' IMP J . 12.68 -20.47 6.65
C3' IMP J . 12.91 -22.76 6.41
O3' IMP J . 12.77 -23.79 5.46
C2' IMP J . 14.28 -22.13 6.28
O2' IMP J . 14.64 -22.15 4.91
C1' IMP J . 14.08 -20.70 6.70
N9 IMP J . 14.56 -20.45 8.08
C8 IMP J . 14.44 -21.26 9.12
N7 IMP J . 14.98 -20.69 10.20
C5 IMP J . 15.46 -19.50 9.82
C6 IMP J . 16.12 -18.47 10.48
O6 IMP J . 16.38 -18.56 11.69
N1 IMP J . 16.48 -17.38 9.80
C2 IMP J . 16.22 -17.27 8.51
N3 IMP J . 15.58 -18.24 7.85
C4 IMP J . 15.20 -19.36 8.49
C7 8L4 K . 19.64 -18.31 8.33
C13 8L4 K . 21.99 -16.59 13.22
C17 8L4 K . 25.26 -15.54 8.24
C18 8L4 K . 25.35 -14.36 7.49
C19 8L4 K . 26.23 -14.28 6.42
C20 8L4 K . 27.00 -15.38 6.07
C21 8L4 K . 26.92 -16.56 6.79
C22 8L4 K . 26.03 -16.63 7.87
C1 8L4 K . 21.83 -18.25 11.42
C10 8L4 K . 24.11 -16.57 10.13
C11 8L4 K . 22.77 -17.29 12.11
C12 8L4 K . 23.89 -18.08 12.79
C2 8L4 K . 21.58 -19.50 11.96
C3 8L4 K . 20.70 -20.37 11.31
C4 8L4 K . 20.07 -19.98 10.13
C5 8L4 K . 20.32 -18.73 9.59
C6 8L4 K . 21.20 -17.87 10.24
N1 8L4 K . 19.03 -19.21 7.58
N2 8L4 K . 19.65 -17.02 7.95
N3 8L4 K . 23.22 -16.34 11.10
N4 8L4 K . 24.38 -15.56 9.29
O1 8L4 K . 18.39 -18.85 6.41
O2 8L4 K . 24.66 -17.66 10.04
CL 8L4 K . 28.13 -15.30 4.67
C1 PEG L . 0.95 -40.93 -1.31
O1 PEG L . 0.51 -41.05 -2.67
C2 PEG L . 1.68 -42.20 -0.87
O2 PEG L . 2.94 -42.31 -1.51
C3 PEG L . 3.86 -43.17 -0.82
C4 PEG L . 5.07 -43.42 -1.70
O4 PEG L . 4.72 -44.31 -2.78
C1 EDO M . 13.97 -0.55 -11.68
O1 EDO M . 15.14 0.10 -12.20
C2 EDO M . 13.16 0.36 -10.76
O2 EDO M . 11.86 -0.22 -10.58
C1 PGE N . 13.80 -11.01 -14.11
O1 PGE N . 13.79 -10.83 -12.68
C2 PGE N . 14.85 -10.14 -14.82
O2 PGE N . 16.15 -10.41 -14.29
C3 PGE N . 17.23 -9.91 -15.10
C4 PGE N . 18.24 -9.17 -14.22
O4 PGE N . 18.67 -9.94 -9.80
C6 PGE N . 19.66 -9.85 -10.85
C5 PGE N . 19.16 -9.02 -12.02
O3 PGE N . 18.42 -9.83 -12.95
MG MG O . -3.52 -37.08 17.23
K K P . -11.83 -12.94 -2.78
P IMP Q . -11.69 19.36 3.15
O1P IMP Q . -12.50 19.09 4.34
O2P IMP Q . -10.86 18.20 2.76
O3P IMP Q . -10.77 20.50 3.42
O5' IMP Q . -12.60 19.78 1.92
C5' IMP Q . -13.78 20.55 1.98
C4' IMP Q . -14.31 20.59 0.56
O4' IMP Q . -15.07 19.43 0.25
C3' IMP Q . -15.23 21.76 0.28
O3' IMP Q . -14.49 22.88 -0.14
C2' IMP Q . -16.08 21.25 -0.85
O2' IMP Q . -15.44 21.53 -2.08
C1' IMP Q . -16.11 19.74 -0.68
N9 IMP Q . -17.41 19.26 -0.15
C8 IMP Q . -18.16 19.80 0.79
N7 IMP Q . -19.25 19.06 0.99
C5 IMP Q . -19.19 18.01 0.14
C6 IMP Q . -20.00 16.92 -0.11
O6 IMP Q . -21.06 16.73 0.50
N1 IMP Q . -19.63 16.04 -1.04
C2 IMP Q . -18.50 16.20 -1.72
N3 IMP Q . -17.70 17.23 -1.48
C4 IMP Q . -18.02 18.15 -0.57
C7 8L4 R . -20.96 17.68 -4.01
C13 8L4 R . -25.89 15.10 -3.04
C17 8L4 R . -24.49 15.59 -8.81
C18 8L4 R . -25.03 16.71 -9.44
C19 8L4 R . -24.90 16.94 -10.80
C20 8L4 R . -24.20 15.99 -11.54
C21 8L4 R . -23.66 14.85 -10.95
C22 8L4 R . -23.79 14.65 -9.58
C1 8L4 R . -24.71 17.18 -3.62
C10 8L4 R . -25.21 16.08 -6.54
C11 8L4 R . -25.75 16.19 -4.09
C12 8L4 R . -27.12 16.86 -4.25
C2 8L4 R . -25.06 18.26 -2.81
C3 8L4 R . -24.07 19.15 -2.40
C4 8L4 R . -22.75 18.95 -2.78
C5 8L4 R . -22.40 17.87 -3.59
C6 8L4 R . -23.39 16.98 -4.00
N1 8L4 R . -20.20 18.76 -4.05
N2 8L4 R . -20.47 16.47 -4.36
N3 8L4 R . -25.19 15.59 -5.30
N4 8L4 R . -24.61 15.33 -7.47
O1 8L4 R . -18.87 18.68 -4.42
O2 8L4 R . -25.75 17.15 -6.79
CL 8L4 R . -24.03 16.26 -13.29
C1 PEG S . -2.47 41.02 6.81
O1 PEG S . -1.91 39.71 6.64
C2 PEG S . -4.00 40.96 6.81
O2 PEG S . -4.57 42.13 6.24
C3 PEG S . -5.90 41.89 5.75
C4 PEG S . -6.63 43.19 5.41
O4 PEG S . -5.80 44.03 4.60
C1 PGE T . -0.39 14.25 -17.78
O1 PGE T . -0.50 14.33 -16.34
C2 PGE T . -1.68 14.75 -18.40
O2 PGE T . -2.00 14.21 -19.69
C3 PGE T . -3.16 13.38 -19.65
C4 PGE T . -4.45 14.18 -19.71
O4 PGE T . -6.70 13.88 -16.11
C6 PGE T . -7.03 13.27 -17.37
C5 PGE T . -6.54 14.10 -18.56
O3 PGE T . -5.55 13.37 -19.29
C1 EDO U . -1.56 3.41 -16.41
O1 EDO U . -0.49 3.67 -15.50
C2 EDO U . -0.98 3.10 -17.77
O2 EDO U . -1.83 3.64 -18.78
C1 PGE V . 8.18 31.64 10.41
O1 PGE V . 8.57 32.89 9.82
C2 PGE V . 7.05 31.85 11.44
O2 PGE V . 5.86 32.24 10.76
C3 PGE V . 4.72 32.28 11.63
C4 PGE V . 3.54 32.96 10.95
O4 PGE V . 4.22 36.55 9.08
C6 PGE V . 3.21 36.55 10.09
C5 PGE V . 2.73 35.12 10.33
O3 PGE V . 3.86 34.31 10.62
K K W . -13.10 11.73 -0.20
P IMP X . -19.90 -10.48 -4.02
O1P IMP X . -20.93 -9.60 -4.58
O2P IMP X . -18.63 -9.76 -3.98
O3P IMP X . -20.27 -10.89 -2.66
O5' IMP X . -19.72 -11.74 -4.97
C5' IMP X . -20.71 -12.72 -5.22
C4' IMP X . -20.19 -13.61 -6.33
O4' IMP X . -19.08 -14.39 -5.89
C3' IMP X . -21.17 -14.64 -6.84
O3' IMP X . -22.04 -14.11 -7.83
C2' IMP X . -20.27 -15.66 -7.45
O2' IMP X . -19.88 -15.22 -8.75
C1' IMP X . -19.03 -15.62 -6.59
N9 IMP X . -19.01 -16.72 -5.63
C8 IMP X . -20.05 -17.16 -4.92
N7 IMP X . -19.66 -18.16 -4.12
C5 IMP X . -18.35 -18.33 -4.32
C6 IMP X . -17.43 -19.19 -3.79
O6 IMP X . -17.75 -20.02 -2.93
N1 IMP X . -16.16 -19.13 -4.21
C2 IMP X . -15.80 -18.25 -5.13
N3 IMP X . -16.66 -17.40 -5.65
C4 IMP X . -17.95 -17.43 -5.27
C7 8L4 Y . -16.46 -21.23 -7.23
C13 8L4 Y . -15.52 -25.70 -4.01
C17 8L4 Y . -12.81 -26.03 -9.32
C18 8L4 Y . -13.62 -26.61 -10.30
C19 8L4 Y . -13.14 -26.84 -11.57
C20 8L4 Y . -11.83 -26.51 -11.86
C21 8L4 Y . -11.01 -25.94 -10.89
C22 8L4 Y . -11.49 -25.70 -9.62
C1 8L4 Y . -16.77 -24.71 -5.77
C10 8L4 Y . -14.49 -26.03 -7.57
C11 8L4 Y . -15.87 -25.86 -5.49
C12 8L4 Y . -16.61 -27.19 -5.64
C2 8L4 Y . -18.12 -24.76 -5.43
C3 8L4 Y . -18.92 -23.66 -5.69
C4 8L4 Y . -18.38 -22.51 -6.25
C5 8L4 Y . -17.03 -22.45 -6.57
C6 8L4 Y . -16.22 -23.55 -6.35
N1 8L4 Y . -17.24 -20.58 -8.07
N2 8L4 Y . -15.20 -20.86 -6.98
N3 8L4 Y . -14.65 -25.71 -6.29
N4 8L4 Y . -13.26 -25.79 -8.06
O1 8L4 Y . -16.81 -19.44 -8.74
O2 8L4 Y . -15.40 -26.48 -8.25
CL 8L4 Y . -11.23 -26.82 -13.51
C1 PEG Z . -31.06 10.69 -8.37
O1 PEG Z . -31.79 10.86 -9.58
C2 PEG Z . -31.83 9.80 -7.41
O2 PEG Z . -32.18 8.60 -8.10
C3 PEG Z . -32.73 7.61 -7.22
C4 PEG Z . -34.16 7.33 -7.67
O4 PEG Z . -34.20 6.71 -8.95
C1 PEG AA . 4.31 -4.83 -14.05
O1 PEG AA . 4.08 -3.49 -14.49
C2 PEG AA . 4.03 -5.77 -15.20
O2 PEG AA . 5.27 -6.33 -15.64
C3 PEG AA . 5.19 -6.90 -16.95
C4 PEG AA . 6.59 -7.24 -17.42
O4 PEG AA . 6.93 -6.40 -18.53
C1 PEG BA . -40.40 -4.05 -14.62
O1 PEG BA . -40.83 -3.41 -15.84
C2 PEG BA . -40.41 -3.03 -13.48
O2 PEG BA . -39.53 -1.92 -13.76
C3 PEG BA . -39.61 -0.94 -12.72
C4 PEG BA . -38.29 -0.17 -12.61
O4 PEG BA . -38.21 0.88 -13.58
O1 PG4 CA . -5.96 -10.43 -18.21
C1 PG4 CA . -5.14 -11.61 -18.37
C2 PG4 CA . -4.87 -11.91 -19.84
O2 PG4 CA . -3.74 -11.14 -20.27
C3 PG4 CA . -3.38 -11.31 -21.64
C4 PG4 CA . -2.52 -10.13 -22.10
O3 PG4 CA . -3.33 -9.01 -22.47
C5 PG4 CA . -2.56 -7.81 -22.47
C6 PG4 CA . -3.33 -6.66 -23.12
O4 PG4 CA . -4.39 -6.24 -22.27
C7 PG4 CA . -3.98 -5.15 -21.45
C8 PG4 CA . -5.17 -4.49 -20.75
O5 PG4 CA . -5.67 -5.34 -19.71
#